data_5VN1
#
_entry.id   5VN1
#
_cell.length_a   50.212
_cell.length_b   180.808
_cell.length_c   86.841
_cell.angle_alpha   90.000
_cell.angle_beta   106.120
_cell.angle_gamma   90.000
#
_symmetry.space_group_name_H-M   'P 1 21 1'
#
loop_
_entity.id
_entity.type
_entity.pdbx_description
1 polymer 'Alcohol dehydrogenase E chain'
2 non-polymer 'ZINC ION'
3 non-polymer '1,4-DIHYDRONICOTINAMIDE ADENINE DINUCLEOTIDE'
4 non-polymer N-[(2S)-heptan-2-yl]formamide
5 non-polymer (4R)-2-METHYLPENTANE-2,4-DIOL
6 non-polymer (R)-N-(1-METHYL-HEXYL)-FORMAMIDE
7 water water
#
_entity_poly.entity_id   1
_entity_poly.type   'polypeptide(L)'
_entity_poly.pdbx_seq_one_letter_code
;STAGKVIKCKAAVLWEEKKPFSIEEVEVAPPKAHEVRIKMVATGICRSDDHVVSGTLVTPLPVIAGHEAAGIVESIGEGV
TTVRPGDKVIPLFTPQCGKCRVCKHPEGNFCLKNDLSMPRGTMQDGTSRFTCRGKPIHHFLGTSTFSQYTVVDEISVAKI
DAASPLEKVCLIGCGFSTGYGSAVKVAKVTQGSTCAVFGLGGVGLSVIMGCKAAGAARIIGVDINKDKFAKAKEVGATEC
VNPQDYKKPIQEVLTEMSNGGVDFSFEVIGRLDTMVTALSCCQEAYGVSVIVGVPPDSQNLSMNPMLLLSGRTWKGAIFG
GFKSKDSVPKLVADFMAKKFALDPLITHVLPFEKINEGFDLLRSGESIRTILTF
;
_entity_poly.pdbx_strand_id   A,B,C,D
#
# COMPACT_ATOMS: atom_id res chain seq x y z
N SER A 1 -15.56 5.03 56.71
CA SER A 1 -16.56 6.12 56.77
C SER A 1 -16.99 6.71 55.44
N THR A 2 -16.11 6.71 54.44
CA THR A 2 -16.49 7.12 53.06
C THR A 2 -17.11 5.96 52.21
N ALA A 3 -17.16 4.74 52.74
CA ALA A 3 -17.65 3.61 51.95
C ALA A 3 -19.05 3.85 51.45
N GLY A 4 -19.29 3.56 50.18
CA GLY A 4 -20.62 3.73 49.64
C GLY A 4 -21.00 5.14 49.31
N LYS A 5 -20.09 6.09 49.51
CA LYS A 5 -20.35 7.51 49.30
C LYS A 5 -19.50 8.12 48.23
N VAL A 6 -19.97 9.12 47.54
CA VAL A 6 -19.14 9.92 46.68
C VAL A 6 -18.13 10.59 47.55
N ILE A 7 -16.88 10.58 47.11
CA ILE A 7 -15.81 11.34 47.75
C ILE A 7 -15.52 12.60 46.97
N LYS A 8 -15.44 13.73 47.70
CA LYS A 8 -14.95 14.95 47.10
C LYS A 8 -13.49 15.08 47.49
N CYS A 9 -12.62 15.24 46.50
CA CYS A 9 -11.21 15.31 46.77
C CYS A 9 -10.54 16.10 45.71
N LYS A 10 -9.23 16.31 45.87
CA LYS A 10 -8.44 17.02 44.86
C LYS A 10 -7.87 16.04 43.83
N ALA A 11 -7.81 16.50 42.60
CA ALA A 11 -7.13 15.81 41.53
C ALA A 11 -6.50 16.81 40.59
N ALA A 12 -5.51 16.34 39.81
CA ALA A 12 -4.89 17.09 38.81
C ALA A 12 -5.53 16.81 37.48
N VAL A 13 -6.36 17.73 36.98
CA VAL A 13 -7.13 17.49 35.81
C VAL A 13 -6.39 18.15 34.63
N LEU A 14 -6.32 17.41 33.53
CA LEU A 14 -5.77 17.95 32.28
C LEU A 14 -6.95 18.22 31.35
N TRP A 15 -7.28 19.50 31.18
CA TRP A 15 -8.41 19.89 30.38
C TRP A 15 -8.10 19.95 28.91
N GLU A 16 -6.88 20.38 28.56
CA GLU A 16 -6.42 20.57 27.19
C GLU A 16 -4.97 20.15 27.04
N GLU A 17 -4.58 19.78 25.82
CA GLU A 17 -3.17 19.57 25.53
C GLU A 17 -2.33 20.85 25.77
N LYS A 18 -1.07 20.67 26.15
CA LYS A 18 -0.05 21.71 26.19
C LYS A 18 -0.40 22.82 27.17
N LYS A 19 -1.09 22.42 28.24
CA LYS A 19 -1.44 23.29 29.36
C LYS A 19 -1.05 22.66 30.68
N PRO A 20 -0.88 23.48 31.73
CA PRO A 20 -0.60 22.92 33.04
C PRO A 20 -1.79 22.08 33.55
N PHE A 21 -1.48 21.12 34.43
CA PHE A 21 -2.53 20.45 35.17
C PHE A 21 -3.22 21.47 36.06
N SER A 22 -4.53 21.29 36.20
CA SER A 22 -5.34 22.09 37.12
C SER A 22 -5.68 21.29 38.36
N ILE A 23 -5.20 21.71 39.55
CA ILE A 23 -5.51 21.02 40.80
C ILE A 23 -6.84 21.55 41.27
N GLU A 24 -7.86 20.71 41.21
CA GLU A 24 -9.16 21.14 41.63
C GLU A 24 -10.02 20.06 42.16
N GLU A 25 -11.17 20.42 42.71
CA GLU A 25 -12.05 19.50 43.33
C GLU A 25 -12.73 18.61 42.29
N VAL A 26 -12.67 17.31 42.54
CA VAL A 26 -13.40 16.31 41.73
C VAL A 26 -14.29 15.47 42.63
N GLU A 27 -15.29 14.86 42.04
CA GLU A 27 -16.11 13.89 42.74
C GLU A 27 -15.77 12.48 42.25
N VAL A 28 -15.50 11.57 43.16
CA VAL A 28 -15.14 10.17 42.86
C VAL A 28 -16.24 9.23 43.33
N ALA A 29 -16.90 8.61 42.37
CA ALA A 29 -18.02 7.73 42.69
C ALA A 29 -17.53 6.51 43.47
N PRO A 30 -18.41 5.88 44.26
CA PRO A 30 -18.05 4.63 44.86
C PRO A 30 -17.87 3.50 43.82
N PRO A 31 -17.10 2.47 44.18
CA PRO A 31 -16.87 1.37 43.26
C PRO A 31 -18.13 0.54 43.04
N LYS A 32 -18.33 0.19 41.79
CA LYS A 32 -19.37 -0.72 41.35
C LYS A 32 -18.81 -2.16 41.46
N ALA A 33 -19.59 -3.13 40.97
CA ALA A 33 -19.16 -4.53 41.09
C ALA A 33 -17.77 -4.69 40.45
N HIS A 34 -16.94 -5.45 41.11
CA HIS A 34 -15.61 -5.78 40.57
C HIS A 34 -14.72 -4.59 40.36
N GLU A 35 -14.93 -3.54 41.16
CA GLU A 35 -14.10 -2.34 41.14
C GLU A 35 -13.58 -2.06 42.54
N VAL A 36 -12.50 -1.29 42.61
CA VAL A 36 -11.79 -1.01 43.82
C VAL A 36 -11.45 0.48 43.90
N ARG A 37 -11.81 1.14 45.01
CA ARG A 37 -11.49 2.54 45.22
C ARG A 37 -10.24 2.63 46.11
N ILE A 38 -9.27 3.42 45.68
CA ILE A 38 -7.95 3.44 46.29
C ILE A 38 -7.66 4.85 46.72
N LYS A 39 -7.16 4.97 47.96
CA LYS A 39 -6.58 6.23 48.47
C LYS A 39 -5.11 6.26 48.05
N MET A 40 -4.75 7.22 47.21
CA MET A 40 -3.36 7.31 46.75
C MET A 40 -2.40 7.72 47.83
N VAL A 41 -1.22 7.10 47.84
CA VAL A 41 -0.14 7.44 48.78
C VAL A 41 1.02 8.10 48.03
N ALA A 42 1.42 7.57 46.87
CA ALA A 42 2.53 8.09 46.14
C ALA A 42 2.31 7.82 44.65
N THR A 43 2.74 8.75 43.82
CA THR A 43 2.72 8.56 42.38
C THR A 43 3.94 9.16 41.74
N GLY A 44 4.54 8.44 40.78
CA GLY A 44 5.65 8.98 40.05
C GLY A 44 5.22 9.75 38.80
N ILE A 45 6.11 10.60 38.30
CA ILE A 45 5.91 11.31 37.04
C ILE A 45 6.76 10.59 35.96
N CYS A 46 6.08 9.89 35.05
CA CYS A 46 6.69 9.12 33.99
C CYS A 46 6.62 9.96 32.71
N ARG A 47 7.60 9.81 31.81
CA ARG A 47 7.54 10.55 30.56
C ARG A 47 6.24 10.28 29.80
N SER A 48 5.67 9.08 29.93
CA SER A 48 4.38 8.87 29.27
C SER A 48 3.28 9.82 29.71
N ASP A 49 3.26 10.23 30.98
CA ASP A 49 2.27 11.22 31.37
C ASP A 49 2.54 12.57 30.69
N ASP A 50 3.79 12.92 30.53
CA ASP A 50 4.17 14.14 29.80
C ASP A 50 3.73 14.07 28.32
N HIS A 51 3.80 12.85 27.76
CA HIS A 51 3.37 12.61 26.39
C HIS A 51 1.94 12.91 26.19
N VAL A 52 1.12 12.64 27.21
CA VAL A 52 -0.29 12.94 27.14
C VAL A 52 -0.46 14.48 27.07
N VAL A 53 0.27 15.21 27.89
CA VAL A 53 0.22 16.67 27.86
C VAL A 53 0.64 17.17 26.47
N SER A 54 1.75 16.64 25.92
CA SER A 54 2.29 17.14 24.66
C SER A 54 1.44 16.77 23.43
N GLY A 55 0.57 15.77 23.57
CA GLY A 55 -0.06 15.13 22.43
C GLY A 55 0.74 14.06 21.69
N THR A 56 1.92 13.67 22.18
CA THR A 56 2.64 12.48 21.63
C THR A 56 1.82 11.24 21.76
N LEU A 57 1.17 11.12 22.91
CA LEU A 57 0.36 9.96 23.22
C LEU A 57 -1.07 10.43 23.32
N VAL A 58 -1.91 9.88 22.50
CA VAL A 58 -3.28 10.34 22.39
C VAL A 58 -4.15 9.51 23.31
N THR A 59 -4.92 10.19 24.14
CA THR A 59 -5.94 9.62 24.98
C THR A 59 -7.04 10.65 25.11
N PRO A 60 -8.28 10.22 25.31
CA PRO A 60 -9.35 11.23 25.40
C PRO A 60 -9.16 12.22 26.57
N LEU A 61 -9.44 13.51 26.28
CA LEU A 61 -9.39 14.63 27.27
C LEU A 61 -10.83 15.10 27.48
N PRO A 62 -11.17 15.74 28.62
CA PRO A 62 -10.29 15.97 29.75
C PRO A 62 -10.00 14.65 30.46
N VAL A 63 -8.89 14.61 31.18
CA VAL A 63 -8.44 13.35 31.77
C VAL A 63 -7.77 13.62 33.12
N ILE A 64 -7.85 12.59 33.97
CA ILE A 64 -6.98 12.46 35.15
C ILE A 64 -5.90 11.45 34.74
N ALA A 65 -4.68 11.98 34.50
CA ALA A 65 -3.54 11.14 34.08
C ALA A 65 -2.90 10.52 35.34
N GLY A 66 -1.69 9.96 35.20
CA GLY A 66 -1.02 9.25 36.24
C GLY A 66 -1.25 7.78 36.12
N HIS A 67 -0.19 7.01 36.16
CA HIS A 67 -0.32 5.56 36.07
C HIS A 67 0.72 4.78 36.86
N GLU A 68 1.64 5.44 37.51
CA GLU A 68 2.79 4.79 38.23
C GLU A 68 2.57 5.17 39.71
N ALA A 69 1.97 4.32 40.51
CA ALA A 69 1.51 4.73 41.80
C ALA A 69 1.36 3.55 42.76
N ALA A 70 1.16 3.91 44.00
CA ALA A 70 0.78 2.93 45.06
C ALA A 70 -0.13 3.64 46.04
N GLY A 71 -0.98 2.84 46.63
CA GLY A 71 -1.95 3.37 47.59
C GLY A 71 -2.53 2.29 48.48
N ILE A 72 -3.61 2.64 49.14
CA ILE A 72 -4.29 1.79 50.10
C ILE A 72 -5.76 1.69 49.73
N VAL A 73 -6.32 0.51 49.70
CA VAL A 73 -7.69 0.31 49.33
C VAL A 73 -8.65 0.94 50.36
N GLU A 74 -9.48 1.86 49.88
CA GLU A 74 -10.51 2.51 50.72
C GLU A 74 -11.76 1.63 50.78
N SER A 75 -12.21 1.09 49.65
CA SER A 75 -13.42 0.27 49.61
C SER A 75 -13.41 -0.61 48.36
N ILE A 76 -14.25 -1.64 48.41
CA ILE A 76 -14.35 -2.60 47.33
C ILE A 76 -15.80 -2.72 46.89
N GLY A 77 -16.02 -2.92 45.60
CA GLY A 77 -17.33 -3.19 45.08
C GLY A 77 -17.69 -4.65 45.31
N GLU A 78 -18.97 -4.94 45.04
CA GLU A 78 -19.49 -6.31 45.14
C GLU A 78 -18.66 -7.29 44.27
N GLY A 79 -18.33 -8.44 44.82
CA GLY A 79 -17.66 -9.48 44.06
C GLY A 79 -16.14 -9.45 44.06
N VAL A 80 -15.53 -8.39 44.56
CA VAL A 80 -14.08 -8.31 44.59
C VAL A 80 -13.54 -9.35 45.58
N THR A 81 -12.59 -10.15 45.09
CA THR A 81 -12.00 -11.22 45.90
C THR A 81 -10.49 -11.07 46.18
N THR A 82 -9.81 -10.22 45.43
CA THR A 82 -8.34 -10.26 45.41
C THR A 82 -7.71 -9.16 46.23
N VAL A 83 -8.52 -8.20 46.71
CA VAL A 83 -8.02 -7.16 47.63
C VAL A 83 -9.13 -6.86 48.63
N ARG A 84 -8.75 -6.24 49.74
CA ARG A 84 -9.67 -5.84 50.80
C ARG A 84 -9.34 -4.46 51.27
N PRO A 85 -10.33 -3.76 51.87
CA PRO A 85 -10.04 -2.49 52.48
C PRO A 85 -8.85 -2.54 53.42
N GLY A 86 -7.96 -1.57 53.27
CA GLY A 86 -6.73 -1.46 54.08
C GLY A 86 -5.52 -2.08 53.40
N ASP A 87 -5.72 -2.89 52.35
CA ASP A 87 -4.59 -3.49 51.64
C ASP A 87 -3.79 -2.44 50.88
N LYS A 88 -2.47 -2.63 50.88
CA LYS A 88 -1.60 -1.82 49.99
C LYS A 88 -1.66 -2.42 48.59
N VAL A 89 -1.70 -1.51 47.59
CA VAL A 89 -1.90 -1.95 46.22
C VAL A 89 -1.15 -1.07 45.24
N ILE A 90 -0.86 -1.65 44.09
CA ILE A 90 -0.34 -0.91 42.94
C ILE A 90 -1.35 -1.10 41.78
N PRO A 91 -1.86 0.03 41.24
CA PRO A 91 -2.70 -0.06 40.03
C PRO A 91 -1.86 -0.50 38.83
N LEU A 92 -2.48 -1.23 37.92
CA LEU A 92 -1.85 -1.89 36.80
C LEU A 92 -2.33 -1.24 35.52
N PHE A 93 -1.45 -0.48 34.86
CA PHE A 93 -1.83 0.15 33.60
C PHE A 93 -2.03 -0.82 32.47
N THR A 94 -1.43 -2.01 32.57
CA THR A 94 -1.71 -3.13 31.70
C THR A 94 -2.47 -4.11 32.60
N PRO A 95 -3.74 -4.40 32.28
CA PRO A 95 -4.45 -5.32 33.16
C PRO A 95 -3.98 -6.77 33.00
N GLN A 96 -4.50 -7.62 33.87
CA GLN A 96 -4.36 -9.05 33.68
C GLN A 96 -5.68 -9.73 34.00
N CYS A 97 -6.51 -9.89 32.96
CA CYS A 97 -7.84 -10.44 33.15
C CYS A 97 -7.81 -11.92 33.48
N GLY A 98 -6.74 -12.59 33.09
CA GLY A 98 -6.56 -14.00 33.34
C GLY A 98 -7.29 -14.95 32.42
N LYS A 99 -8.09 -14.43 31.56
CA LYS A 99 -9.06 -15.22 30.77
C LYS A 99 -8.87 -15.18 29.25
N CYS A 100 -8.24 -14.10 28.73
CA CYS A 100 -8.16 -13.88 27.29
C CYS A 100 -6.95 -14.73 26.75
N ARG A 101 -6.87 -14.81 25.40
CA ARG A 101 -5.85 -15.67 24.76
C ARG A 101 -4.45 -15.19 25.13
N VAL A 102 -4.30 -13.87 25.33
CA VAL A 102 -2.98 -13.33 25.68
C VAL A 102 -2.62 -13.72 27.11
N CYS A 103 -3.57 -13.50 28.05
CA CYS A 103 -3.32 -13.87 29.44
C CYS A 103 -2.99 -15.35 29.63
N LYS A 104 -3.58 -16.18 28.80
CA LYS A 104 -3.33 -17.65 28.83
C LYS A 104 -2.02 -18.06 28.14
N HIS A 105 -1.43 -17.18 27.32
CA HIS A 105 -0.22 -17.51 26.58
C HIS A 105 0.99 -17.40 27.51
N PRO A 106 1.96 -18.30 27.41
CA PRO A 106 3.07 -18.21 28.36
C PRO A 106 3.94 -16.97 28.26
N GLU A 107 3.97 -16.34 27.09
CA GLU A 107 4.84 -15.19 26.82
C GLU A 107 4.07 -13.90 26.68
N GLY A 108 2.79 -13.91 26.58
CA GLY A 108 2.14 -12.63 26.32
C GLY A 108 1.75 -11.92 27.61
N ASN A 109 1.73 -10.57 27.55
CA ASN A 109 1.24 -9.77 28.69
C ASN A 109 0.32 -8.65 28.33
N PHE A 110 0.09 -8.42 27.04
CA PHE A 110 -0.75 -7.28 26.61
C PHE A 110 -2.19 -7.73 26.54
N CYS A 111 -2.76 -7.88 27.72
CA CYS A 111 -4.13 -8.36 27.89
C CYS A 111 -5.09 -7.64 27.00
N LEU A 112 -6.01 -8.39 26.42
CA LEU A 112 -6.99 -7.79 25.49
C LEU A 112 -7.95 -6.79 26.12
N LYS A 113 -8.02 -6.72 27.46
CA LYS A 113 -8.81 -5.71 28.16
C LYS A 113 -8.12 -4.37 28.31
N ASN A 114 -6.92 -4.24 27.78
CA ASN A 114 -6.15 -2.97 27.91
C ASN A 114 -6.91 -1.82 27.28
N ASP A 115 -6.60 -0.64 27.78
CA ASP A 115 -7.10 0.62 27.21
C ASP A 115 -6.03 1.41 26.49
N LEU A 116 -5.01 0.72 26.02
CA LEU A 116 -3.86 1.33 25.33
C LEU A 116 -4.04 1.38 23.82
N SER A 117 -4.51 0.30 23.21
CA SER A 117 -4.57 0.15 21.75
C SER A 117 -5.54 1.09 21.12
N MET A 118 -6.71 1.20 21.73
CA MET A 118 -7.79 2.10 21.21
C MET A 118 -8.45 2.76 22.40
N PRO A 119 -7.82 3.85 22.88
CA PRO A 119 -8.20 4.26 24.22
C PRO A 119 -9.56 4.86 24.23
N ARG A 120 -10.29 4.46 25.27
CA ARG A 120 -11.63 4.99 25.54
C ARG A 120 -11.55 5.92 26.78
N GLY A 121 -10.62 5.72 27.71
CA GLY A 121 -10.53 6.58 28.86
C GLY A 121 -11.71 6.39 29.82
N THR A 122 -12.09 5.12 29.99
CA THR A 122 -13.17 4.73 30.84
C THR A 122 -12.75 3.59 31.75
N MET A 123 -13.66 3.25 32.66
CA MET A 123 -13.67 1.93 33.29
C MET A 123 -13.98 0.86 32.27
N GLN A 124 -13.86 -0.41 32.70
CA GLN A 124 -14.17 -1.50 31.80
C GLN A 124 -15.60 -1.41 31.29
N ASP A 125 -16.53 -0.90 32.11
CA ASP A 125 -17.95 -0.84 31.72
C ASP A 125 -18.29 0.32 30.78
N GLY A 126 -17.27 1.11 30.36
CA GLY A 126 -17.48 2.19 29.42
C GLY A 126 -17.96 3.47 30.02
N THR A 127 -17.92 3.62 31.36
CA THR A 127 -18.32 4.83 32.05
C THR A 127 -17.17 5.34 32.89
N SER A 128 -17.31 6.53 33.42
CA SER A 128 -16.31 7.17 34.27
C SER A 128 -16.78 7.28 35.70
N ARG A 129 -15.85 7.22 36.65
CA ARG A 129 -16.13 7.45 38.06
C ARG A 129 -15.80 8.84 38.51
N PHE A 130 -15.35 9.71 37.63
CA PHE A 130 -14.90 11.05 37.94
C PHE A 130 -15.82 12.10 37.35
N THR A 131 -16.13 13.09 38.20
CA THR A 131 -16.86 14.31 37.74
C THR A 131 -16.11 15.52 38.22
N CYS A 132 -16.05 16.56 37.40
CA CYS A 132 -15.36 17.80 37.76
C CYS A 132 -16.09 18.92 37.04
N ARG A 133 -16.46 19.98 37.78
CA ARG A 133 -17.22 21.10 37.19
C ARG A 133 -18.52 20.63 36.56
N GLY A 134 -19.07 19.57 37.14
CA GLY A 134 -20.27 18.95 36.63
C GLY A 134 -20.11 18.09 35.38
N LYS A 135 -18.88 17.93 34.87
CA LYS A 135 -18.61 17.21 33.60
C LYS A 135 -17.95 15.83 33.93
N PRO A 136 -18.26 14.76 33.18
CA PRO A 136 -17.45 13.55 33.30
C PRO A 136 -16.00 13.77 32.83
N ILE A 137 -15.07 13.15 33.55
CA ILE A 137 -13.66 13.25 33.24
C ILE A 137 -13.14 11.85 32.89
N HIS A 138 -12.29 11.76 31.86
CA HIS A 138 -11.78 10.44 31.48
C HIS A 138 -10.78 9.90 32.46
N HIS A 139 -10.77 8.57 32.52
CA HIS A 139 -9.67 7.81 33.15
C HIS A 139 -8.50 7.69 32.18
N PHE A 140 -7.36 7.22 32.68
CA PHE A 140 -6.14 7.05 31.88
C PHE A 140 -5.63 5.65 32.13
N LEU A 141 -5.62 4.83 31.09
CA LEU A 141 -5.08 3.46 31.22
C LEU A 141 -5.72 2.64 32.32
N GLY A 142 -6.97 2.92 32.66
CA GLY A 142 -7.60 2.22 33.75
C GLY A 142 -6.95 2.45 35.11
N THR A 143 -6.20 3.54 35.28
CA THR A 143 -5.47 3.81 36.52
C THR A 143 -5.87 5.21 37.07
N SER A 144 -5.42 6.29 36.47
CA SER A 144 -5.72 7.64 36.91
C SER A 144 -5.27 7.95 38.32
N THR A 145 -3.98 8.11 38.49
CA THR A 145 -3.36 8.17 39.80
C THR A 145 -3.02 9.56 40.26
N PHE A 146 -3.27 10.59 39.42
CA PHE A 146 -3.08 11.97 39.80
C PHE A 146 -4.35 12.52 40.50
N SER A 147 -4.70 11.85 41.58
CA SER A 147 -5.90 12.16 42.32
C SER A 147 -5.76 11.58 43.69
N GLN A 148 -6.35 12.23 44.67
CA GLN A 148 -6.27 11.71 46.03
C GLN A 148 -6.93 10.32 46.16
N TYR A 149 -7.98 10.10 45.37
CA TYR A 149 -8.65 8.82 45.28
C TYR A 149 -8.95 8.46 43.84
N THR A 150 -8.84 7.20 43.50
CA THR A 150 -9.20 6.70 42.19
C THR A 150 -9.99 5.43 42.31
N VAL A 151 -10.61 5.02 41.21
CA VAL A 151 -11.36 3.79 41.17
C VAL A 151 -10.81 2.99 39.96
N VAL A 152 -10.49 1.70 40.18
CA VAL A 152 -9.97 0.86 39.17
C VAL A 152 -10.72 -0.45 39.12
N ASP A 153 -10.67 -1.09 37.96
CA ASP A 153 -11.20 -2.44 37.88
C ASP A 153 -10.29 -3.39 38.61
N GLU A 154 -10.89 -4.47 39.12
CA GLU A 154 -10.14 -5.43 39.84
C GLU A 154 -8.98 -6.05 39.02
N ILE A 155 -9.19 -6.23 37.72
CA ILE A 155 -8.11 -6.79 36.85
C ILE A 155 -6.93 -5.80 36.66
N SER A 156 -7.10 -4.58 37.15
CA SER A 156 -6.11 -3.50 37.04
C SER A 156 -5.53 -3.12 38.43
N VAL A 157 -5.54 -4.07 39.38
CA VAL A 157 -4.90 -3.80 40.67
C VAL A 157 -4.26 -5.04 41.25
N ALA A 158 -3.10 -4.86 41.86
CA ALA A 158 -2.43 -5.95 42.55
C ALA A 158 -2.21 -5.60 44.02
N LYS A 159 -2.54 -6.57 44.87
CA LYS A 159 -2.23 -6.53 46.30
C LYS A 159 -0.74 -6.74 46.49
N ILE A 160 -0.11 -5.87 47.32
CA ILE A 160 1.32 -6.00 47.63
C ILE A 160 1.53 -6.16 49.13
N ASP A 161 2.78 -6.46 49.49
CA ASP A 161 3.16 -6.68 50.88
C ASP A 161 2.69 -5.54 51.80
N ALA A 162 2.08 -5.88 52.91
CA ALA A 162 1.59 -4.93 53.88
C ALA A 162 2.65 -4.02 54.47
N ALA A 163 3.90 -4.46 54.44
CA ALA A 163 5.01 -3.67 54.95
C ALA A 163 5.75 -2.84 53.88
N SER A 164 5.21 -2.75 52.63
CA SER A 164 5.89 -2.12 51.52
C SER A 164 5.99 -0.62 51.73
N PRO A 165 7.14 0.01 51.38
CA PRO A 165 7.28 1.46 51.37
C PRO A 165 6.72 2.05 50.08
N LEU A 166 5.53 2.59 50.20
CA LEU A 166 4.73 2.98 49.03
C LEU A 166 5.37 4.12 48.25
N GLU A 167 6.15 4.95 48.91
CA GLU A 167 6.81 6.08 48.30
C GLU A 167 8.02 5.64 47.41
N LYS A 168 8.40 4.38 47.45
CA LYS A 168 9.41 3.78 46.58
C LYS A 168 8.77 2.83 45.57
N VAL A 169 7.90 1.96 46.06
CA VAL A 169 7.46 0.86 45.22
C VAL A 169 6.43 1.29 44.18
N CYS A 170 5.97 2.51 44.24
CA CYS A 170 5.16 3.03 43.14
C CYS A 170 5.88 2.86 41.79
N LEU A 171 7.22 2.94 41.76
CA LEU A 171 7.98 2.76 40.51
C LEU A 171 7.85 1.38 39.90
N ILE A 172 7.50 0.39 40.72
CA ILE A 172 7.19 -0.95 40.22
C ILE A 172 5.92 -0.92 39.34
N GLY A 173 5.10 0.10 39.52
CA GLY A 173 3.93 0.30 38.70
C GLY A 173 4.21 0.74 37.29
N CYS A 174 5.42 1.21 37.01
CA CYS A 174 5.74 1.47 35.60
C CYS A 174 7.21 1.39 35.32
N GLY A 175 7.96 2.44 35.66
CA GLY A 175 9.23 2.63 34.98
C GLY A 175 10.23 1.53 35.34
N PHE A 176 10.29 1.18 36.61
CA PHE A 176 11.31 0.16 37.00
C PHE A 176 10.98 -1.17 36.29
N SER A 177 9.75 -1.62 36.43
CA SER A 177 9.40 -2.94 35.92
C SER A 177 9.55 -3.00 34.42
N THR A 178 9.16 -1.90 33.74
CA THR A 178 9.27 -1.82 32.29
C THR A 178 10.73 -1.99 31.86
N GLY A 179 11.65 -1.18 32.44
CA GLY A 179 13.02 -1.29 31.96
C GLY A 179 13.65 -2.62 32.35
N TYR A 180 13.47 -3.02 33.61
CA TYR A 180 14.06 -4.26 34.09
C TYR A 180 13.63 -5.46 33.28
N GLY A 181 12.33 -5.55 33.07
CA GLY A 181 11.79 -6.66 32.32
C GLY A 181 12.16 -6.63 30.85
N SER A 182 12.29 -5.42 30.26
CA SER A 182 12.74 -5.35 28.87
C SER A 182 14.11 -6.06 28.71
N ALA A 183 14.97 -5.94 29.73
CA ALA A 183 16.24 -6.66 29.69
C ALA A 183 16.13 -8.11 30.01
N VAL A 184 15.50 -8.43 31.16
CA VAL A 184 15.54 -9.81 31.71
C VAL A 184 14.53 -10.77 31.13
N LYS A 185 13.44 -10.25 30.63
CA LYS A 185 12.34 -11.05 30.11
C LYS A 185 12.20 -10.92 28.61
N VAL A 186 12.24 -9.71 28.07
CA VAL A 186 11.95 -9.56 26.65
C VAL A 186 13.21 -9.84 25.82
N ALA A 187 14.30 -9.09 26.05
CA ALA A 187 15.56 -9.38 25.37
C ALA A 187 16.19 -10.70 25.84
N LYS A 188 16.01 -11.03 27.12
CA LYS A 188 16.73 -12.18 27.71
C LYS A 188 18.25 -11.99 27.54
N VAL A 189 18.74 -10.91 28.10
CA VAL A 189 20.15 -10.60 28.03
C VAL A 189 20.93 -11.77 28.66
N THR A 190 22.07 -12.10 28.06
CA THR A 190 22.88 -13.25 28.47
C THR A 190 24.15 -12.79 29.22
N GLN A 191 24.66 -13.69 30.05
CA GLN A 191 25.91 -13.48 30.72
C GLN A 191 27.06 -13.21 29.74
N GLY A 192 27.82 -12.15 30.00
CA GLY A 192 28.97 -11.84 29.19
C GLY A 192 28.69 -11.06 27.95
N SER A 193 27.45 -10.68 27.75
CA SER A 193 27.10 -9.97 26.54
C SER A 193 27.43 -8.47 26.59
N THR A 194 27.30 -7.83 25.45
CA THR A 194 27.42 -6.37 25.31
C THR A 194 26.06 -5.80 24.97
N CYS A 195 25.62 -4.83 25.77
CA CYS A 195 24.37 -4.15 25.62
C CYS A 195 24.56 -2.66 25.32
N ALA A 196 23.63 -2.08 24.56
CA ALA A 196 23.57 -0.62 24.36
C ALA A 196 22.18 -0.16 24.75
N VAL A 197 22.12 0.87 25.58
CA VAL A 197 20.87 1.40 26.10
C VAL A 197 20.75 2.85 25.66
N PHE A 198 19.76 3.13 24.81
CA PHE A 198 19.51 4.45 24.29
C PHE A 198 18.47 5.15 25.15
N GLY A 199 18.87 6.17 25.91
CA GLY A 199 18.01 6.88 26.84
C GLY A 199 18.30 6.47 28.23
N LEU A 200 18.73 7.42 29.07
CA LEU A 200 19.16 7.16 30.43
C LEU A 200 18.27 7.89 31.45
N GLY A 201 16.97 7.90 31.17
CA GLY A 201 15.97 8.28 32.17
C GLY A 201 15.63 7.12 33.09
N GLY A 202 14.54 7.24 33.84
CA GLY A 202 14.20 6.23 34.76
C GLY A 202 14.02 4.87 34.15
N VAL A 203 13.43 4.80 32.95
CA VAL A 203 13.22 3.50 32.32
C VAL A 203 14.59 2.96 31.83
N GLY A 204 15.40 3.78 31.21
CA GLY A 204 16.68 3.31 30.71
C GLY A 204 17.62 2.86 31.83
N LEU A 205 17.58 3.59 32.96
CA LEU A 205 18.36 3.16 34.12
C LEU A 205 17.92 1.80 34.61
N SER A 206 16.60 1.55 34.52
CA SER A 206 16.08 0.26 34.92
C SER A 206 16.46 -0.84 33.92
N VAL A 207 16.54 -0.52 32.63
CA VAL A 207 17.13 -1.46 31.68
C VAL A 207 18.59 -1.79 32.07
N ILE A 208 19.38 -0.79 32.40
CA ILE A 208 20.74 -1.06 32.84
C ILE A 208 20.75 -2.03 34.02
N MET A 209 19.90 -1.76 35.00
CA MET A 209 19.86 -2.65 36.16
C MET A 209 19.55 -4.07 35.75
N GLY A 210 18.68 -4.24 34.76
CA GLY A 210 18.35 -5.56 34.30
C GLY A 210 19.50 -6.20 33.55
N CYS A 211 20.18 -5.43 32.70
CA CYS A 211 21.36 -5.97 32.04
C CYS A 211 22.46 -6.42 33.01
N LYS A 212 22.65 -5.61 34.06
CA LYS A 212 23.63 -5.96 35.09
C LYS A 212 23.20 -7.23 35.86
N ALA A 213 21.93 -7.35 36.18
CA ALA A 213 21.42 -8.56 36.85
C ALA A 213 21.61 -9.81 36.03
N ALA A 214 21.53 -9.65 34.71
CA ALA A 214 21.69 -10.73 33.75
C ALA A 214 23.16 -11.05 33.50
N GLY A 215 24.08 -10.26 34.06
CA GLY A 215 25.51 -10.56 33.95
C GLY A 215 26.13 -10.04 32.68
N ALA A 216 25.59 -9.00 32.06
CA ALA A 216 26.24 -8.42 30.89
C ALA A 216 27.69 -8.01 31.23
N ALA A 217 28.62 -8.18 30.30
CA ALA A 217 30.01 -7.76 30.50
C ALA A 217 30.16 -6.27 30.25
N ARG A 218 29.44 -5.73 29.27
CA ARG A 218 29.59 -4.35 28.89
C ARG A 218 28.18 -3.79 28.70
N ILE A 219 27.95 -2.59 29.21
CA ILE A 219 26.67 -1.88 29.11
C ILE A 219 26.95 -0.45 28.71
N ILE A 220 26.64 -0.09 27.47
CA ILE A 220 26.96 1.21 26.91
C ILE A 220 25.73 2.07 26.97
N GLY A 221 25.76 3.10 27.79
CA GLY A 221 24.65 4.06 27.86
C GLY A 221 24.80 5.09 26.78
N VAL A 222 23.69 5.48 26.16
CA VAL A 222 23.67 6.49 25.12
C VAL A 222 22.64 7.58 25.44
N ASP A 223 23.09 8.83 25.53
CA ASP A 223 22.18 9.93 25.80
C ASP A 223 22.81 11.19 25.25
N ILE A 224 21.97 12.09 24.75
CA ILE A 224 22.44 13.42 24.34
C ILE A 224 22.64 14.39 25.51
N ASN A 225 22.19 14.02 26.72
CA ASN A 225 22.36 14.82 27.91
C ASN A 225 23.43 14.15 28.80
N LYS A 226 24.65 14.70 28.74
CA LYS A 226 25.76 14.08 29.49
C LYS A 226 25.60 14.14 31.00
N ASP A 227 24.65 14.95 31.46
CA ASP A 227 24.35 14.97 32.91
C ASP A 227 23.75 13.68 33.40
N LYS A 228 23.26 12.87 32.47
CA LYS A 228 22.69 11.56 32.82
C LYS A 228 23.71 10.48 33.06
N PHE A 229 24.98 10.73 32.73
CA PHE A 229 25.92 9.64 32.65
C PHE A 229 26.38 9.13 34.02
N ALA A 230 26.57 10.05 34.98
CA ALA A 230 27.08 9.67 36.28
C ALA A 230 26.17 8.64 36.94
N LYS A 231 24.87 8.86 36.88
CA LYS A 231 23.92 7.93 37.51
C LYS A 231 23.85 6.62 36.73
N ALA A 232 23.95 6.68 35.40
CA ALA A 232 23.94 5.49 34.57
C ALA A 232 25.12 4.57 34.94
N LYS A 233 26.28 5.15 35.13
CA LYS A 233 27.47 4.37 35.62
C LYS A 233 27.28 3.82 37.03
N GLU A 234 26.69 4.63 37.94
CA GLU A 234 26.39 4.10 39.31
C GLU A 234 25.53 2.85 39.28
N VAL A 235 24.58 2.75 38.32
CA VAL A 235 23.68 1.61 38.32
C VAL A 235 24.14 0.47 37.41
N GLY A 236 25.27 0.64 36.73
CA GLY A 236 25.84 -0.49 36.01
C GLY A 236 26.44 -0.19 34.64
N ALA A 237 26.27 1.00 34.06
CA ALA A 237 26.85 1.26 32.73
C ALA A 237 28.36 1.20 32.85
N THR A 238 29.02 0.56 31.90
CA THR A 238 30.46 0.48 31.86
C THR A 238 31.08 1.65 31.08
N GLU A 239 30.33 2.20 30.14
CA GLU A 239 30.68 3.34 29.30
C GLU A 239 29.44 4.12 29.01
N CYS A 240 29.59 5.40 28.73
CA CYS A 240 28.50 6.21 28.21
C CYS A 240 29.00 7.01 27.04
N VAL A 241 28.11 7.22 26.05
CA VAL A 241 28.41 7.95 24.86
C VAL A 241 27.35 8.97 24.53
N ASN A 242 27.81 10.17 24.15
CA ASN A 242 26.94 11.20 23.69
C ASN A 242 27.04 11.31 22.19
N PRO A 243 25.97 11.01 21.44
CA PRO A 243 26.05 11.11 19.97
C PRO A 243 26.57 12.47 19.45
N GLN A 244 26.32 13.52 20.19
CA GLN A 244 26.75 14.89 19.79
C GLN A 244 28.27 15.10 19.81
N ASP A 245 28.99 14.18 20.46
CA ASP A 245 30.44 14.24 20.51
C ASP A 245 31.14 13.65 19.28
N TYR A 246 30.41 12.97 18.42
CA TYR A 246 30.99 12.17 17.33
C TYR A 246 30.63 12.73 15.97
N LYS A 247 31.58 12.72 15.03
CA LYS A 247 31.23 13.04 13.61
C LYS A 247 30.41 11.91 12.90
N LYS A 248 30.74 10.64 13.17
CA LYS A 248 30.00 9.51 12.61
C LYS A 248 28.61 9.35 13.30
N PRO A 249 27.60 8.78 12.59
CA PRO A 249 26.34 8.40 13.27
C PRO A 249 26.63 7.43 14.41
N ILE A 250 25.82 7.47 15.46
CA ILE A 250 26.13 6.67 16.63
C ILE A 250 26.08 5.16 16.38
N GLN A 251 25.28 4.69 15.40
CA GLN A 251 25.23 3.25 15.10
C GLN A 251 26.61 2.76 14.64
N GLU A 252 27.32 3.58 13.88
CA GLU A 252 28.67 3.26 13.43
C GLU A 252 29.66 3.25 14.59
N VAL A 253 29.55 4.24 15.46
CA VAL A 253 30.40 4.35 16.62
C VAL A 253 30.22 3.11 17.52
N LEU A 254 28.95 2.73 17.78
CA LEU A 254 28.66 1.58 18.60
C LEU A 254 29.08 0.24 17.98
N THR A 255 28.92 0.12 16.66
CA THR A 255 29.34 -1.09 15.94
C THR A 255 30.88 -1.24 16.08
N GLU A 256 31.60 -0.10 15.95
CA GLU A 256 33.05 -0.15 16.13
C GLU A 256 33.48 -0.49 17.55
N MET A 257 32.86 0.17 18.55
CA MET A 257 33.22 -0.03 19.96
C MET A 257 32.98 -1.48 20.37
N SER A 258 31.98 -2.13 19.74
CA SER A 258 31.59 -3.49 20.07
C SER A 258 32.19 -4.54 19.12
N ASN A 259 33.17 -4.14 18.31
CA ASN A 259 33.88 -5.06 17.44
C ASN A 259 32.91 -5.81 16.54
N GLY A 260 31.98 -5.03 16.01
CA GLY A 260 31.08 -5.51 15.00
C GLY A 260 29.59 -5.48 15.30
N GLY A 261 29.17 -4.80 16.38
CA GLY A 261 27.77 -4.73 16.80
C GLY A 261 27.54 -5.31 18.18
N VAL A 262 26.53 -4.78 18.84
CA VAL A 262 26.19 -5.23 20.21
C VAL A 262 25.30 -6.49 20.20
N ASP A 263 25.28 -7.24 21.29
CA ASP A 263 24.37 -8.39 21.43
C ASP A 263 22.93 -7.94 21.58
N PHE A 264 22.71 -6.91 22.39
CA PHE A 264 21.35 -6.46 22.73
C PHE A 264 21.35 -4.95 22.68
N SER A 265 20.37 -4.32 22.02
CA SER A 265 20.19 -2.89 22.12
C SER A 265 18.73 -2.59 22.55
N PHE A 266 18.57 -1.41 23.13
CA PHE A 266 17.30 -1.00 23.69
C PHE A 266 17.03 0.44 23.33
N GLU A 267 15.86 0.72 22.75
CA GLU A 267 15.45 2.11 22.50
C GLU A 267 14.55 2.51 23.62
N VAL A 268 14.98 3.48 24.44
CA VAL A 268 14.26 3.84 25.64
C VAL A 268 14.07 5.36 25.69
N ILE A 269 13.68 5.93 24.54
CA ILE A 269 13.49 7.34 24.33
C ILE A 269 12.09 7.63 23.81
N GLY A 270 11.78 7.09 22.65
CA GLY A 270 10.52 7.37 21.94
C GLY A 270 10.72 8.18 20.69
N ARG A 271 11.77 7.92 19.95
CA ARG A 271 11.95 8.59 18.66
C ARG A 271 12.09 7.57 17.54
N LEU A 272 11.48 7.86 16.41
CA LEU A 272 11.57 6.94 15.28
C LEU A 272 13.01 6.73 14.85
N ASP A 273 13.77 7.83 14.78
CA ASP A 273 15.14 7.69 14.30
C ASP A 273 16.03 6.84 15.19
N THR A 274 15.90 6.99 16.50
CA THR A 274 16.68 6.19 17.42
C THR A 274 16.19 4.71 17.39
N MET A 275 14.94 4.44 17.05
CA MET A 275 14.54 3.03 16.92
C MET A 275 15.31 2.35 15.82
N VAL A 276 15.47 3.05 14.71
CA VAL A 276 16.21 2.46 13.60
C VAL A 276 17.72 2.39 13.88
N THR A 277 18.25 3.44 14.52
CA THR A 277 19.66 3.45 14.97
C THR A 277 19.95 2.30 15.92
N ALA A 278 19.09 2.10 16.92
CA ALA A 278 19.29 1.04 17.85
C ALA A 278 19.27 -0.33 17.18
N LEU A 279 18.36 -0.52 16.24
CA LEU A 279 18.33 -1.80 15.51
C LEU A 279 19.67 -2.01 14.76
N SER A 280 20.10 -0.95 14.08
CA SER A 280 21.29 -1.04 13.25
C SER A 280 22.53 -1.39 14.07
N CYS A 281 22.63 -0.88 15.30
CA CYS A 281 23.84 -1.10 16.08
C CYS A 281 23.98 -2.48 16.68
N CYS A 282 22.93 -3.28 16.67
CA CYS A 282 23.10 -4.63 17.10
CA CYS A 282 22.99 -4.70 16.99
C CYS A 282 23.69 -5.49 15.94
N GLN A 283 24.39 -6.56 16.38
CA GLN A 283 25.18 -7.36 15.43
C GLN A 283 24.24 -7.91 14.36
N GLU A 284 24.65 -7.81 13.09
CA GLU A 284 23.71 -8.08 11.97
C GLU A 284 23.21 -9.50 11.89
N ALA A 285 23.95 -10.46 12.39
CA ALA A 285 23.60 -11.87 12.27
C ALA A 285 22.83 -12.42 13.47
N TYR A 286 23.05 -11.90 14.67
CA TYR A 286 22.46 -12.52 15.88
C TYR A 286 21.99 -11.46 16.92
N GLY A 287 22.11 -10.16 16.61
CA GLY A 287 21.69 -9.15 17.51
C GLY A 287 20.21 -9.06 17.75
N VAL A 288 19.83 -8.53 18.90
CA VAL A 288 18.46 -8.30 19.28
C VAL A 288 18.27 -6.88 19.70
N SER A 289 17.27 -6.21 19.22
CA SER A 289 16.92 -4.85 19.58
C SER A 289 15.51 -4.77 20.07
N VAL A 290 15.31 -4.14 21.23
CA VAL A 290 14.00 -4.00 21.87
C VAL A 290 13.60 -2.54 21.91
N ILE A 291 12.42 -2.28 21.37
CA ILE A 291 11.79 -0.99 21.46
C ILE A 291 10.98 -0.89 22.75
N VAL A 292 11.34 0.13 23.55
CA VAL A 292 10.64 0.44 24.76
C VAL A 292 9.99 1.80 24.73
N GLY A 293 10.65 2.78 24.14
CA GLY A 293 10.07 4.10 24.06
C GLY A 293 8.83 4.20 23.20
N VAL A 294 7.96 5.18 23.54
CA VAL A 294 6.68 5.40 22.82
C VAL A 294 6.92 6.65 21.89
N PRO A 295 6.77 6.47 20.60
CA PRO A 295 6.97 7.53 19.66
C PRO A 295 5.66 8.21 19.34
N PRO A 296 5.78 9.37 18.65
CA PRO A 296 4.65 10.20 18.40
C PRO A 296 3.53 9.48 17.66
N ASP A 297 2.30 9.78 18.09
CA ASP A 297 1.11 9.13 17.60
C ASP A 297 1.01 9.14 16.08
N SER A 298 0.68 7.97 15.56
CA SER A 298 0.32 7.77 14.18
C SER A 298 1.47 7.89 13.19
N GLN A 299 2.70 8.07 13.64
CA GLN A 299 3.82 8.23 12.72
C GLN A 299 4.51 6.93 12.40
N ASN A 300 4.87 6.73 11.13
CA ASN A 300 5.61 5.57 10.71
C ASN A 300 7.09 5.87 10.62
N LEU A 301 7.87 4.81 10.90
CA LEU A 301 9.29 4.82 10.60
C LEU A 301 9.54 4.20 9.19
N SER A 302 10.72 4.54 8.69
CA SER A 302 11.23 4.02 7.45
C SER A 302 12.51 3.21 7.75
N MET A 303 12.60 1.97 7.23
CA MET A 303 13.78 1.16 7.43
C MET A 303 13.96 0.18 6.28
N ASN A 304 15.19 -0.27 6.15
CA ASN A 304 15.55 -1.22 5.12
C ASN A 304 15.46 -2.64 5.71
N PRO A 305 14.63 -3.52 5.15
CA PRO A 305 14.47 -4.85 5.74
C PRO A 305 15.69 -5.72 5.59
N MET A 306 16.68 -5.33 4.80
CA MET A 306 17.96 -6.01 4.87
C MET A 306 18.57 -6.07 6.27
N LEU A 307 18.20 -5.09 7.12
CA LEU A 307 18.70 -5.13 8.48
C LEU A 307 18.20 -6.38 9.23
N LEU A 308 17.00 -6.85 8.90
CA LEU A 308 16.45 -8.05 9.48
C LEU A 308 16.88 -9.34 8.77
N LEU A 309 16.97 -9.32 7.43
CA LEU A 309 17.25 -10.49 6.62
C LEU A 309 18.60 -11.12 7.03
N SER A 310 19.57 -10.31 7.48
CA SER A 310 20.87 -10.85 7.89
C SER A 310 20.82 -11.69 9.15
N GLY A 311 19.75 -11.48 9.96
CA GLY A 311 19.56 -12.26 11.16
C GLY A 311 19.14 -11.53 12.40
N ARG A 312 19.06 -10.19 12.37
CA ARG A 312 18.61 -9.44 13.55
C ARG A 312 17.18 -9.79 13.92
N THR A 313 16.92 -9.64 15.25
CA THR A 313 15.59 -9.73 15.80
C THR A 313 15.20 -8.38 16.39
N TRP A 314 14.00 -7.92 16.06
CA TRP A 314 13.44 -6.66 16.52
C TRP A 314 12.17 -6.92 17.24
N LYS A 315 12.05 -6.41 18.45
CA LYS A 315 10.79 -6.60 19.16
C LYS A 315 10.51 -5.44 20.03
N GLY A 316 9.30 -5.35 20.51
CA GLY A 316 8.95 -4.35 21.48
C GLY A 316 8.16 -4.99 22.63
N ALA A 317 7.86 -4.22 23.62
CA ALA A 317 7.03 -4.69 24.74
C ALA A 317 6.46 -3.59 25.55
N ILE A 318 5.31 -3.86 26.16
CA ILE A 318 4.73 -3.02 27.18
C ILE A 318 5.05 -3.57 28.57
N PHE A 319 5.40 -2.71 29.49
CA PHE A 319 5.56 -3.15 30.91
C PHE A 319 6.59 -4.26 31.04
N GLY A 320 7.63 -4.22 30.22
CA GLY A 320 8.76 -5.14 30.42
C GLY A 320 8.39 -6.58 30.11
N GLY A 321 7.25 -6.81 29.43
CA GLY A 321 6.79 -8.15 29.23
C GLY A 321 6.20 -8.87 30.41
N PHE A 322 6.08 -8.19 31.54
CA PHE A 322 5.55 -8.85 32.74
C PHE A 322 4.04 -9.00 32.68
N LYS A 323 3.52 -10.20 32.97
CA LYS A 323 2.08 -10.36 33.29
C LYS A 323 1.84 -9.62 34.61
N SER A 324 1.00 -8.57 34.54
CA SER A 324 1.11 -7.52 35.52
C SER A 324 0.70 -7.94 36.93
N LYS A 325 -0.48 -8.57 37.06
CA LYS A 325 -0.97 -8.90 38.41
C LYS A 325 -0.20 -10.00 39.05
N ASP A 326 0.30 -10.93 38.23
CA ASP A 326 1.18 -11.99 38.81
C ASP A 326 2.52 -11.37 39.23
N SER A 327 3.07 -10.45 38.43
CA SER A 327 4.43 -10.04 38.59
C SER A 327 4.67 -8.96 39.61
N VAL A 328 3.74 -8.00 39.70
CA VAL A 328 3.96 -6.86 40.60
C VAL A 328 4.18 -7.24 42.08
N PRO A 329 3.37 -8.15 42.62
CA PRO A 329 3.62 -8.50 44.05
C PRO A 329 5.02 -9.15 44.24
N LYS A 330 5.42 -9.97 43.29
CA LYS A 330 6.74 -10.65 43.35
C LYS A 330 7.84 -9.63 43.25
N LEU A 331 7.70 -8.65 42.35
CA LEU A 331 8.69 -7.58 42.27
C LEU A 331 8.79 -6.79 43.55
N VAL A 332 7.67 -6.51 44.19
CA VAL A 332 7.70 -5.83 45.48
C VAL A 332 8.45 -6.71 46.50
N ALA A 333 8.12 -7.99 46.57
CA ALA A 333 8.84 -8.91 47.51
C ALA A 333 10.32 -8.90 47.23
N ASP A 334 10.71 -8.93 45.96
CA ASP A 334 12.12 -8.84 45.60
C ASP A 334 12.78 -7.53 46.03
N PHE A 335 12.08 -6.41 45.89
CA PHE A 335 12.55 -5.15 46.38
C PHE A 335 12.74 -5.18 47.90
N MET A 336 11.82 -5.79 48.62
CA MET A 336 11.93 -5.86 50.09
C MET A 336 13.09 -6.72 50.56
N ALA A 337 13.49 -7.66 49.73
CA ALA A 337 14.69 -8.50 49.94
C ALA A 337 15.93 -7.86 49.34
N LYS A 338 15.83 -6.64 48.82
CA LYS A 338 16.93 -5.86 48.29
C LYS A 338 17.62 -6.53 47.08
N LYS A 339 16.81 -7.20 46.22
CA LYS A 339 17.32 -7.72 44.96
C LYS A 339 17.60 -6.69 43.87
N PHE A 340 17.03 -5.50 43.95
CA PHE A 340 17.30 -4.40 43.07
C PHE A 340 17.03 -3.18 43.89
N ALA A 341 17.41 -2.05 43.34
CA ALA A 341 17.35 -0.77 44.01
C ALA A 341 16.41 0.17 43.28
N LEU A 342 15.65 0.96 44.03
CA LEU A 342 14.79 2.04 43.50
C LEU A 342 15.28 3.43 43.84
N ASP A 343 15.98 3.60 44.98
CA ASP A 343 16.46 4.92 45.32
C ASP A 343 17.27 5.64 44.25
N PRO A 344 18.09 4.88 43.47
CA PRO A 344 18.83 5.58 42.43
C PRO A 344 17.92 6.27 41.38
N LEU A 345 16.67 5.81 41.25
CA LEU A 345 15.76 6.41 40.31
C LEU A 345 15.08 7.67 40.82
N ILE A 346 15.05 7.86 42.15
CA ILE A 346 14.26 8.93 42.79
C ILE A 346 15.19 10.07 43.04
N THR A 347 15.03 11.14 42.28
CA THR A 347 15.88 12.30 42.40
C THR A 347 15.21 13.45 43.13
N HIS A 348 13.88 13.43 43.20
CA HIS A 348 13.10 14.51 43.74
C HIS A 348 11.84 13.96 44.37
N VAL A 349 11.41 14.58 45.46
CA VAL A 349 10.15 14.28 46.13
C VAL A 349 9.41 15.58 46.32
N LEU A 350 8.15 15.58 45.98
CA LEU A 350 7.29 16.79 46.12
C LEU A 350 5.91 16.42 46.60
N PRO A 351 5.22 17.35 47.29
CA PRO A 351 3.83 17.13 47.57
C PRO A 351 3.05 17.14 46.24
N PHE A 352 1.96 16.37 46.22
CA PHE A 352 1.07 16.30 45.07
C PHE A 352 0.68 17.66 44.49
N GLU A 353 0.44 18.63 45.37
CA GLU A 353 0.02 19.95 44.92
C GLU A 353 1.07 20.67 44.02
N LYS A 354 2.33 20.21 44.07
CA LYS A 354 3.39 20.75 43.25
C LYS A 354 3.64 19.91 41.97
N ILE A 355 2.60 19.19 41.53
CA ILE A 355 2.69 18.40 40.32
C ILE A 355 3.27 19.16 39.13
N ASN A 356 2.86 20.41 38.89
CA ASN A 356 3.39 21.09 37.75
C ASN A 356 4.89 21.39 37.84
N GLU A 357 5.41 21.69 39.03
CA GLU A 357 6.85 21.76 39.23
C GLU A 357 7.54 20.43 38.95
N GLY A 358 6.90 19.31 39.33
CA GLY A 358 7.44 18.02 38.97
C GLY A 358 7.57 17.78 37.46
N PHE A 359 6.58 18.21 36.70
CA PHE A 359 6.66 18.10 35.27
C PHE A 359 7.71 19.03 34.68
N ASP A 360 7.85 20.21 35.28
CA ASP A 360 8.94 21.11 34.87
C ASP A 360 10.31 20.49 35.09
N LEU A 361 10.51 19.81 36.22
CA LEU A 361 11.80 19.15 36.50
C LEU A 361 12.10 18.06 35.43
N LEU A 362 11.08 17.34 35.00
CA LEU A 362 11.27 16.34 33.99
C LEU A 362 11.64 16.99 32.65
N ARG A 363 10.84 17.99 32.27
CA ARG A 363 11.05 18.61 30.97
C ARG A 363 12.38 19.32 30.83
N SER A 364 12.91 19.83 31.93
CA SER A 364 14.18 20.58 31.86
C SER A 364 15.39 19.65 31.81
N GLY A 365 15.17 18.32 32.02
CA GLY A 365 16.27 17.41 32.06
C GLY A 365 16.84 17.11 33.43
N GLU A 366 16.41 17.85 34.46
CA GLU A 366 17.01 17.77 35.79
C GLU A 366 16.69 16.49 36.60
N SER A 367 15.52 15.91 36.41
CA SER A 367 15.10 14.77 37.21
C SER A 367 15.16 13.46 36.47
N ILE A 368 15.19 12.40 37.26
CA ILE A 368 14.85 11.08 36.77
C ILE A 368 13.41 10.84 37.15
N ARG A 369 13.12 10.34 38.35
CA ARG A 369 11.76 10.29 38.83
C ARG A 369 11.57 11.27 39.96
N THR A 370 10.53 12.09 39.84
CA THR A 370 9.94 12.83 40.95
C THR A 370 8.75 11.97 41.48
N ILE A 371 8.74 11.74 42.79
CA ILE A 371 7.65 11.04 43.47
C ILE A 371 6.79 12.11 44.17
N LEU A 372 5.51 12.11 43.86
CA LEU A 372 4.51 12.99 44.46
C LEU A 372 3.80 12.28 45.60
N THR A 373 3.75 12.93 46.77
CA THR A 373 3.17 12.37 47.98
C THR A 373 1.86 13.07 48.28
N PHE A 374 0.86 12.30 48.68
CA PHE A 374 -0.47 12.85 48.94
C PHE A 374 -0.78 13.27 50.36
N SER B 1 42.97 -36.06 -14.47
CA SER B 1 43.88 -35.62 -15.57
C SER B 1 43.86 -34.12 -15.78
N THR B 2 42.75 -33.49 -15.41
CA THR B 2 42.59 -32.06 -15.58
C THR B 2 43.15 -31.29 -14.41
N ALA B 3 43.59 -31.97 -13.35
CA ALA B 3 44.12 -31.23 -12.23
C ALA B 3 45.27 -30.29 -12.56
N GLY B 4 45.27 -29.08 -12.00
CA GLY B 4 46.32 -28.12 -12.26
C GLY B 4 46.30 -27.54 -13.64
N LYS B 5 45.25 -27.81 -14.43
CA LYS B 5 45.12 -27.30 -15.78
C LYS B 5 43.87 -26.45 -15.90
N VAL B 6 43.90 -25.52 -16.84
CA VAL B 6 42.71 -24.81 -17.27
C VAL B 6 41.70 -25.77 -17.91
N ILE B 7 40.43 -25.59 -17.57
CA ILE B 7 39.37 -26.36 -18.20
C ILE B 7 38.61 -25.39 -19.07
N LYS B 8 38.41 -25.81 -20.32
CA LYS B 8 37.46 -25.11 -21.20
C LYS B 8 36.12 -25.79 -21.13
N CYS B 9 35.08 -25.02 -20.82
CA CYS B 9 33.76 -25.61 -20.72
C CYS B 9 32.69 -24.59 -21.05
N LYS B 10 31.43 -25.01 -20.99
CA LYS B 10 30.28 -24.12 -21.19
C LYS B 10 29.79 -23.58 -19.87
N ALA B 11 29.40 -22.31 -19.90
CA ALA B 11 28.73 -21.66 -18.75
C ALA B 11 27.68 -20.72 -19.26
N ALA B 12 26.70 -20.40 -18.41
CA ALA B 12 25.65 -19.47 -18.74
C ALA B 12 26.08 -18.13 -18.14
N VAL B 13 26.41 -17.17 -18.99
CA VAL B 13 26.85 -15.87 -18.60
C VAL B 13 25.71 -14.84 -18.73
N LEU B 14 25.58 -13.99 -17.73
CA LEU B 14 24.65 -12.87 -17.76
C LEU B 14 25.49 -11.66 -17.98
N TRP B 15 25.37 -11.08 -19.19
CA TRP B 15 26.18 -9.93 -19.57
C TRP B 15 25.54 -8.61 -19.22
N GLU B 16 24.21 -8.61 -19.13
CA GLU B 16 23.43 -7.39 -19.04
C GLU B 16 22.16 -7.68 -18.28
N GLU B 17 21.74 -6.74 -17.42
CA GLU B 17 20.44 -6.91 -16.79
C GLU B 17 19.28 -7.06 -17.81
N LYS B 18 18.29 -7.86 -17.46
CA LYS B 18 17.04 -7.97 -18.22
C LYS B 18 17.20 -8.65 -19.55
N LYS B 19 18.27 -9.43 -19.67
CA LYS B 19 18.55 -10.21 -20.86
C LYS B 19 18.57 -11.70 -20.59
N PRO B 20 18.33 -12.51 -21.64
CA PRO B 20 18.57 -13.94 -21.44
C PRO B 20 20.02 -14.27 -21.05
N PHE B 21 20.19 -15.43 -20.45
CA PHE B 21 21.52 -15.96 -20.22
C PHE B 21 22.12 -16.38 -21.58
N SER B 22 23.42 -16.23 -21.71
CA SER B 22 24.13 -16.57 -22.92
C SER B 22 25.05 -17.75 -22.63
N ILE B 23 24.83 -18.89 -23.30
CA ILE B 23 25.73 -20.05 -23.14
C ILE B 23 27.05 -19.75 -23.90
N GLU B 24 28.17 -19.73 -23.20
CA GLU B 24 29.48 -19.27 -23.71
C GLU B 24 30.50 -20.31 -23.38
N GLU B 25 31.53 -20.36 -24.20
CA GLU B 25 32.74 -21.03 -23.89
C GLU B 25 33.53 -20.19 -22.93
N VAL B 26 33.83 -20.79 -21.81
CA VAL B 26 34.60 -20.10 -20.78
C VAL B 26 35.85 -20.94 -20.44
N GLU B 27 36.83 -20.26 -19.89
CA GLU B 27 37.98 -20.94 -19.26
C GLU B 27 37.88 -20.85 -17.74
N VAL B 28 38.06 -21.99 -17.08
CA VAL B 28 37.96 -22.10 -15.63
C VAL B 28 39.40 -22.45 -15.17
N ALA B 29 40.00 -21.49 -14.45
CA ALA B 29 41.32 -21.66 -13.89
C ALA B 29 41.36 -22.80 -12.86
N PRO B 30 42.55 -23.42 -12.70
CA PRO B 30 42.68 -24.38 -11.61
C PRO B 30 42.59 -23.71 -10.22
N PRO B 31 42.19 -24.51 -9.22
CA PRO B 31 42.04 -23.89 -7.88
C PRO B 31 43.38 -23.52 -7.27
N LYS B 32 43.40 -22.37 -6.63
CA LYS B 32 44.55 -21.89 -5.88
C LYS B 32 44.44 -22.44 -4.44
N ALA B 33 45.35 -22.00 -3.56
CA ALA B 33 45.32 -22.46 -2.18
C ALA B 33 43.93 -22.32 -1.59
N HIS B 34 43.49 -23.37 -0.90
CA HIS B 34 42.21 -23.37 -0.18
C HIS B 34 41.00 -23.15 -1.07
N GLU B 35 41.10 -23.61 -2.33
CA GLU B 35 40.01 -23.57 -3.30
C GLU B 35 39.75 -24.96 -3.81
N VAL B 36 38.54 -25.17 -4.34
CA VAL B 36 38.04 -26.47 -4.80
C VAL B 36 37.33 -26.29 -6.11
N ARG B 37 37.74 -27.05 -7.12
CA ARG B 37 37.09 -27.03 -8.43
C ARG B 37 36.12 -28.19 -8.53
N ILE B 38 34.87 -27.88 -8.91
CA ILE B 38 33.76 -28.81 -8.85
C ILE B 38 33.19 -29.02 -10.26
N LYS B 39 32.94 -30.27 -10.62
CA LYS B 39 32.20 -30.62 -11.82
C LYS B 39 30.69 -30.64 -11.42
N MET B 40 29.87 -29.80 -12.04
CA MET B 40 28.49 -29.70 -11.69
C MET B 40 27.71 -30.96 -12.13
N VAL B 41 26.77 -31.38 -11.32
CA VAL B 41 25.89 -32.46 -11.65
C VAL B 41 24.43 -31.97 -11.79
N ALA B 42 23.97 -31.09 -10.90
CA ALA B 42 22.62 -30.56 -10.93
C ALA B 42 22.60 -29.21 -10.28
N THR B 43 21.77 -28.32 -10.80
CA THR B 43 21.59 -26.99 -10.20
C THR B 43 20.16 -26.58 -10.36
N GLY B 44 19.56 -26.05 -9.29
CA GLY B 44 18.20 -25.55 -9.32
C GLY B 44 18.14 -24.13 -9.77
N ILE B 45 16.98 -23.75 -10.26
CA ILE B 45 16.73 -22.38 -10.58
C ILE B 45 15.91 -21.76 -9.44
N CYS B 46 16.53 -20.80 -8.72
CA CYS B 46 15.95 -20.15 -7.57
C CYS B 46 15.53 -18.75 -7.99
N ARG B 47 14.44 -18.24 -7.38
CA ARG B 47 14.08 -16.85 -7.69
C ARG B 47 15.18 -15.87 -7.47
N SER B 48 16.10 -16.14 -6.54
CA SER B 48 17.21 -15.21 -6.34
C SER B 48 18.13 -15.08 -7.56
N ASP B 49 18.29 -16.12 -8.36
CA ASP B 49 19.01 -16.03 -9.62
C ASP B 49 18.30 -15.12 -10.58
N ASP B 50 16.97 -15.22 -10.63
CA ASP B 50 16.14 -14.29 -11.40
C ASP B 50 16.24 -12.85 -10.95
N HIS B 51 16.41 -12.65 -9.64
CA HIS B 51 16.60 -11.31 -9.14
C HIS B 51 17.84 -10.61 -9.66
N VAL B 52 18.89 -11.36 -9.97
CA VAL B 52 20.06 -10.80 -10.62
C VAL B 52 19.69 -10.27 -12.01
N VAL B 53 18.90 -11.04 -12.77
CA VAL B 53 18.46 -10.61 -14.12
C VAL B 53 17.58 -9.39 -14.02
N SER B 54 16.67 -9.38 -13.05
CA SER B 54 15.64 -8.31 -13.00
C SER B 54 16.19 -7.02 -12.41
N GLY B 55 17.39 -7.07 -11.78
CA GLY B 55 17.93 -5.84 -11.09
C GLY B 55 17.37 -5.71 -9.69
N THR B 56 16.57 -6.70 -9.24
CA THR B 56 16.12 -6.72 -7.82
C THR B 56 17.29 -6.84 -6.88
N LEU B 57 18.24 -7.71 -7.25
CA LEU B 57 19.47 -8.00 -6.52
C LEU B 57 20.60 -7.46 -7.36
N VAL B 58 21.39 -6.61 -6.77
CA VAL B 58 22.53 -6.04 -7.43
C VAL B 58 23.78 -6.89 -7.11
N THR B 59 24.49 -7.32 -8.15
CA THR B 59 25.79 -7.96 -8.02
C THR B 59 26.59 -7.54 -9.28
N PRO B 60 27.92 -7.51 -9.21
CA PRO B 60 28.67 -7.12 -10.40
C PRO B 60 28.48 -8.01 -11.63
N LEU B 61 28.33 -7.36 -12.79
CA LEU B 61 28.16 -8.02 -14.10
C LEU B 61 29.41 -7.77 -14.96
N PRO B 62 29.72 -8.62 -15.94
CA PRO B 62 29.02 -9.88 -16.27
C PRO B 62 29.24 -10.91 -15.18
N VAL B 63 28.33 -11.88 -15.06
CA VAL B 63 28.35 -12.86 -13.98
C VAL B 63 27.95 -14.23 -14.45
N ILE B 64 28.48 -15.25 -13.77
CA ILE B 64 27.94 -16.58 -13.79
C ILE B 64 27.14 -16.75 -12.49
N ALA B 65 25.82 -16.76 -12.61
CA ALA B 65 24.93 -16.94 -11.49
C ALA B 65 24.77 -18.42 -11.17
N GLY B 66 23.77 -18.75 -10.37
CA GLY B 66 23.57 -20.13 -9.87
C GLY B 66 24.19 -20.29 -8.51
N HIS B 67 23.42 -20.83 -7.59
CA HIS B 67 23.90 -21.01 -6.24
C HIS B 67 23.32 -22.20 -5.53
N GLU B 68 22.38 -22.91 -6.14
CA GLU B 68 21.63 -24.04 -5.54
C GLU B 68 22.04 -25.24 -6.35
N ALA B 69 23.01 -26.05 -5.88
CA ALA B 69 23.63 -27.04 -6.74
C ALA B 69 24.28 -28.16 -5.97
N ALA B 70 24.65 -29.17 -6.76
CA ALA B 70 25.45 -30.29 -6.27
C ALA B 70 26.36 -30.76 -7.34
N GLY B 71 27.52 -31.23 -6.95
CA GLY B 71 28.44 -31.74 -7.93
C GLY B 71 29.48 -32.66 -7.31
N ILE B 72 30.54 -32.93 -8.06
CA ILE B 72 31.64 -33.82 -7.68
C ILE B 72 32.95 -33.06 -7.77
N VAL B 73 33.78 -33.15 -6.74
CA VAL B 73 35.04 -32.43 -6.72
C VAL B 73 35.97 -32.99 -7.85
N GLU B 74 36.40 -32.13 -8.72
CA GLU B 74 37.36 -32.46 -9.78
C GLU B 74 38.79 -32.38 -9.27
N SER B 75 39.11 -31.35 -8.48
CA SER B 75 40.44 -31.18 -7.96
C SER B 75 40.41 -30.21 -6.77
N ILE B 76 41.49 -30.22 -6.00
CA ILE B 76 41.64 -29.37 -4.82
C ILE B 76 42.95 -28.62 -4.87
N GLY B 77 42.93 -27.40 -4.41
CA GLY B 77 44.10 -26.59 -4.27
C GLY B 77 44.91 -26.95 -3.06
N GLU B 78 46.06 -26.29 -2.94
CA GLU B 78 46.98 -26.53 -1.84
C GLU B 78 46.28 -26.22 -0.52
N GLY B 79 46.44 -27.12 0.43
CA GLY B 79 45.99 -26.90 1.76
C GLY B 79 44.57 -27.27 2.06
N VAL B 80 43.82 -27.68 1.06
CA VAL B 80 42.44 -28.13 1.28
C VAL B 80 42.44 -29.44 2.08
N THR B 81 41.64 -29.44 3.14
CA THR B 81 41.55 -30.59 4.03
C THR B 81 40.13 -31.17 4.23
N THR B 82 39.08 -30.55 3.73
CA THR B 82 37.71 -30.97 4.06
C THR B 82 36.99 -31.74 2.95
N VAL B 83 37.59 -31.74 1.76
CA VAL B 83 37.07 -32.51 0.62
C VAL B 83 38.25 -33.06 -0.16
N ARG B 84 37.95 -34.10 -0.94
CA ARG B 84 38.96 -34.70 -1.82
C ARG B 84 38.35 -34.90 -3.21
N PRO B 85 39.20 -35.02 -4.24
CA PRO B 85 38.68 -35.38 -5.56
C PRO B 85 37.76 -36.61 -5.51
N GLY B 86 36.64 -36.49 -6.21
CA GLY B 86 35.67 -37.52 -6.27
C GLY B 86 34.55 -37.42 -5.26
N ASP B 87 34.71 -36.56 -4.26
CA ASP B 87 33.64 -36.35 -3.27
C ASP B 87 32.44 -35.67 -3.87
N LYS B 88 31.26 -36.11 -3.45
CA LYS B 88 30.06 -35.31 -3.69
C LYS B 88 30.00 -34.12 -2.76
N VAL B 89 29.61 -32.95 -3.31
CA VAL B 89 29.62 -31.72 -2.56
C VAL B 89 28.43 -30.85 -2.92
N ILE B 90 28.11 -29.97 -1.98
CA ILE B 90 27.15 -28.89 -2.21
C ILE B 90 27.86 -27.59 -1.95
N PRO B 91 27.92 -26.68 -2.94
CA PRO B 91 28.46 -25.34 -2.70
C PRO B 91 27.56 -24.54 -1.73
N LEU B 92 28.17 -23.68 -0.93
CA LEU B 92 27.49 -22.94 0.15
C LEU B 92 27.49 -21.46 -0.14
N PHE B 93 26.33 -20.93 -0.48
CA PHE B 93 26.25 -19.51 -0.79
C PHE B 93 26.49 -18.60 0.42
N THR B 94 26.25 -19.16 1.61
CA THR B 94 26.67 -18.49 2.83
C THR B 94 27.83 -19.38 3.38
N PRO B 95 29.04 -18.82 3.55
CA PRO B 95 30.19 -19.65 3.95
C PRO B 95 30.11 -19.99 5.41
N GLN B 96 31.02 -20.87 5.87
CA GLN B 96 31.22 -21.08 7.29
C GLN B 96 32.73 -21.18 7.55
N CYS B 97 33.30 -20.04 7.79
CA CYS B 97 34.74 -19.98 8.06
C CYS B 97 35.19 -20.68 9.32
N GLY B 98 34.34 -20.66 10.33
CA GLY B 98 34.65 -21.23 11.60
C GLY B 98 35.47 -20.41 12.59
N LYS B 99 35.87 -19.20 12.19
CA LYS B 99 36.78 -18.36 12.97
C LYS B 99 36.28 -16.99 13.31
N CYS B 100 35.24 -16.49 12.64
CA CYS B 100 34.70 -15.17 12.89
C CYS B 100 33.75 -15.19 14.08
N ARG B 101 33.39 -14.01 14.55
CA ARG B 101 32.50 -13.93 15.71
C ARG B 101 31.16 -14.56 15.50
N VAL B 102 30.66 -14.50 14.27
CA VAL B 102 29.38 -15.09 13.93
C VAL B 102 29.47 -16.62 13.92
N CYS B 103 30.48 -17.16 13.24
CA CYS B 103 30.69 -18.60 13.21
C CYS B 103 30.84 -19.17 14.60
N LYS B 104 31.45 -18.43 15.51
CA LYS B 104 31.60 -18.88 16.91
C LYS B 104 30.36 -18.72 17.83
N HIS B 105 29.37 -17.95 17.40
CA HIS B 105 28.17 -17.69 18.17
C HIS B 105 27.26 -18.90 17.98
N PRO B 106 26.55 -19.31 19.05
CA PRO B 106 25.66 -20.49 18.92
C PRO B 106 24.54 -20.35 17.89
N GLU B 107 24.04 -19.14 17.69
CA GLU B 107 22.84 -18.95 16.84
C GLU B 107 23.19 -18.45 15.44
N GLY B 108 24.22 -17.66 15.36
CA GLY B 108 24.54 -16.95 14.13
C GLY B 108 24.96 -17.82 12.99
N ASN B 109 24.56 -17.48 11.76
CA ASN B 109 25.04 -18.16 10.54
C ASN B 109 25.55 -17.29 9.47
N PHE B 110 25.42 -15.96 9.53
CA PHE B 110 25.78 -15.08 8.41
C PHE B 110 27.24 -14.74 8.58
N CYS B 111 28.07 -15.72 8.25
CA CYS B 111 29.50 -15.65 8.37
C CYS B 111 30.02 -14.34 7.75
N LEU B 112 31.00 -13.73 8.41
CA LEU B 112 31.57 -12.46 7.96
C LEU B 112 32.32 -12.49 6.65
N LYS B 113 32.63 -13.70 6.15
CA LYS B 113 33.26 -13.90 4.83
C LYS B 113 32.29 -13.92 3.67
N ASN B 114 30.97 -13.74 3.95
CA ASN B 114 29.97 -13.74 2.87
C ASN B 114 30.21 -12.68 1.81
N ASP B 115 29.67 -12.97 0.61
CA ASP B 115 29.68 -11.99 -0.49
C ASP B 115 28.31 -11.45 -0.77
N LEU B 116 27.47 -11.42 0.28
CA LEU B 116 26.08 -11.01 0.15
C LEU B 116 25.86 -9.57 0.51
N SER B 117 26.46 -9.14 1.61
CA SER B 117 26.27 -7.80 2.18
C SER B 117 26.81 -6.69 1.29
N MET B 118 28.00 -6.91 0.77
CA MET B 118 28.64 -5.93 -0.11
C MET B 118 29.26 -6.71 -1.28
N PRO B 119 28.41 -7.11 -2.26
CA PRO B 119 28.93 -8.08 -3.26
C PRO B 119 30.09 -7.55 -4.10
N ARG B 120 31.13 -8.36 -4.17
CA ARG B 120 32.31 -8.11 -5.02
C ARG B 120 32.29 -9.01 -6.25
N GLY B 121 31.64 -10.17 -6.13
CA GLY B 121 31.63 -11.08 -7.27
C GLY B 121 32.98 -11.69 -7.59
N THR B 122 33.73 -12.07 -6.55
CA THR B 122 35.01 -12.68 -6.69
C THR B 122 35.17 -13.87 -5.77
N MET B 123 36.29 -14.53 -5.91
CA MET B 123 36.82 -15.45 -4.88
C MET B 123 37.24 -14.67 -3.63
N GLN B 124 37.53 -15.40 -2.54
CA GLN B 124 37.96 -14.66 -1.35
C GLN B 124 39.17 -13.77 -1.56
N ASP B 125 40.04 -14.17 -2.47
CA ASP B 125 41.26 -13.39 -2.76
C ASP B 125 41.03 -12.15 -3.61
N GLY B 126 39.78 -11.88 -4.02
CA GLY B 126 39.47 -10.71 -4.81
C GLY B 126 39.67 -10.86 -6.30
N THR B 127 39.92 -12.08 -6.78
CA THR B 127 40.06 -12.36 -8.19
C THR B 127 39.01 -13.38 -8.69
N SER B 128 38.90 -13.49 -10.00
CA SER B 128 37.98 -14.43 -10.64
C SER B 128 38.75 -15.61 -11.26
N ARG B 129 38.11 -16.78 -11.26
CA ARG B 129 38.61 -17.99 -11.91
C ARG B 129 38.02 -18.17 -13.30
N PHE B 130 37.17 -17.25 -13.76
CA PHE B 130 36.47 -17.44 -15.03
C PHE B 130 36.88 -16.36 -16.05
N THR B 131 37.10 -16.79 -17.29
CA THR B 131 37.34 -15.85 -18.40
C THR B 131 36.46 -16.26 -19.57
N CYS B 132 36.00 -15.27 -20.33
CA CYS B 132 35.33 -15.52 -21.54
C CYS B 132 36.00 -14.61 -22.58
N ARG B 133 36.66 -15.18 -23.58
CA ARG B 133 37.40 -14.40 -24.61
C ARG B 133 38.37 -13.40 -23.97
N GLY B 134 39.06 -13.89 -22.97
CA GLY B 134 39.99 -13.05 -22.23
C GLY B 134 39.36 -12.06 -21.25
N LYS B 135 38.02 -11.99 -21.17
CA LYS B 135 37.34 -11.01 -20.25
C LYS B 135 37.06 -11.74 -18.92
N PRO B 136 37.52 -11.20 -17.79
CA PRO B 136 37.10 -11.83 -16.49
C PRO B 136 35.59 -11.78 -16.27
N ILE B 137 35.04 -12.86 -15.75
CA ILE B 137 33.59 -12.96 -15.49
C ILE B 137 33.44 -13.07 -13.98
N HIS B 138 32.54 -12.30 -13.40
CA HIS B 138 32.33 -12.38 -11.95
C HIS B 138 31.71 -13.70 -11.50
N HIS B 139 32.03 -14.05 -10.24
CA HIS B 139 31.39 -15.07 -9.48
C HIS B 139 30.12 -14.49 -8.80
N PHE B 140 29.27 -15.40 -8.30
CA PHE B 140 28.05 -15.04 -7.67
C PHE B 140 27.97 -15.77 -6.34
N LEU B 141 27.95 -15.03 -5.25
CA LEU B 141 27.81 -15.58 -3.89
C LEU B 141 28.88 -16.61 -3.56
N GLY B 142 30.04 -16.48 -4.20
CA GLY B 142 31.09 -17.49 -4.05
C GLY B 142 30.75 -18.89 -4.50
N THR B 143 29.77 -19.03 -5.39
CA THR B 143 29.31 -20.31 -5.90
C THR B 143 29.34 -20.45 -7.40
N SER B 144 28.57 -19.67 -8.10
CA SER B 144 28.58 -19.73 -9.59
C SER B 144 28.36 -21.12 -10.15
N THR B 145 27.14 -21.62 -10.07
CA THR B 145 26.86 -22.99 -10.42
C THR B 145 26.22 -23.19 -11.79
N PHE B 146 25.96 -22.12 -12.52
CA PHE B 146 25.48 -22.23 -13.89
C PHE B 146 26.69 -22.38 -14.87
N SER B 147 27.47 -23.43 -14.66
CA SER B 147 28.65 -23.74 -15.42
C SER B 147 28.90 -25.21 -15.25
N GLN B 148 29.54 -25.80 -16.26
CA GLN B 148 29.90 -27.18 -16.15
C GLN B 148 30.94 -27.42 -15.05
N TYR B 149 31.81 -26.46 -14.81
CA TYR B 149 32.78 -26.50 -13.76
C TYR B 149 32.83 -25.17 -13.05
N THR B 150 33.00 -25.18 -11.73
CA THR B 150 33.19 -23.94 -10.99
C THR B 150 34.34 -24.10 -10.01
N VAL B 151 34.77 -23.00 -9.45
CA VAL B 151 35.79 -22.98 -8.37
C VAL B 151 35.20 -22.20 -7.19
N VAL B 152 35.32 -22.77 -6.00
CA VAL B 152 34.79 -22.13 -4.81
C VAL B 152 35.86 -22.18 -3.72
N ASP B 153 35.77 -21.29 -2.76
CA ASP B 153 36.61 -21.33 -1.59
C ASP B 153 36.19 -22.51 -0.70
N GLU B 154 37.16 -23.10 0.00
CA GLU B 154 36.90 -24.26 0.82
C GLU B 154 35.79 -23.96 1.86
N ILE B 155 35.76 -22.72 2.38
CA ILE B 155 34.73 -22.32 3.37
C ILE B 155 33.32 -22.30 2.78
N SER B 156 33.23 -22.44 1.44
CA SER B 156 31.99 -22.38 0.68
C SER B 156 31.66 -23.68 0.04
N VAL B 157 32.11 -24.79 0.64
CA VAL B 157 31.69 -26.10 0.13
C VAL B 157 31.58 -27.11 1.26
N ALA B 158 30.60 -27.99 1.17
CA ALA B 158 30.41 -29.08 2.12
C ALA B 158 30.43 -30.45 1.43
N LYS B 159 31.20 -31.37 1.98
CA LYS B 159 31.16 -32.77 1.61
C LYS B 159 29.86 -33.40 2.10
N ILE B 160 29.22 -34.14 1.21
CA ILE B 160 27.96 -34.85 1.52
C ILE B 160 28.08 -36.37 1.26
N ASP B 161 27.05 -37.10 1.66
CA ASP B 161 27.05 -38.57 1.58
C ASP B 161 27.35 -39.02 0.12
N ALA B 162 28.30 -39.95 0.01
CA ALA B 162 28.70 -40.56 -1.29
C ALA B 162 27.57 -41.17 -2.10
N ALA B 163 26.53 -41.61 -1.41
CA ALA B 163 25.37 -42.23 -2.04
C ALA B 163 24.22 -41.29 -2.33
N SER B 164 24.36 -39.99 -2.11
CA SER B 164 23.18 -39.11 -2.26
C SER B 164 22.84 -38.79 -3.73
N PRO B 165 21.52 -38.64 -4.05
CA PRO B 165 21.08 -38.33 -5.44
C PRO B 165 21.15 -36.83 -5.73
N LEU B 166 22.20 -36.47 -6.46
CA LEU B 166 22.54 -35.06 -6.62
C LEU B 166 21.44 -34.23 -7.30
N GLU B 167 20.65 -34.88 -8.15
CA GLU B 167 19.58 -34.22 -8.83
C GLU B 167 18.40 -33.82 -7.92
N LYS B 168 18.37 -34.33 -6.69
CA LYS B 168 17.41 -33.91 -5.66
C LYS B 168 18.07 -33.05 -4.56
N VAL B 169 19.22 -33.49 -4.07
CA VAL B 169 19.79 -32.81 -2.90
C VAL B 169 20.43 -31.45 -3.20
N CYS B 170 20.57 -31.09 -4.48
CA CYS B 170 20.91 -29.74 -4.79
C CYS B 170 20.00 -28.73 -4.08
N LEU B 171 18.74 -29.06 -3.89
CA LEU B 171 17.82 -28.12 -3.22
C LEU B 171 18.18 -27.80 -1.82
N ILE B 172 18.93 -28.70 -1.16
CA ILE B 172 19.43 -28.42 0.18
C ILE B 172 20.45 -27.25 0.15
N GLY B 173 21.07 -26.99 -1.00
CA GLY B 173 21.93 -25.83 -1.14
C GLY B 173 21.24 -24.48 -1.05
N CYS B 174 19.93 -24.45 -1.19
CA CYS B 174 19.25 -23.19 -1.00
C CYS B 174 17.80 -23.32 -0.59
N GLY B 175 16.90 -23.58 -1.55
CA GLY B 175 15.52 -23.36 -1.24
C GLY B 175 14.94 -24.16 -0.14
N PHE B 176 15.21 -25.47 -0.15
CA PHE B 176 14.63 -26.32 0.87
C PHE B 176 15.12 -25.86 2.27
N SER B 177 16.43 -25.77 2.45
CA SER B 177 17.02 -25.50 3.73
C SER B 177 16.57 -24.12 4.25
N THR B 178 16.52 -23.16 3.34
CA THR B 178 16.08 -21.84 3.70
C THR B 178 14.64 -21.90 4.29
N GLY B 179 13.72 -22.49 3.58
CA GLY B 179 12.37 -22.45 4.06
C GLY B 179 12.17 -23.29 5.31
N TYR B 180 12.71 -24.51 5.29
CA TYR B 180 12.56 -25.39 6.37
C TYR B 180 13.17 -24.82 7.69
N GLY B 181 14.41 -24.31 7.61
CA GLY B 181 15.05 -23.69 8.72
C GLY B 181 14.34 -22.43 9.21
N SER B 182 13.79 -21.66 8.30
CA SER B 182 13.09 -20.44 8.69
C SER B 182 11.93 -20.85 9.67
N ALA B 183 11.26 -21.96 9.45
CA ALA B 183 10.25 -22.45 10.33
C ALA B 183 10.82 -23.05 11.60
N VAL B 184 11.73 -24.00 11.48
CA VAL B 184 12.09 -24.87 12.59
C VAL B 184 13.20 -24.24 13.49
N LYS B 185 14.04 -23.41 12.88
CA LYS B 185 15.17 -22.84 13.58
C LYS B 185 15.00 -21.37 13.89
N VAL B 186 14.53 -20.58 12.92
CA VAL B 186 14.45 -19.12 13.10
C VAL B 186 13.16 -18.76 13.88
N ALA B 187 12.01 -19.15 13.33
CA ALA B 187 10.71 -18.87 14.02
C ALA B 187 10.60 -19.79 15.26
N LYS B 188 11.07 -21.03 15.18
CA LYS B 188 10.84 -22.02 16.25
C LYS B 188 9.37 -22.27 16.43
N VAL B 189 8.71 -22.64 15.31
CA VAL B 189 7.29 -22.91 15.33
C VAL B 189 7.00 -23.95 16.40
N THR B 190 5.87 -23.77 17.09
CA THR B 190 5.48 -24.65 18.20
C THR B 190 4.32 -25.55 17.84
N GLN B 191 4.25 -26.68 18.56
CA GLN B 191 3.18 -27.58 18.33
C GLN B 191 1.84 -26.95 18.61
N GLY B 192 0.89 -27.19 17.73
CA GLY B 192 -0.47 -26.67 17.86
C GLY B 192 -0.68 -25.26 17.44
N SER B 193 0.37 -24.60 16.92
CA SER B 193 0.26 -23.20 16.50
C SER B 193 -0.42 -23.01 15.17
N THR B 194 -0.77 -21.75 14.89
CA THR B 194 -1.25 -21.30 13.65
C THR B 194 -0.18 -20.46 12.89
N CYS B 195 0.10 -20.87 11.68
CA CYS B 195 1.14 -20.25 10.82
C CYS B 195 0.48 -19.70 9.58
N ALA B 196 1.01 -18.60 9.06
CA ALA B 196 0.64 -18.04 7.75
C ALA B 196 1.93 -17.90 6.94
N VAL B 197 1.88 -18.41 5.72
CA VAL B 197 3.05 -18.41 4.81
C VAL B 197 2.66 -17.64 3.60
N PHE B 198 3.32 -16.51 3.37
CA PHE B 198 3.09 -15.63 2.19
C PHE B 198 4.08 -16.03 1.12
N GLY B 199 3.61 -16.57 0.01
CA GLY B 199 4.42 -17.02 -1.10
C GLY B 199 4.55 -18.53 -1.07
N LEU B 200 4.08 -19.19 -2.17
CA LEU B 200 4.01 -20.65 -2.21
C LEU B 200 4.88 -21.19 -3.33
N GLY B 201 6.05 -20.56 -3.50
CA GLY B 201 7.06 -21.12 -4.38
C GLY B 201 7.88 -22.16 -3.64
N GLY B 202 9.03 -22.53 -4.21
CA GLY B 202 9.82 -23.54 -3.57
C GLY B 202 10.18 -23.27 -2.13
N VAL B 203 10.59 -22.03 -1.83
CA VAL B 203 10.96 -21.67 -0.48
C VAL B 203 9.75 -21.73 0.43
N GLY B 204 8.65 -21.15 0.01
CA GLY B 204 7.44 -21.17 0.84
C GLY B 204 6.90 -22.55 1.10
N LEU B 205 6.94 -23.39 0.09
CA LEU B 205 6.57 -24.81 0.32
C LEU B 205 7.47 -25.49 1.34
N SER B 206 8.76 -25.11 1.37
CA SER B 206 9.67 -25.64 2.34
C SER B 206 9.42 -25.08 3.73
N VAL B 207 8.97 -23.82 3.82
CA VAL B 207 8.46 -23.29 5.09
C VAL B 207 7.27 -24.13 5.59
N ILE B 208 6.34 -24.46 4.69
CA ILE B 208 5.18 -25.26 5.07
C ILE B 208 5.64 -26.60 5.61
N MET B 209 6.59 -27.23 4.90
CA MET B 209 7.13 -28.53 5.40
C MET B 209 7.70 -28.41 6.79
N GLY B 210 8.38 -27.29 7.08
CA GLY B 210 8.92 -27.10 8.37
C GLY B 210 7.85 -26.84 9.45
N CYS B 211 6.83 -26.04 9.11
CA CYS B 211 5.73 -25.84 10.06
C CYS B 211 5.03 -27.16 10.36
N LYS B 212 4.83 -28.00 9.35
CA LYS B 212 4.21 -29.33 9.55
C LYS B 212 5.08 -30.21 10.43
N ALA B 213 6.40 -30.20 10.22
CA ALA B 213 7.33 -30.98 11.02
C ALA B 213 7.33 -30.54 12.46
N ALA B 214 7.13 -29.25 12.66
CA ALA B 214 7.11 -28.65 13.99
C ALA B 214 5.76 -28.89 14.72
N GLY B 215 4.78 -29.45 14.02
CA GLY B 215 3.48 -29.78 14.64
C GLY B 215 2.46 -28.65 14.62
N ALA B 216 2.58 -27.69 13.71
CA ALA B 216 1.57 -26.67 13.60
C ALA B 216 0.20 -27.31 13.39
N ALA B 217 -0.85 -26.73 13.98
CA ALA B 217 -2.22 -27.20 13.77
C ALA B 217 -2.88 -26.60 12.51
N ARG B 218 -2.51 -25.35 12.18
CA ARG B 218 -3.06 -24.68 11.04
C ARG B 218 -1.91 -23.99 10.30
N ILE B 219 -1.90 -24.16 8.99
CA ILE B 219 -0.89 -23.57 8.11
C ILE B 219 -1.65 -22.97 6.96
N ILE B 220 -1.71 -21.64 6.94
CA ILE B 220 -2.48 -20.91 5.97
C ILE B 220 -1.52 -20.43 4.90
N GLY B 221 -1.65 -20.95 3.69
CA GLY B 221 -0.87 -20.41 2.56
C GLY B 221 -1.50 -19.23 1.89
N VAL B 222 -0.68 -18.25 1.48
CA VAL B 222 -1.21 -17.04 0.87
C VAL B 222 -0.46 -16.82 -0.43
N ASP B 223 -1.15 -16.75 -1.55
CA ASP B 223 -0.49 -16.50 -2.83
C ASP B 223 -1.52 -15.91 -3.77
N ILE B 224 -1.10 -15.01 -4.64
CA ILE B 224 -1.98 -14.43 -5.69
C ILE B 224 -2.16 -15.32 -6.89
N ASN B 225 -1.40 -16.42 -6.99
CA ASN B 225 -1.57 -17.40 -8.03
C ASN B 225 -2.18 -18.63 -7.43
N LYS B 226 -3.49 -18.79 -7.70
CA LYS B 226 -4.21 -19.93 -7.12
C LYS B 226 -3.77 -21.30 -7.63
N ASP B 227 -3.07 -21.33 -8.77
CA ASP B 227 -2.48 -22.57 -9.23
C ASP B 227 -1.45 -23.17 -8.26
N LYS B 228 -0.94 -22.35 -7.34
CA LYS B 228 0.02 -22.81 -6.32
C LYS B 228 -0.59 -23.59 -5.16
N PHE B 229 -1.91 -23.51 -5.03
CA PHE B 229 -2.56 -23.98 -3.81
C PHE B 229 -2.58 -25.50 -3.69
N ALA B 230 -2.73 -26.20 -4.82
CA ALA B 230 -2.82 -27.66 -4.72
C ALA B 230 -1.57 -28.28 -4.12
N LYS B 231 -0.40 -27.84 -4.63
CA LYS B 231 0.86 -28.35 -4.07
C LYS B 231 1.08 -27.89 -2.63
N ALA B 232 0.69 -26.66 -2.30
CA ALA B 232 0.80 -26.21 -0.92
C ALA B 232 0.02 -27.12 0.05
N LYS B 233 -1.20 -27.49 -0.36
CA LYS B 233 -2.02 -28.41 0.47
C LYS B 233 -1.40 -29.79 0.55
N GLU B 234 -0.79 -30.26 -0.55
CA GLU B 234 -0.13 -31.57 -0.54
C GLU B 234 0.97 -31.64 0.48
N VAL B 235 1.72 -30.55 0.68
CA VAL B 235 2.86 -30.56 1.59
C VAL B 235 2.53 -30.07 2.99
N GLY B 236 1.28 -29.68 3.24
CA GLY B 236 0.81 -29.49 4.61
C GLY B 236 -0.08 -28.28 4.87
N ALA B 237 -0.31 -27.42 3.90
CA ALA B 237 -1.20 -26.28 4.15
C ALA B 237 -2.61 -26.81 4.45
N THR B 238 -3.25 -26.23 5.48
CA THR B 238 -4.59 -26.60 5.85
C THR B 238 -5.65 -25.75 5.14
N GLU B 239 -5.22 -24.58 4.63
CA GLU B 239 -6.10 -23.65 3.97
C GLU B 239 -5.20 -22.78 3.08
N CYS B 240 -5.75 -22.24 2.00
CA CYS B 240 -5.07 -21.27 1.18
C CYS B 240 -5.99 -20.12 0.88
N VAL B 241 -5.41 -18.91 0.80
CA VAL B 241 -6.13 -17.69 0.52
C VAL B 241 -5.39 -16.87 -0.53
N ASN B 242 -6.19 -16.35 -1.48
CA ASN B 242 -5.75 -15.47 -2.51
C ASN B 242 -6.19 -14.08 -2.18
N PRO B 243 -5.26 -13.17 -1.85
CA PRO B 243 -5.67 -11.79 -1.53
C PRO B 243 -6.55 -11.16 -2.57
N GLN B 244 -6.38 -11.55 -3.84
CA GLN B 244 -7.21 -10.94 -4.91
C GLN B 244 -8.68 -11.28 -4.85
N ASP B 245 -9.04 -12.30 -4.05
CA ASP B 245 -10.42 -12.70 -3.96
C ASP B 245 -11.25 -11.87 -3.00
N TYR B 246 -10.58 -11.01 -2.23
CA TYR B 246 -11.21 -10.31 -1.08
C TYR B 246 -11.35 -8.86 -1.40
N LYS B 247 -12.42 -8.26 -0.88
CA LYS B 247 -12.61 -6.84 -0.89
C LYS B 247 -11.94 -6.08 0.28
N LYS B 248 -11.25 -6.77 1.19
CA LYS B 248 -10.57 -6.18 2.35
C LYS B 248 -9.09 -6.62 2.36
N PRO B 249 -8.21 -5.90 3.07
CA PRO B 249 -6.81 -6.32 3.15
C PRO B 249 -6.63 -7.70 3.76
N ILE B 250 -5.65 -8.45 3.30
CA ILE B 250 -5.51 -9.82 3.74
C ILE B 250 -5.07 -9.90 5.20
N GLN B 251 -4.40 -8.88 5.74
CA GLN B 251 -4.02 -8.94 7.17
C GLN B 251 -5.30 -9.01 8.04
N GLU B 252 -6.34 -8.27 7.65
CA GLU B 252 -7.64 -8.34 8.37
C GLU B 252 -8.29 -9.72 8.23
N VAL B 253 -8.25 -10.30 7.02
CA VAL B 253 -8.81 -11.62 6.75
C VAL B 253 -8.11 -12.66 7.64
N LEU B 254 -6.80 -12.62 7.72
CA LEU B 254 -6.00 -13.59 8.45
C LEU B 254 -6.20 -13.40 9.93
N THR B 255 -6.27 -12.17 10.41
CA THR B 255 -6.57 -11.89 11.81
C THR B 255 -7.93 -12.51 12.18
N GLU B 256 -8.96 -12.30 11.34
CA GLU B 256 -10.29 -12.90 11.62
C GLU B 256 -10.28 -14.41 11.56
N MET B 257 -9.63 -14.98 10.54
CA MET B 257 -9.50 -16.45 10.42
C MET B 257 -8.83 -17.11 11.58
N SER B 258 -7.86 -16.37 12.17
CA SER B 258 -7.04 -16.85 13.29
C SER B 258 -7.55 -16.35 14.66
N ASN B 259 -8.74 -15.78 14.67
CA ASN B 259 -9.35 -15.34 15.93
C ASN B 259 -8.44 -14.42 16.70
N GLY B 260 -7.89 -13.46 15.96
CA GLY B 260 -7.11 -12.40 16.60
C GLY B 260 -5.63 -12.31 16.25
N GLY B 261 -5.17 -13.08 15.25
CA GLY B 261 -3.79 -13.05 14.78
C GLY B 261 -3.16 -14.43 14.85
N VAL B 262 -2.19 -14.67 13.94
CA VAL B 262 -1.48 -15.93 13.89
C VAL B 262 -0.36 -15.99 14.88
N ASP B 263 0.10 -17.18 15.21
CA ASP B 263 1.28 -17.32 16.02
C ASP B 263 2.59 -17.01 15.30
N PHE B 264 2.72 -17.45 14.06
CA PHE B 264 3.91 -17.30 13.25
C PHE B 264 3.52 -16.94 11.82
N SER B 265 4.15 -15.90 11.23
CA SER B 265 4.01 -15.58 9.87
C SER B 265 5.34 -15.51 9.18
N PHE B 266 5.32 -15.71 7.86
CA PHE B 266 6.53 -15.80 7.06
C PHE B 266 6.31 -15.08 5.78
N GLU B 267 7.18 -14.13 5.46
CA GLU B 267 7.13 -13.44 4.14
C GLU B 267 8.17 -14.15 3.27
N VAL B 268 7.68 -14.83 2.23
CA VAL B 268 8.50 -15.67 1.38
C VAL B 268 8.26 -15.28 -0.09
N ILE B 269 8.21 -13.95 -0.33
CA ILE B 269 7.95 -13.38 -1.67
C ILE B 269 9.09 -12.42 -2.05
N GLY B 270 9.33 -11.39 -1.24
CA GLY B 270 10.25 -10.32 -1.53
C GLY B 270 9.57 -9.04 -1.90
N ARG B 271 8.50 -8.65 -1.24
CA ARG B 271 7.85 -7.35 -1.45
C ARG B 271 7.76 -6.65 -0.12
N LEU B 272 7.97 -5.36 -0.15
CA LEU B 272 7.85 -4.58 1.08
C LEU B 272 6.45 -4.66 1.67
N ASP B 273 5.44 -4.54 0.80
CA ASP B 273 4.07 -4.47 1.32
C ASP B 273 3.70 -5.77 2.04
N THR B 274 4.10 -6.89 1.48
CA THR B 274 3.81 -8.17 2.13
C THR B 274 4.61 -8.38 3.40
N MET B 275 5.79 -7.79 3.52
CA MET B 275 6.51 -7.84 4.78
C MET B 275 5.71 -7.18 5.91
N VAL B 276 5.18 -5.98 5.62
CA VAL B 276 4.38 -5.29 6.63
C VAL B 276 3.06 -6.04 6.89
N THR B 277 2.41 -6.53 5.84
CA THR B 277 1.20 -7.34 6.02
C THR B 277 1.45 -8.57 6.89
N ALA B 278 2.51 -9.29 6.63
CA ALA B 278 2.80 -10.49 7.39
C ALA B 278 3.10 -10.16 8.84
N LEU B 279 3.79 -9.04 9.11
CA LEU B 279 4.01 -8.61 10.50
C LEU B 279 2.68 -8.36 11.18
N SER B 280 1.79 -7.61 10.50
CA SER B 280 0.52 -7.17 11.08
C SER B 280 -0.39 -8.34 11.37
N CYS B 281 -0.33 -9.39 10.58
CA CYS B 281 -1.29 -10.50 10.75
C CYS B 281 -0.90 -11.42 11.89
N CYS B 282 0.33 -11.32 12.45
CA CYS B 282 0.63 -12.08 13.63
C CYS B 282 0.03 -11.40 14.89
N GLN B 283 -0.26 -12.19 15.90
CA GLN B 283 -0.95 -11.73 17.06
C GLN B 283 -0.11 -10.63 17.75
N GLU B 284 -0.75 -9.53 18.14
CA GLU B 284 -0.03 -8.32 18.53
C GLU B 284 0.82 -8.47 19.75
N ALA B 285 0.49 -9.39 20.66
CA ALA B 285 1.18 -9.51 21.94
C ALA B 285 2.28 -10.53 21.91
N TYR B 286 2.16 -11.59 21.11
CA TYR B 286 3.09 -12.71 21.16
C TYR B 286 3.45 -13.28 19.80
N GLY B 287 2.95 -12.68 18.72
CA GLY B 287 3.22 -13.18 17.38
C GLY B 287 4.67 -13.00 16.96
N VAL B 288 5.10 -13.83 16.05
CA VAL B 288 6.45 -13.78 15.46
C VAL B 288 6.33 -13.76 13.95
N SER B 289 7.04 -12.86 13.29
CA SER B 289 7.02 -12.76 11.84
C SER B 289 8.47 -12.84 11.33
N VAL B 290 8.72 -13.69 10.36
CA VAL B 290 10.05 -13.92 9.80
C VAL B 290 10.06 -13.50 8.33
N ILE B 291 10.98 -12.62 8.01
CA ILE B 291 11.24 -12.20 6.66
C ILE B 291 12.24 -13.14 5.99
N VAL B 292 11.80 -13.79 4.90
CA VAL B 292 12.64 -14.69 4.12
C VAL B 292 12.89 -14.09 2.70
N GLY B 293 11.88 -13.55 2.11
CA GLY B 293 12.03 -12.98 0.77
C GLY B 293 12.95 -11.82 0.67
N VAL B 294 13.50 -11.66 -0.51
CA VAL B 294 14.53 -10.63 -0.79
C VAL B 294 13.83 -9.56 -1.66
N PRO B 295 13.75 -8.30 -1.15
CA PRO B 295 13.08 -7.21 -1.83
C PRO B 295 14.02 -6.44 -2.72
N PRO B 296 13.45 -5.52 -3.50
CA PRO B 296 14.24 -4.70 -4.38
C PRO B 296 15.28 -3.83 -3.69
N ASP B 297 16.44 -3.81 -4.33
CA ASP B 297 17.60 -3.14 -3.77
C ASP B 297 17.31 -1.73 -3.37
N SER B 298 17.78 -1.38 -2.16
CA SER B 298 17.79 0.01 -1.68
C SER B 298 16.44 0.62 -1.37
N GLN B 299 15.39 -0.17 -1.25
CA GLN B 299 14.11 0.38 -0.94
C GLN B 299 13.77 0.13 0.52
N ASN B 300 13.37 1.18 1.21
CA ASN B 300 12.86 1.10 2.56
C ASN B 300 11.37 0.87 2.59
N LEU B 301 10.95 0.16 3.64
CA LEU B 301 9.55 0.00 3.99
C LEU B 301 9.18 1.04 5.02
N SER B 302 7.88 1.29 5.13
CA SER B 302 7.27 2.17 6.11
C SER B 302 6.41 1.31 7.04
N MET B 303 6.53 1.49 8.35
CA MET B 303 5.69 0.75 9.29
C MET B 303 5.54 1.54 10.58
N ASN B 304 4.49 1.22 11.31
CA ASN B 304 4.19 1.85 12.60
C ASN B 304 4.81 1.01 13.70
N PRO B 305 5.74 1.56 14.49
CA PRO B 305 6.37 0.76 15.52
C PRO B 305 5.45 0.29 16.64
N MET B 306 4.27 0.84 16.76
CA MET B 306 3.29 0.26 17.71
C MET B 306 3.03 -1.19 17.42
N LEU B 307 3.26 -1.66 16.17
CA LEU B 307 3.10 -3.06 15.86
C LEU B 307 4.05 -3.92 16.69
N LEU B 308 5.24 -3.39 17.00
CA LEU B 308 6.23 -4.04 17.79
C LEU B 308 6.05 -3.80 19.29
N LEU B 309 5.71 -2.56 19.65
CA LEU B 309 5.56 -2.22 21.08
C LEU B 309 4.60 -3.11 21.84
N SER B 310 3.54 -3.57 21.15
CA SER B 310 2.56 -4.44 21.81
C SER B 310 3.12 -5.80 22.17
N GLY B 311 4.22 -6.21 21.54
CA GLY B 311 4.84 -7.45 21.84
C GLY B 311 5.31 -8.31 20.70
N ARG B 312 4.99 -7.95 19.44
CA ARG B 312 5.44 -8.74 18.32
C ARG B 312 6.95 -8.81 18.26
N THR B 313 7.43 -9.89 17.63
CA THR B 313 8.80 -10.08 17.26
C THR B 313 8.95 -10.17 15.76
N TRP B 314 9.91 -9.47 15.20
CA TRP B 314 10.15 -9.40 13.75
C TRP B 314 11.59 -9.79 13.51
N LYS B 315 11.81 -10.77 12.65
CA LYS B 315 13.16 -11.16 12.40
C LYS B 315 13.33 -11.58 10.97
N GLY B 316 14.56 -11.73 10.50
CA GLY B 316 14.83 -12.28 9.21
C GLY B 316 15.98 -13.25 9.33
N ALA B 317 16.26 -13.95 8.22
CA ALA B 317 17.41 -14.82 8.22
C ALA B 317 17.78 -15.13 6.78
N ILE B 318 19.05 -15.49 6.66
CA ILE B 318 19.61 -16.08 5.48
C ILE B 318 19.74 -17.61 5.66
N PHE B 319 19.40 -18.35 4.62
CA PHE B 319 19.62 -19.82 4.59
C PHE B 319 19.03 -20.50 5.81
N GLY B 320 17.85 -20.06 6.22
CA GLY B 320 17.08 -20.73 7.28
C GLY B 320 17.76 -20.70 8.62
N GLY B 321 18.75 -19.80 8.79
CA GLY B 321 19.53 -19.78 10.04
C GLY B 321 20.56 -20.85 10.21
N PHE B 322 20.69 -21.74 9.21
CA PHE B 322 21.63 -22.88 9.35
C PHE B 322 23.08 -22.45 9.17
N LYS B 323 23.93 -22.84 10.13
CA LYS B 323 25.41 -22.79 9.91
C LYS B 323 25.71 -23.74 8.77
N SER B 324 26.21 -23.20 7.67
CA SER B 324 26.05 -23.89 6.38
C SER B 324 26.85 -25.18 6.24
N LYS B 325 28.12 -25.15 6.62
CA LYS B 325 29.01 -26.32 6.41
C LYS B 325 28.68 -27.41 7.41
N ASP B 326 28.31 -27.01 8.62
CA ASP B 326 27.85 -28.02 9.59
C ASP B 326 26.55 -28.63 9.19
N SER B 327 25.64 -27.83 8.70
CA SER B 327 24.25 -28.28 8.58
C SER B 327 23.96 -29.05 7.28
N VAL B 328 24.56 -28.60 6.15
CA VAL B 328 24.25 -29.22 4.87
C VAL B 328 24.44 -30.74 4.89
N PRO B 329 25.55 -31.24 5.43
CA PRO B 329 25.74 -32.70 5.39
C PRO B 329 24.67 -33.48 6.21
N LYS B 330 24.28 -32.87 7.33
CA LYS B 330 23.25 -33.40 8.20
C LYS B 330 21.90 -33.36 7.56
N LEU B 331 21.58 -32.29 6.85
CA LEU B 331 20.34 -32.26 6.09
C LEU B 331 20.28 -33.31 4.97
N VAL B 332 21.38 -33.53 4.27
CA VAL B 332 21.43 -34.60 3.28
C VAL B 332 21.22 -35.98 3.96
N ALA B 333 21.88 -36.20 5.08
CA ALA B 333 21.69 -37.47 5.82
C ALA B 333 20.21 -37.61 6.21
N ASP B 334 19.58 -36.52 6.66
CA ASP B 334 18.15 -36.56 7.06
C ASP B 334 17.27 -36.92 5.84
N PHE B 335 17.58 -36.35 4.68
CA PHE B 335 16.90 -36.69 3.46
C PHE B 335 17.01 -38.19 3.14
N MET B 336 18.23 -38.71 3.30
CA MET B 336 18.49 -40.12 2.95
C MET B 336 17.75 -41.06 3.91
N ALA B 337 17.50 -40.58 5.13
CA ALA B 337 16.70 -41.25 6.19
C ALA B 337 15.20 -40.97 6.10
N LYS B 338 14.78 -40.33 5.03
CA LYS B 338 13.35 -40.06 4.76
C LYS B 338 12.66 -39.13 5.76
N LYS B 339 13.40 -38.14 6.27
CA LYS B 339 12.83 -37.18 7.20
C LYS B 339 12.01 -36.08 6.60
N PHE B 340 12.26 -35.79 5.32
CA PHE B 340 11.52 -34.81 4.57
C PHE B 340 11.59 -35.24 3.10
N ALA B 341 10.80 -34.58 2.27
CA ALA B 341 10.65 -34.92 0.88
C ALA B 341 11.13 -33.77 0.04
N LEU B 342 11.83 -34.08 -1.04
CA LEU B 342 12.27 -33.03 -2.00
C LEU B 342 11.51 -33.10 -3.32
N ASP B 343 11.04 -34.29 -3.74
CA ASP B 343 10.31 -34.40 -5.00
C ASP B 343 9.10 -33.45 -5.18
N PRO B 344 8.36 -33.09 -4.10
CA PRO B 344 7.25 -32.14 -4.28
C PRO B 344 7.70 -30.75 -4.77
N LEU B 345 8.96 -30.41 -4.57
CA LEU B 345 9.48 -29.11 -4.99
C LEU B 345 9.88 -29.13 -6.48
N ILE B 346 10.11 -30.33 -7.05
CA ILE B 346 10.75 -30.45 -8.37
C ILE B 346 9.65 -30.68 -9.39
N THR B 347 9.40 -29.68 -10.25
CA THR B 347 8.33 -29.76 -11.22
C THR B 347 8.81 -29.99 -12.64
N HIS B 348 10.06 -29.67 -12.90
CA HIS B 348 10.66 -29.76 -14.22
C HIS B 348 12.14 -30.18 -14.10
N VAL B 349 12.63 -30.95 -15.10
CA VAL B 349 14.05 -31.30 -15.20
C VAL B 349 14.43 -31.03 -16.63
N LEU B 350 15.47 -30.24 -16.81
CA LEU B 350 15.98 -29.88 -18.12
C LEU B 350 17.48 -30.04 -18.21
N PRO B 351 18.04 -30.32 -19.40
CA PRO B 351 19.46 -30.23 -19.54
C PRO B 351 19.91 -28.77 -19.34
N PHE B 352 21.14 -28.60 -18.85
CA PHE B 352 21.71 -27.30 -18.61
C PHE B 352 21.57 -26.31 -19.74
N GLU B 353 21.79 -26.77 -20.97
CA GLU B 353 21.74 -25.86 -22.13
C GLU B 353 20.35 -25.22 -22.36
N LYS B 354 19.32 -25.78 -21.74
CA LYS B 354 17.98 -25.21 -21.75
C LYS B 354 17.66 -24.27 -20.58
N ILE B 355 18.72 -23.71 -20.00
CA ILE B 355 18.56 -22.77 -18.88
C ILE B 355 17.51 -21.73 -19.15
N ASN B 356 17.48 -21.09 -20.29
CA ASN B 356 16.50 -20.00 -20.52
C ASN B 356 15.06 -20.50 -20.47
N GLU B 357 14.82 -21.70 -20.95
CA GLU B 357 13.50 -22.32 -20.84
C GLU B 357 13.12 -22.48 -19.37
N GLY B 358 14.07 -22.85 -18.54
CA GLY B 358 13.85 -22.96 -17.13
C GLY B 358 13.47 -21.66 -16.47
N PHE B 359 14.11 -20.59 -16.88
CA PHE B 359 13.72 -19.27 -16.35
C PHE B 359 12.37 -18.82 -16.87
N ASP B 360 12.08 -19.14 -18.13
CA ASP B 360 10.79 -18.78 -18.66
C ASP B 360 9.68 -19.49 -17.86
N LEU B 361 9.90 -20.76 -17.51
CA LEU B 361 8.97 -21.52 -16.69
C LEU B 361 8.75 -20.83 -15.33
N LEU B 362 9.81 -20.39 -14.68
CA LEU B 362 9.67 -19.75 -13.38
C LEU B 362 8.84 -18.45 -13.54
N ARG B 363 9.18 -17.68 -14.55
CA ARG B 363 8.58 -16.36 -14.71
C ARG B 363 7.10 -16.45 -15.08
N SER B 364 6.73 -17.52 -15.77
CA SER B 364 5.33 -17.73 -16.19
C SER B 364 4.42 -18.13 -15.04
N GLY B 365 5.01 -18.56 -13.92
CA GLY B 365 4.27 -19.08 -12.81
C GLY B 365 4.06 -20.57 -12.81
N GLU B 366 4.57 -21.25 -13.84
CA GLU B 366 4.26 -22.67 -14.03
C GLU B 366 5.11 -23.64 -13.20
N SER B 367 6.32 -23.26 -12.84
CA SER B 367 7.17 -24.18 -12.11
C SER B 367 7.34 -23.79 -10.63
N ILE B 368 7.83 -24.76 -9.86
CA ILE B 368 8.35 -24.50 -8.55
C ILE B 368 9.87 -24.53 -8.70
N ARG B 369 10.51 -25.69 -8.65
CA ARG B 369 11.91 -25.81 -9.04
C ARG B 369 12.08 -26.60 -10.35
N THR B 370 12.77 -25.96 -11.31
CA THR B 370 13.39 -26.66 -12.40
C THR B 370 14.81 -27.03 -11.97
N ILE B 371 15.18 -28.30 -12.15
CA ILE B 371 16.53 -28.76 -11.91
C ILE B 371 17.22 -28.90 -13.30
N LEU B 372 18.37 -28.22 -13.44
CA LEU B 372 19.23 -28.34 -14.64
C LEU B 372 20.26 -29.41 -14.44
N THR B 373 20.37 -30.32 -15.44
CA THR B 373 21.27 -31.44 -15.34
C THR B 373 22.36 -31.37 -16.39
N PHE B 374 23.48 -31.96 -16.03
CA PHE B 374 24.72 -31.92 -16.81
C PHE B 374 25.03 -33.37 -17.26
N SER C 1 -40.22 22.03 25.71
CA SER C 1 -40.58 23.46 25.65
C SER C 1 -41.20 23.80 24.31
N THR C 2 -40.40 23.84 23.24
CA THR C 2 -40.86 24.17 21.86
C THR C 2 -41.36 22.94 21.10
N ALA C 3 -41.26 21.75 21.65
CA ALA C 3 -41.62 20.55 20.89
C ALA C 3 -43.07 20.65 20.44
N GLY C 4 -43.34 20.25 19.22
CA GLY C 4 -44.68 20.23 18.67
C GLY C 4 -45.24 21.57 18.24
N LYS C 5 -44.46 22.63 18.37
CA LYS C 5 -44.93 23.95 17.99
C LYS C 5 -44.02 24.61 16.99
N VAL C 6 -44.53 25.55 16.27
CA VAL C 6 -43.76 26.43 15.35
C VAL C 6 -42.79 27.20 16.18
N ILE C 7 -41.55 27.33 15.69
CA ILE C 7 -40.51 28.19 16.29
C ILE C 7 -40.35 29.41 15.40
N LYS C 8 -40.40 30.58 16.03
CA LYS C 8 -40.02 31.81 15.33
C LYS C 8 -38.59 32.05 15.66
N CYS C 9 -37.76 32.20 14.65
CA CYS C 9 -36.33 32.43 14.86
C CYS C 9 -35.72 33.28 13.78
N LYS C 10 -34.44 33.57 13.90
CA LYS C 10 -33.71 34.27 12.90
C LYS C 10 -33.11 33.31 11.87
N ALA C 11 -33.11 33.72 10.61
CA ALA C 11 -32.42 33.02 9.52
C ALA C 11 -31.93 33.97 8.51
N ALA C 12 -31.00 33.51 7.71
CA ALA C 12 -30.43 34.30 6.62
C ALA C 12 -31.10 33.88 5.34
N VAL C 13 -32.00 34.72 4.84
CA VAL C 13 -32.80 34.33 3.69
C VAL C 13 -32.15 35.00 2.45
N LEU C 14 -32.06 34.22 1.37
CA LEU C 14 -31.56 34.72 0.07
C LEU C 14 -32.79 34.86 -0.82
N TRP C 15 -33.21 36.12 -1.04
CA TRP C 15 -34.44 36.38 -1.83
C TRP C 15 -34.20 36.40 -3.33
N GLU C 16 -33.00 36.83 -3.70
CA GLU C 16 -32.60 37.09 -5.09
C GLU C 16 -31.13 36.73 -5.29
N GLU C 17 -30.75 36.31 -6.49
CA GLU C 17 -29.33 36.15 -6.79
C GLU C 17 -28.56 37.44 -6.72
N LYS C 18 -27.30 37.32 -6.36
CA LYS C 18 -26.35 38.44 -6.40
C LYS C 18 -26.72 39.57 -5.46
N LYS C 19 -27.39 39.24 -4.37
CA LYS C 19 -27.69 40.19 -3.31
C LYS C 19 -27.24 39.63 -1.96
N PRO C 20 -27.07 40.52 -0.99
CA PRO C 20 -26.78 40.10 0.36
C PRO C 20 -27.90 39.25 0.98
N PHE C 21 -27.51 38.35 1.88
CA PHE C 21 -28.48 37.68 2.71
C PHE C 21 -29.27 38.66 3.58
N SER C 22 -30.52 38.36 3.84
CA SER C 22 -31.34 39.17 4.72
C SER C 22 -31.54 38.38 6.01
N ILE C 23 -31.01 38.89 7.12
CA ILE C 23 -31.22 38.30 8.44
C ILE C 23 -32.55 38.77 8.98
N GLU C 24 -33.50 37.87 9.06
CA GLU C 24 -34.83 38.24 9.49
C GLU C 24 -35.58 37.08 10.08
N GLU C 25 -36.71 37.37 10.67
CA GLU C 25 -37.50 36.36 11.33
C GLU C 25 -38.18 35.44 10.31
N VAL C 26 -38.08 34.15 10.62
CA VAL C 26 -38.74 33.07 9.89
C VAL C 26 -39.48 32.17 10.89
N GLU C 27 -40.46 31.44 10.38
CA GLU C 27 -41.18 30.44 11.12
C GLU C 27 -40.76 29.06 10.68
N VAL C 28 -40.43 28.21 11.63
CA VAL C 28 -39.90 26.88 11.40
C VAL C 28 -40.93 25.90 11.94
N ALA C 29 -41.53 25.10 11.06
CA ALA C 29 -42.60 24.19 11.46
C ALA C 29 -42.01 23.04 12.29
N PRO C 30 -42.84 22.39 13.11
CA PRO C 30 -42.36 21.22 13.82
C PRO C 30 -42.10 20.03 12.84
N PRO C 31 -41.26 19.09 13.24
CA PRO C 31 -40.89 17.98 12.33
C PRO C 31 -42.11 17.04 12.17
N LYS C 32 -42.33 16.63 10.92
CA LYS C 32 -43.25 15.58 10.62
C LYS C 32 -42.55 14.20 10.78
N ALA C 33 -43.26 13.13 10.41
CA ALA C 33 -42.73 11.77 10.57
C ALA C 33 -41.38 11.69 9.87
N HIS C 34 -40.44 11.05 10.54
CA HIS C 34 -39.10 10.81 9.99
C HIS C 34 -38.32 12.07 9.72
N GLU C 35 -38.63 13.12 10.47
CA GLU C 35 -37.92 14.42 10.37
C GLU C 35 -37.35 14.82 11.72
N VAL C 36 -36.32 15.69 11.70
CA VAL C 36 -35.56 16.08 12.87
C VAL C 36 -35.42 17.60 12.85
N ARG C 37 -35.80 18.27 13.96
CA ARG C 37 -35.56 19.73 14.07
C ARG C 37 -34.31 19.93 14.93
N ILE C 38 -33.40 20.74 14.40
CA ILE C 38 -32.10 20.94 14.94
C ILE C 38 -31.89 22.40 15.32
N LYS C 39 -31.35 22.64 16.53
CA LYS C 39 -30.89 23.97 16.91
C LYS C 39 -29.42 24.06 16.42
N MET C 40 -29.15 25.00 15.52
CA MET C 40 -27.84 25.14 15.02
C MET C 40 -26.88 25.72 16.06
N VAL C 41 -25.64 25.23 16.04
CA VAL C 41 -24.58 25.74 16.93
C VAL C 41 -23.47 26.45 16.14
N ALA C 42 -23.07 25.89 15.00
CA ALA C 42 -22.02 26.47 14.16
C ALA C 42 -22.28 26.07 12.73
N THR C 43 -21.98 27.01 11.81
CA THR C 43 -22.01 26.70 10.41
C THR C 43 -20.82 27.35 9.72
N GLY C 44 -20.24 26.63 8.74
CA GLY C 44 -19.15 27.19 7.93
C GLY C 44 -19.70 27.83 6.68
N ILE C 45 -18.86 28.71 6.13
CA ILE C 45 -19.16 29.33 4.82
C ILE C 45 -18.31 28.65 3.76
N CYS C 46 -18.96 27.84 2.94
CA CYS C 46 -18.29 27.07 1.86
C CYS C 46 -18.47 27.79 0.54
N ARG C 47 -17.51 27.69 -0.38
CA ARG C 47 -17.68 28.30 -1.67
C ARG C 47 -18.98 27.91 -2.39
N SER C 48 -19.45 26.68 -2.17
CA SER C 48 -20.73 26.26 -2.74
C SER C 48 -21.92 27.12 -2.32
N ASP C 49 -21.91 27.63 -1.10
CA ASP C 49 -22.93 28.57 -0.68
C ASP C 49 -22.84 29.88 -1.46
N ASP C 50 -21.65 30.35 -1.67
CA ASP C 50 -21.43 31.53 -2.49
C ASP C 50 -21.86 31.30 -3.94
N HIS C 51 -21.67 30.08 -4.45
CA HIS C 51 -22.15 29.75 -5.81
C HIS C 51 -23.61 29.91 -5.94
N VAL C 52 -24.34 29.63 -4.88
CA VAL C 52 -25.79 29.84 -4.88
C VAL C 52 -26.11 31.31 -5.07
N VAL C 53 -25.41 32.15 -4.34
CA VAL C 53 -25.58 33.60 -4.47
C VAL C 53 -25.27 34.06 -5.88
N SER C 54 -24.15 33.61 -6.44
CA SER C 54 -23.67 34.09 -7.72
C SER C 54 -24.47 33.54 -8.89
N GLY C 55 -25.28 32.51 -8.66
CA GLY C 55 -25.99 31.79 -9.70
C GLY C 55 -25.19 30.75 -10.46
N THR C 56 -23.92 30.52 -10.10
CA THR C 56 -23.07 29.36 -10.57
C THR C 56 -23.71 28.06 -10.31
N LEU C 57 -24.27 27.94 -9.11
CA LEU C 57 -24.89 26.72 -8.64
C LEU C 57 -26.38 27.02 -8.53
N VAL C 58 -27.18 26.39 -9.35
CA VAL C 58 -28.61 26.67 -9.43
C VAL C 58 -29.42 25.89 -8.40
N THR C 59 -30.28 26.57 -7.65
CA THR C 59 -31.25 25.97 -6.74
C THR C 59 -32.44 26.94 -6.66
N PRO C 60 -33.64 26.45 -6.36
CA PRO C 60 -34.79 27.40 -6.33
C PRO C 60 -34.67 28.45 -5.23
N LEU C 61 -34.97 29.71 -5.60
CA LEU C 61 -35.03 30.82 -4.68
C LEU C 61 -36.50 31.23 -4.44
N PRO C 62 -36.83 31.90 -3.34
CA PRO C 62 -35.95 32.22 -2.21
C PRO C 62 -35.58 30.97 -1.41
N VAL C 63 -34.45 31.11 -0.72
CA VAL C 63 -33.82 29.92 -0.09
C VAL C 63 -33.14 30.29 1.21
N ILE C 64 -33.16 29.30 2.12
CA ILE C 64 -32.26 29.26 3.30
C ILE C 64 -31.12 28.36 2.92
N ALA C 65 -29.96 28.94 2.60
CA ALA C 65 -28.77 28.15 2.20
C ALA C 65 -28.03 27.69 3.45
N GLY C 66 -26.79 27.25 3.26
CA GLY C 66 -25.99 26.67 4.34
C GLY C 66 -26.12 25.17 4.35
N HIS C 67 -24.98 24.52 4.37
CA HIS C 67 -24.96 23.04 4.37
C HIS C 67 -23.86 22.44 5.18
N GLU C 68 -22.92 23.21 5.73
CA GLU C 68 -21.72 22.73 6.47
C GLU C 68 -21.96 23.17 7.90
N ALA C 69 -22.41 22.30 8.77
CA ALA C 69 -22.91 22.76 10.08
C ALA C 69 -22.90 21.65 11.09
N ALA C 70 -23.14 22.06 12.32
CA ALA C 70 -23.38 21.13 13.42
C ALA C 70 -24.34 21.78 14.37
N GLY C 71 -25.13 20.93 15.02
CA GLY C 71 -26.09 21.45 16.01
C GLY C 71 -26.52 20.38 16.99
N ILE C 72 -27.63 20.66 17.68
CA ILE C 72 -28.18 19.82 18.72
C ILE C 72 -29.65 19.60 18.41
N VAL C 73 -30.09 18.34 18.45
CA VAL C 73 -31.48 18.01 18.13
C VAL C 73 -32.44 18.65 19.20
N GLU C 74 -33.39 19.46 18.68
CA GLU C 74 -34.44 20.08 19.48
C GLU C 74 -35.62 19.09 19.65
N SER C 75 -36.05 18.42 18.60
CA SER C 75 -37.16 17.49 18.66
C SER C 75 -37.11 16.57 17.45
N ILE C 76 -37.84 15.47 17.55
CA ILE C 76 -37.94 14.50 16.48
C ILE C 76 -39.36 14.20 16.17
N GLY C 77 -39.60 13.87 14.92
CA GLY C 77 -40.91 13.47 14.50
C GLY C 77 -41.09 11.98 14.75
N GLU C 78 -42.31 11.55 14.51
CA GLU C 78 -42.69 10.15 14.65
C GLU C 78 -41.81 9.23 13.83
N GLY C 79 -41.35 8.15 14.45
CA GLY C 79 -40.62 7.15 13.72
C GLY C 79 -39.13 7.31 13.65
N VAL C 80 -38.64 8.44 14.10
CA VAL C 80 -37.19 8.65 14.10
C VAL C 80 -36.56 7.72 15.13
N THR C 81 -35.49 7.04 14.72
CA THR C 81 -34.78 6.05 15.54
C THR C 81 -33.28 6.30 15.71
N THR C 82 -32.70 7.15 14.84
CA THR C 82 -31.24 7.29 14.81
C THR C 82 -30.69 8.47 15.59
N VAL C 83 -31.56 9.39 16.06
CA VAL C 83 -31.14 10.52 16.88
C VAL C 83 -32.25 10.78 17.91
N ARG C 84 -31.91 11.49 18.97
CA ARG C 84 -32.87 11.90 20.03
C ARG C 84 -32.61 13.32 20.42
N PRO C 85 -33.64 13.99 20.97
CA PRO C 85 -33.41 15.31 21.53
C PRO C 85 -32.18 15.37 22.40
N GLY C 86 -31.37 16.41 22.19
CA GLY C 86 -30.15 16.58 22.94
C GLY C 86 -28.88 16.05 22.27
N ASP C 87 -29.08 15.20 21.25
CA ASP C 87 -27.94 14.66 20.52
C ASP C 87 -27.23 15.72 19.65
N LYS C 88 -25.90 15.67 19.65
CA LYS C 88 -25.14 16.47 18.67
C LYS C 88 -25.22 15.77 17.34
N VAL C 89 -25.39 16.60 16.30
CA VAL C 89 -25.65 16.07 14.95
C VAL C 89 -24.99 16.97 13.91
N ILE C 90 -24.65 16.36 12.79
CA ILE C 90 -24.24 17.04 11.57
C ILE C 90 -25.26 16.73 10.48
N PRO C 91 -25.88 17.77 9.89
CA PRO C 91 -26.74 17.55 8.72
C PRO C 91 -25.92 17.08 7.49
N LEU C 92 -26.51 16.27 6.66
CA LEU C 92 -25.84 15.60 5.52
C LEU C 92 -26.42 16.12 4.23
N PHE C 93 -25.59 16.87 3.50
CA PHE C 93 -26.11 17.43 2.21
C PHE C 93 -26.28 16.40 1.13
N THR C 94 -25.57 15.27 1.29
CA THR C 94 -25.81 14.08 0.50
C THR C 94 -26.44 13.06 1.46
N PRO C 95 -27.67 12.66 1.22
CA PRO C 95 -28.33 11.75 2.17
C PRO C 95 -27.74 10.37 2.05
N GLN C 96 -28.16 9.51 2.99
CA GLN C 96 -27.86 8.05 2.92
C GLN C 96 -29.14 7.34 3.30
N CYS C 97 -29.96 7.06 2.30
CA CYS C 97 -31.24 6.37 2.55
C CYS C 97 -31.06 4.91 2.95
N GLY C 98 -29.96 4.30 2.54
CA GLY C 98 -29.63 2.93 2.89
C GLY C 98 -30.38 1.89 2.10
N LYS C 99 -31.23 2.29 1.15
CA LYS C 99 -32.14 1.39 0.41
C LYS C 99 -32.03 1.39 -1.11
N CYS C 100 -31.50 2.44 -1.70
CA CYS C 100 -31.41 2.61 -3.14
C CYS C 100 -30.18 1.82 -3.68
N ARG C 101 -30.16 1.67 -5.02
CA ARG C 101 -29.08 0.88 -5.64
C ARG C 101 -27.66 1.46 -5.32
N VAL C 102 -27.61 2.79 -5.15
CA VAL C 102 -26.34 3.43 -4.83
C VAL C 102 -25.91 3.17 -3.40
N CYS C 103 -26.86 3.37 -2.46
CA CYS C 103 -26.56 3.12 -1.09
C CYS C 103 -26.10 1.67 -0.83
N LYS C 104 -26.64 0.73 -1.63
CA LYS C 104 -26.28 -0.71 -1.50
C LYS C 104 -24.95 -1.05 -2.19
N HIS C 105 -24.41 -0.16 -3.05
CA HIS C 105 -23.20 -0.48 -3.76
C HIS C 105 -22.02 -0.13 -2.85
N PRO C 106 -21.00 -0.99 -2.77
CA PRO C 106 -19.88 -0.61 -1.90
C PRO C 106 -19.16 0.70 -2.22
N GLU C 107 -19.16 1.08 -3.48
CA GLU C 107 -18.41 2.28 -3.90
C GLU C 107 -19.31 3.43 -4.26
N GLY C 108 -20.58 3.33 -4.13
CA GLY C 108 -21.47 4.51 -4.34
C GLY C 108 -21.75 5.32 -3.11
N ASN C 109 -21.84 6.64 -3.27
CA ASN C 109 -22.32 7.48 -2.20
C ASN C 109 -23.37 8.48 -2.63
N PHE C 110 -23.61 8.66 -3.94
CA PHE C 110 -24.55 9.68 -4.42
C PHE C 110 -25.97 9.17 -4.39
N CYS C 111 -26.50 9.02 -3.16
CA CYS C 111 -27.82 8.45 -2.94
C CYS C 111 -28.88 9.07 -3.86
N LEU C 112 -29.79 8.24 -4.34
CA LEU C 112 -30.80 8.66 -5.28
C LEU C 112 -31.83 9.60 -4.68
N LYS C 113 -31.88 9.74 -3.37
CA LYS C 113 -32.72 10.73 -2.68
C LYS C 113 -32.12 12.14 -2.59
N ASN C 114 -30.95 12.32 -3.20
CA ASN C 114 -30.32 13.63 -3.17
C ASN C 114 -31.16 14.71 -3.86
N ASP C 115 -30.93 15.94 -3.40
CA ASP C 115 -31.51 17.13 -4.01
C ASP C 115 -30.54 17.95 -4.83
N LEU C 116 -29.51 17.31 -5.33
CA LEU C 116 -28.45 18.00 -6.08
C LEU C 116 -28.65 17.89 -7.56
N SER C 117 -29.06 16.73 -8.08
CA SER C 117 -29.10 16.53 -9.54
C SER C 117 -30.17 17.34 -10.19
N MET C 118 -31.34 17.41 -9.55
CA MET C 118 -32.46 18.21 -10.10
C MET C 118 -33.12 18.92 -8.95
N PRO C 119 -32.49 20.05 -8.54
CA PRO C 119 -32.87 20.59 -7.24
C PRO C 119 -34.26 21.12 -7.17
N ARG C 120 -35.00 20.67 -6.16
CA ARG C 120 -36.41 21.08 -5.89
C ARG C 120 -36.45 22.05 -4.67
N GLY C 121 -35.47 21.96 -3.77
CA GLY C 121 -35.46 22.87 -2.62
C GLY C 121 -36.57 22.61 -1.63
N THR C 122 -36.86 21.35 -1.38
CA THR C 122 -37.86 20.89 -0.48
C THR C 122 -37.35 19.84 0.49
N MET C 123 -38.21 19.47 1.40
CA MET C 123 -38.08 18.24 2.17
C MET C 123 -38.32 17.05 1.25
N GLN C 124 -38.06 15.82 1.74
CA GLN C 124 -38.36 14.64 0.91
C GLN C 124 -39.81 14.58 0.50
N ASP C 125 -40.73 15.10 1.32
CA ASP C 125 -42.16 15.06 0.96
C ASP C 125 -42.63 16.11 0.00
N GLY C 126 -41.72 16.91 -0.57
CA GLY C 126 -42.09 17.92 -1.50
C GLY C 126 -42.55 19.24 -0.97
N THR C 127 -42.51 19.42 0.35
CA THR C 127 -42.97 20.62 1.00
C THR C 127 -41.82 21.29 1.77
N SER C 128 -42.09 22.49 2.25
CA SER C 128 -41.10 23.26 3.01
C SER C 128 -41.57 23.45 4.45
N ARG C 129 -40.61 23.52 5.36
CA ARG C 129 -40.86 23.77 6.77
C ARG C 129 -40.64 25.24 7.14
N PHE C 130 -40.29 26.10 6.20
CA PHE C 130 -39.90 27.48 6.43
C PHE C 130 -40.94 28.42 5.85
N THR C 131 -41.30 29.45 6.63
CA THR C 131 -42.12 30.55 6.16
C THR C 131 -41.43 31.86 6.53
N CYS C 132 -41.49 32.87 5.66
CA CYS C 132 -40.94 34.18 5.87
C CYS C 132 -41.77 35.19 5.13
N ARG C 133 -42.23 36.22 5.83
CA ARG C 133 -43.15 37.20 5.24
C ARG C 133 -44.39 36.55 4.67
N GLY C 134 -44.86 35.49 5.34
CA GLY C 134 -46.05 34.76 4.91
C GLY C 134 -45.82 33.86 3.67
N LYS C 135 -44.57 33.72 3.23
CA LYS C 135 -44.28 33.01 1.99
C LYS C 135 -43.44 31.79 2.28
N PRO C 136 -43.70 30.63 1.62
CA PRO C 136 -42.79 29.50 1.73
C PRO C 136 -41.39 29.81 1.21
N ILE C 137 -40.39 29.30 1.92
CA ILE C 137 -38.99 29.51 1.58
C ILE C 137 -38.38 28.13 1.28
N HIS C 138 -37.58 28.04 0.23
CA HIS C 138 -36.99 26.75 -0.10
C HIS C 138 -35.90 26.34 0.86
N HIS C 139 -35.79 25.02 0.98
CA HIS C 139 -34.62 24.37 1.59
C HIS C 139 -33.47 24.29 0.59
N PHE C 140 -32.27 23.96 1.08
CA PHE C 140 -31.07 23.80 0.28
C PHE C 140 -30.42 22.48 0.59
N LEU C 141 -30.38 21.58 -0.38
CA LEU C 141 -29.74 20.26 -0.24
C LEU C 141 -30.27 19.51 0.96
N GLY C 142 -31.54 19.71 1.30
CA GLY C 142 -32.10 19.07 2.47
C GLY C 142 -31.40 19.39 3.79
N THR C 143 -30.69 20.52 3.88
CA THR C 143 -29.98 20.92 5.07
C THR C 143 -30.44 22.28 5.57
N SER C 144 -30.15 23.34 4.89
CA SER C 144 -30.56 24.71 5.25
C SER C 144 -30.04 25.09 6.63
N THR C 145 -28.77 25.36 6.73
CA THR C 145 -28.13 25.55 8.05
C THR C 145 -27.93 27.01 8.41
N PHE C 146 -28.30 27.96 7.53
CA PHE C 146 -28.21 29.40 7.82
C PHE C 146 -29.48 29.86 8.53
N SER C 147 -29.76 29.22 9.65
CA SER C 147 -30.95 29.45 10.45
C SER C 147 -30.71 29.00 11.83
N GLN C 148 -31.29 29.68 12.82
CA GLN C 148 -31.11 29.23 14.20
C GLN C 148 -31.69 27.83 14.43
N TYR C 149 -32.74 27.46 13.68
CA TYR C 149 -33.33 26.13 13.71
C TYR C 149 -33.62 25.69 12.28
N THR C 150 -33.41 24.42 11.99
CA THR C 150 -33.76 23.84 10.73
C THR C 150 -34.47 22.51 10.94
N VAL C 151 -35.10 22.03 9.87
CA VAL C 151 -35.71 20.72 9.88
C VAL C 151 -35.15 19.90 8.70
N VAL C 152 -34.72 18.67 8.98
CA VAL C 152 -34.12 17.80 7.99
C VAL C 152 -34.77 16.43 8.08
N ASP C 153 -34.73 15.73 6.95
CA ASP C 153 -35.14 14.35 6.93
C ASP C 153 -34.13 13.51 7.68
N GLU C 154 -34.58 12.38 8.28
CA GLU C 154 -33.69 11.54 9.09
C GLU C 154 -32.50 11.00 8.25
N ILE C 155 -32.74 10.75 6.96
CA ILE C 155 -31.69 10.24 6.11
C ILE C 155 -30.58 11.30 5.81
N SER C 156 -30.83 12.53 6.19
CA SER C 156 -29.92 13.68 6.05
C SER C 156 -29.35 14.17 7.36
N VAL C 157 -29.29 13.30 8.38
CA VAL C 157 -28.64 13.69 9.63
C VAL C 157 -27.86 12.54 10.21
N ALA C 158 -26.71 12.83 10.81
CA ALA C 158 -25.90 11.82 11.55
C ALA C 158 -25.66 12.31 12.97
N LYS C 159 -25.87 11.39 13.91
CA LYS C 159 -25.46 11.55 15.27
C LYS C 159 -23.97 11.45 15.46
N ILE C 160 -23.37 12.34 16.25
CA ILE C 160 -21.95 12.38 16.43
C ILE C 160 -21.64 12.35 17.93
N ASP C 161 -20.36 12.23 18.24
CA ASP C 161 -19.91 12.12 19.63
C ASP C 161 -20.46 13.28 20.49
N ALA C 162 -21.06 12.94 21.65
CA ALA C 162 -21.59 13.93 22.57
C ALA C 162 -20.56 14.95 23.08
N ALA C 163 -19.28 14.58 23.02
CA ALA C 163 -18.19 15.49 23.44
C ALA C 163 -17.55 16.34 22.34
N SER C 164 -18.09 16.29 21.11
CA SER C 164 -17.59 16.96 19.92
C SER C 164 -17.59 18.48 20.03
N PRO C 165 -16.48 19.20 19.65
CA PRO C 165 -16.50 20.69 19.56
C PRO C 165 -17.15 21.14 18.28
N LEU C 166 -18.39 21.53 18.40
CA LEU C 166 -19.25 21.76 17.20
C LEU C 166 -18.72 22.87 16.31
N GLU C 167 -18.03 23.82 16.92
CA GLU C 167 -17.47 24.96 16.19
C GLU C 167 -16.28 24.54 15.30
N LYS C 168 -15.79 23.34 15.46
CA LYS C 168 -14.77 22.74 14.57
C LYS C 168 -15.34 21.66 13.65
N VAL C 169 -16.11 20.72 14.23
CA VAL C 169 -16.53 19.53 13.48
C VAL C 169 -17.59 19.83 12.45
N CYS C 170 -18.20 20.98 12.48
CA CYS C 170 -19.07 21.41 11.38
C CYS C 170 -18.36 21.23 10.01
N LEU C 171 -17.01 21.35 9.94
CA LEU C 171 -16.32 21.19 8.65
C LEU C 171 -16.34 19.82 8.13
N ILE C 172 -16.58 18.83 9.00
CA ILE C 172 -16.81 17.45 8.56
C ILE C 172 -18.07 17.30 7.73
N GLY C 173 -19.01 18.21 7.93
CA GLY C 173 -20.21 18.24 7.10
C GLY C 173 -19.98 18.64 5.66
N CYS C 174 -18.83 19.21 5.33
CA CYS C 174 -18.58 19.42 3.93
C CYS C 174 -17.12 19.48 3.56
N GLY C 175 -16.47 20.60 3.85
CA GLY C 175 -15.22 20.87 3.12
C GLY C 175 -14.08 19.92 3.51
N PHE C 176 -13.92 19.61 4.79
CA PHE C 176 -12.85 18.71 5.20
C PHE C 176 -13.08 17.34 4.55
N SER C 177 -14.25 16.76 4.79
CA SER C 177 -14.50 15.42 4.35
C SER C 177 -14.38 15.27 2.84
N THR C 178 -14.91 16.29 2.10
CA THR C 178 -14.83 16.29 0.67
C THR C 178 -13.37 16.19 0.21
N GLY C 179 -12.53 17.10 0.70
CA GLY C 179 -11.18 17.10 0.20
C GLY C 179 -10.39 15.86 0.65
N TYR C 180 -10.52 15.51 1.93
CA TYR C 180 -9.76 14.39 2.48
C TYR C 180 -10.15 13.10 1.75
N GLY C 181 -11.47 12.87 1.57
CA GLY C 181 -11.92 11.69 0.88
C GLY C 181 -11.57 11.66 -0.59
N SER C 182 -11.57 12.82 -1.26
CA SER C 182 -11.16 12.85 -2.65
C SER C 182 -9.76 12.27 -2.82
N ALA C 183 -8.85 12.56 -1.85
CA ALA C 183 -7.51 11.97 -1.86
C ALA C 183 -7.52 10.52 -1.47
N VAL C 184 -8.05 10.23 -0.27
CA VAL C 184 -7.84 8.88 0.29
C VAL C 184 -8.78 7.82 -0.20
N LYS C 185 -9.97 8.19 -0.63
CA LYS C 185 -10.97 7.26 -1.05
C LYS C 185 -11.22 7.22 -2.56
N VAL C 186 -11.30 8.40 -3.19
CA VAL C 186 -11.61 8.48 -4.59
C VAL C 186 -10.38 8.23 -5.42
N ALA C 187 -9.35 9.06 -5.25
CA ALA C 187 -8.07 8.90 -5.98
C ALA C 187 -7.33 7.67 -5.49
N LYS C 188 -7.40 7.40 -4.17
CA LYS C 188 -6.56 6.35 -3.53
C LYS C 188 -5.09 6.65 -3.75
N VAL C 189 -4.67 7.83 -3.34
CA VAL C 189 -3.28 8.22 -3.43
C VAL C 189 -2.41 7.17 -2.78
N THR C 190 -1.27 6.92 -3.42
CA THR C 190 -0.27 5.91 -2.95
C THR C 190 0.94 6.53 -2.30
N GLN C 191 1.53 5.75 -1.43
CA GLN C 191 2.76 6.13 -0.79
C GLN C 191 3.85 6.38 -1.81
N GLY C 192 4.57 7.48 -1.63
CA GLY C 192 5.70 7.84 -2.48
C GLY C 192 5.30 8.58 -3.77
N SER C 193 4.02 8.84 -3.98
CA SER C 193 3.52 9.46 -5.22
C SER C 193 3.69 10.98 -5.25
N THR C 194 3.50 11.53 -6.45
CA THR C 194 3.47 12.95 -6.66
C THR C 194 2.05 13.36 -7.00
N CYS C 195 1.54 14.33 -6.23
CA CYS C 195 0.22 14.87 -6.36
C CYS C 195 0.28 16.36 -6.72
N ALA C 196 -0.71 16.80 -7.50
CA ALA C 196 -0.90 18.22 -7.77
C ALA C 196 -2.33 18.59 -7.35
N VAL C 197 -2.45 19.68 -6.60
CA VAL C 197 -3.76 20.11 -6.07
C VAL C 197 -4.02 21.52 -6.59
N PHE C 198 -5.02 21.66 -7.45
CA PHE C 198 -5.40 22.95 -7.99
C PHE C 198 -6.45 23.56 -7.15
N GLY C 199 -6.13 24.68 -6.47
CA GLY C 199 -7.05 25.38 -5.60
C GLY C 199 -6.67 25.07 -4.17
N LEU C 200 -6.32 26.11 -3.39
CA LEU C 200 -5.86 25.97 -2.04
C LEU C 200 -6.76 26.66 -1.02
N GLY C 201 -8.07 26.51 -1.22
CA GLY C 201 -9.05 26.89 -0.25
C GLY C 201 -9.29 25.74 0.71
N GLY C 202 -10.35 25.85 1.50
CA GLY C 202 -10.56 24.84 2.49
C GLY C 202 -10.63 23.43 1.97
N VAL C 203 -11.25 23.24 0.82
CA VAL C 203 -11.37 21.92 0.29
C VAL C 203 -9.98 21.42 -0.22
N GLY C 204 -9.24 22.29 -0.95
CA GLY C 204 -7.95 21.90 -1.41
C GLY C 204 -6.93 21.62 -0.34
N LEU C 205 -6.98 22.42 0.74
CA LEU C 205 -6.18 22.14 1.93
C LEU C 205 -6.48 20.78 2.50
N SER C 206 -7.77 20.39 2.48
CA SER C 206 -8.16 19.09 2.99
C SER C 206 -7.69 17.96 2.04
N VAL C 207 -7.68 18.20 0.74
CA VAL C 207 -7.05 17.28 -0.20
C VAL C 207 -5.57 17.10 0.14
N ILE C 208 -4.85 18.20 0.40
CA ILE C 208 -3.47 18.08 0.78
C ILE C 208 -3.33 17.21 2.03
N MET C 209 -4.19 17.48 3.04
CA MET C 209 -4.14 16.62 4.22
C MET C 209 -4.29 15.18 3.94
N GLY C 210 -5.18 14.85 3.01
CA GLY C 210 -5.37 13.47 2.64
C GLY C 210 -4.19 12.88 1.86
N CYS C 211 -3.58 13.66 0.98
CA CYS C 211 -2.40 13.18 0.23
C CYS C 211 -1.23 12.90 1.20
N LYS C 212 -1.11 13.76 2.19
CA LYS C 212 -0.08 13.60 3.24
C LYS C 212 -0.36 12.35 4.04
N ALA C 213 -1.61 12.16 4.42
CA ALA C 213 -1.97 10.97 5.21
C ALA C 213 -1.71 9.68 4.47
N ALA C 214 -1.84 9.73 3.15
CA ALA C 214 -1.59 8.64 2.23
C ALA C 214 -0.11 8.42 1.94
N GLY C 215 0.75 9.34 2.40
CA GLY C 215 2.16 9.18 2.27
C GLY C 215 2.73 9.66 0.95
N ALA C 216 2.07 10.57 0.27
CA ALA C 216 2.64 11.13 -0.96
C ALA C 216 4.04 11.71 -0.66
N ALA C 217 4.99 11.50 -1.56
CA ALA C 217 6.30 12.12 -1.43
C ALA C 217 6.29 13.59 -1.83
N ARG C 218 5.48 13.99 -2.81
CA ARG C 218 5.46 15.35 -3.25
C ARG C 218 4.01 15.73 -3.44
N ILE C 219 3.70 16.91 -2.97
CA ILE C 219 2.35 17.50 -3.04
C ILE C 219 2.51 18.95 -3.50
N ILE C 220 2.14 19.19 -4.74
CA ILE C 220 2.37 20.48 -5.40
C ILE C 220 1.05 21.22 -5.35
N GLY C 221 0.99 22.33 -4.63
CA GLY C 221 -0.16 23.14 -4.64
C GLY C 221 -0.13 24.18 -5.72
N VAL C 222 -1.27 24.44 -6.34
CA VAL C 222 -1.38 25.36 -7.45
C VAL C 222 -2.48 26.36 -7.15
N ASP C 223 -2.18 27.66 -7.12
CA ASP C 223 -3.15 28.69 -6.90
C ASP C 223 -2.65 29.97 -7.50
N ILE C 224 -3.57 30.77 -8.04
CA ILE C 224 -3.21 32.09 -8.53
C ILE C 224 -3.08 33.14 -7.44
N ASN C 225 -3.47 32.82 -6.20
CA ASN C 225 -3.37 33.69 -5.06
C ASN C 225 -2.24 33.18 -4.20
N LYS C 226 -1.06 33.77 -4.35
CA LYS C 226 0.10 33.33 -3.59
C LYS C 226 -0.03 33.46 -2.08
N ASP C 227 -1.00 34.24 -1.59
CA ASP C 227 -1.23 34.33 -0.17
C ASP C 227 -1.69 33.00 0.43
N LYS C 228 -2.13 32.07 -0.43
CA LYS C 228 -2.61 30.75 0.00
C LYS C 228 -1.52 29.80 0.26
N PHE C 229 -0.28 30.12 -0.15
CA PHE C 229 0.80 29.17 -0.14
C PHE C 229 1.32 28.77 1.22
N ALA C 230 1.41 29.76 2.13
CA ALA C 230 2.00 29.49 3.43
C ALA C 230 1.18 28.40 4.16
N LYS C 231 -0.16 28.55 4.18
CA LYS C 231 -0.97 27.56 4.82
C LYS C 231 -0.93 26.20 4.13
N ALA C 232 -0.86 26.22 2.80
CA ALA C 232 -0.77 24.95 2.06
C ALA C 232 0.51 24.18 2.46
N LYS C 233 1.62 24.89 2.59
CA LYS C 233 2.88 24.25 3.05
C LYS C 233 2.73 23.77 4.51
N GLU C 234 2.09 24.57 5.36
CA GLU C 234 1.90 24.14 6.73
C GLU C 234 1.16 22.79 6.85
N VAL C 235 0.20 22.53 5.99
CA VAL C 235 -0.60 21.32 6.08
C VAL C 235 -0.06 20.18 5.22
N GLY C 236 1.04 20.39 4.47
CA GLY C 236 1.68 19.28 3.81
C GLY C 236 2.19 19.48 2.39
N ALA C 237 1.90 20.64 1.78
CA ALA C 237 2.37 20.86 0.40
C ALA C 237 3.91 20.93 0.47
N THR C 238 4.58 20.26 -0.46
CA THR C 238 6.03 20.34 -0.58
C THR C 238 6.47 21.53 -1.41
N GLU C 239 5.63 21.99 -2.34
CA GLU C 239 5.97 23.04 -3.30
C GLU C 239 4.65 23.71 -3.63
N CYS C 240 4.70 24.99 -3.93
CA CYS C 240 3.59 25.69 -4.50
C CYS C 240 3.99 26.46 -5.72
N VAL C 241 3.07 26.52 -6.68
CA VAL C 241 3.25 27.17 -7.95
C VAL C 241 2.09 28.04 -8.27
N ASN C 242 2.41 29.27 -8.72
CA ASN C 242 1.44 30.21 -9.17
C ASN C 242 1.53 30.29 -10.71
N PRO C 243 0.49 29.82 -11.42
CA PRO C 243 0.54 29.90 -12.88
C PRO C 243 0.93 31.23 -13.51
N GLN C 244 0.60 32.33 -12.85
CA GLN C 244 0.90 33.68 -13.35
C GLN C 244 2.38 33.98 -13.35
N ASP C 245 3.19 33.16 -12.70
CA ASP C 245 4.60 33.41 -12.63
C ASP C 245 5.34 32.87 -13.87
N TYR C 246 4.66 32.12 -14.73
CA TYR C 246 5.32 31.39 -15.81
C TYR C 246 4.92 31.89 -17.17
N LYS C 247 5.82 31.75 -18.14
CA LYS C 247 5.61 32.07 -19.53
C LYS C 247 5.00 30.99 -20.41
N LYS C 248 4.75 29.84 -19.84
CA LYS C 248 4.12 28.67 -20.47
C LYS C 248 2.95 28.17 -19.65
N PRO C 249 2.04 27.36 -20.26
CA PRO C 249 0.90 26.77 -19.54
C PRO C 249 1.30 25.94 -18.36
N ILE C 250 0.52 26.01 -17.29
CA ILE C 250 0.91 25.31 -16.08
C ILE C 250 0.93 23.81 -16.24
N GLN C 251 0.14 23.20 -17.10
CA GLN C 251 0.29 21.75 -17.31
C GLN C 251 1.68 21.36 -17.80
N GLU C 252 2.27 22.18 -18.66
CA GLU C 252 3.65 21.99 -19.12
C GLU C 252 4.63 22.09 -17.95
N VAL C 253 4.46 23.16 -17.18
CA VAL C 253 5.26 23.36 -15.97
C VAL C 253 5.19 22.14 -15.05
N LEU C 254 3.98 21.67 -14.76
CA LEU C 254 3.81 20.55 -13.87
C LEU C 254 4.33 19.24 -14.40
N THR C 255 4.16 19.03 -15.70
CA THR C 255 4.70 17.82 -16.35
C THR C 255 6.24 17.80 -16.27
N GLU C 256 6.87 18.98 -16.50
CA GLU C 256 8.34 19.08 -16.35
C GLU C 256 8.79 18.81 -14.89
N MET C 257 8.08 19.44 -13.95
CA MET C 257 8.45 19.33 -12.54
C MET C 257 8.33 17.90 -12.00
N SER C 258 7.41 17.14 -12.58
CA SER C 258 7.15 15.76 -12.16
C SER C 258 7.84 14.72 -13.06
N ASN C 259 8.74 15.17 -13.93
CA ASN C 259 9.47 14.27 -14.80
C ASN C 259 8.57 13.39 -15.63
N GLY C 260 7.57 14.08 -16.18
CA GLY C 260 6.67 13.47 -17.15
C GLY C 260 5.20 13.33 -16.78
N GLY C 261 4.78 14.00 -15.71
CA GLY C 261 3.39 14.03 -15.30
C GLY C 261 3.24 13.51 -13.90
N VAL C 262 2.22 13.97 -13.20
CA VAL C 262 2.01 13.60 -11.81
C VAL C 262 1.21 12.29 -11.71
N ASP C 263 1.28 11.62 -10.56
CA ASP C 263 0.52 10.42 -10.33
C ASP C 263 -0.94 10.74 -10.12
N PHE C 264 -1.25 11.80 -9.37
CA PHE C 264 -2.64 12.15 -9.00
C PHE C 264 -2.77 13.66 -9.12
N SER C 265 -3.86 14.12 -9.76
CA SER C 265 -4.18 15.52 -9.78
C SER C 265 -5.59 15.74 -9.30
N PHE C 266 -5.85 16.93 -8.79
CA PHE C 266 -7.15 17.28 -8.22
C PHE C 266 -7.55 18.66 -8.65
N GLU C 267 -8.75 18.81 -9.22
CA GLU C 267 -9.28 20.13 -9.53
C GLU C 267 -10.20 20.50 -8.40
N VAL C 268 -9.83 21.54 -7.63
CA VAL C 268 -10.52 21.92 -6.39
C VAL C 268 -10.85 23.41 -6.46
N ILE C 269 -11.32 23.85 -7.63
CA ILE C 269 -11.63 25.26 -7.90
C ILE C 269 -13.07 25.36 -8.40
N GLY C 270 -13.37 24.70 -9.50
CA GLY C 270 -14.69 24.87 -10.18
C GLY C 270 -14.62 25.62 -11.48
N ARG C 271 -13.57 25.41 -12.25
CA ARG C 271 -13.43 26.02 -13.58
C ARG C 271 -13.21 24.96 -14.62
N LEU C 272 -13.88 25.13 -15.75
CA LEU C 272 -13.73 24.16 -16.82
C LEU C 272 -12.32 24.06 -17.30
N ASP C 273 -11.65 25.19 -17.47
CA ASP C 273 -10.29 25.16 -17.99
C ASP C 273 -9.31 24.43 -17.08
N THR C 274 -9.40 24.62 -15.77
CA THR C 274 -8.53 23.95 -14.82
C THR C 274 -8.86 22.45 -14.75
N MET C 275 -10.10 22.09 -15.01
CA MET C 275 -10.39 20.65 -15.02
C MET C 275 -9.58 19.95 -16.11
N VAL C 276 -9.55 20.58 -17.31
CA VAL C 276 -8.78 20.02 -18.42
C VAL C 276 -7.26 20.07 -18.18
N THR C 277 -6.80 21.21 -17.62
CA THR C 277 -5.42 21.38 -17.28
C THR C 277 -4.98 20.30 -16.24
N ALA C 278 -5.81 20.08 -15.22
CA ALA C 278 -5.48 19.08 -14.22
C ALA C 278 -5.44 17.65 -14.79
N LEU C 279 -6.32 17.35 -15.72
CA LEU C 279 -6.26 16.07 -16.38
C LEU C 279 -4.93 15.93 -17.14
N SER C 280 -4.63 16.97 -17.92
CA SER C 280 -3.46 16.94 -18.78
C SER C 280 -2.15 16.77 -17.98
N CYS C 281 -2.08 17.32 -16.77
CA CYS C 281 -0.83 17.27 -16.04
C CYS C 281 -0.57 15.94 -15.39
N CYS C 282 -1.59 15.04 -15.28
CA CYS C 282 -1.31 13.73 -14.79
C CYS C 282 -0.66 12.86 -15.90
N GLN C 283 0.17 11.90 -15.48
CA GLN C 283 0.96 11.12 -16.39
C GLN C 283 0.06 10.40 -17.36
N GLU C 284 0.43 10.49 -18.65
CA GLU C 284 -0.47 10.08 -19.70
C GLU C 284 -0.89 8.62 -19.73
N ALA C 285 -0.04 7.76 -19.21
CA ALA C 285 -0.25 6.30 -19.22
C ALA C 285 -0.93 5.76 -17.97
N TYR C 286 -0.69 6.35 -16.81
CA TYR C 286 -1.20 5.80 -15.56
C TYR C 286 -1.70 6.85 -14.56
N GLY C 287 -1.71 8.14 -14.96
CA GLY C 287 -2.23 9.19 -14.09
C GLY C 287 -3.69 9.12 -13.80
N VAL C 288 -4.08 9.67 -12.67
CA VAL C 288 -5.47 9.78 -12.22
C VAL C 288 -5.77 11.25 -11.91
N SER C 289 -6.87 11.78 -12.40
CA SER C 289 -7.32 13.12 -12.09
C SER C 289 -8.70 13.10 -11.53
N VAL C 290 -8.91 13.80 -10.42
CA VAL C 290 -10.22 13.85 -9.74
C VAL C 290 -10.77 15.28 -9.78
N ILE C 291 -11.98 15.42 -10.30
CA ILE C 291 -12.73 16.66 -10.27
C ILE C 291 -13.48 16.76 -8.96
N VAL C 292 -13.18 17.83 -8.19
CA VAL C 292 -13.84 18.16 -6.95
C VAL C 292 -14.66 19.45 -7.09
N GLY C 293 -14.11 20.45 -7.75
CA GLY C 293 -14.77 21.72 -7.87
C GLY C 293 -16.03 21.65 -8.71
N VAL C 294 -16.96 22.57 -8.41
CA VAL C 294 -18.26 22.64 -9.08
C VAL C 294 -18.21 23.83 -10.06
N PRO C 295 -18.34 23.56 -11.36
CA PRO C 295 -18.30 24.62 -12.38
C PRO C 295 -19.64 25.23 -12.61
N PRO C 296 -19.65 26.33 -13.37
CA PRO C 296 -20.90 26.99 -13.62
C PRO C 296 -21.95 26.10 -14.30
N ASP C 297 -23.19 26.32 -13.93
CA ASP C 297 -24.28 25.49 -14.31
C ASP C 297 -24.41 25.45 -15.84
N SER C 298 -24.59 24.22 -16.32
CA SER C 298 -24.99 23.92 -17.69
C SER C 298 -23.90 24.15 -18.70
N GLN C 299 -22.68 24.44 -18.28
CA GLN C 299 -21.61 24.72 -19.22
C GLN C 299 -20.78 23.46 -19.48
N ASN C 300 -20.44 23.21 -20.75
CA ASN C 300 -19.65 22.04 -21.12
C ASN C 300 -18.22 22.39 -21.28
N LEU C 301 -17.34 21.49 -20.93
CA LEU C 301 -15.90 21.64 -21.28
C LEU C 301 -15.64 20.98 -22.61
N SER C 302 -14.49 21.31 -23.16
CA SER C 302 -14.02 20.76 -24.40
C SER C 302 -12.66 20.09 -24.16
N MET C 303 -12.49 18.84 -24.62
CA MET C 303 -11.24 18.14 -24.41
C MET C 303 -11.04 17.11 -25.51
N ASN C 304 -9.79 16.77 -25.69
CA ASN C 304 -9.41 15.77 -26.69
C ASN C 304 -9.36 14.39 -26.00
N PRO C 305 -10.15 13.43 -26.47
CA PRO C 305 -10.15 12.12 -25.80
C PRO C 305 -8.85 11.34 -25.93
N MET C 306 -7.92 11.77 -26.77
CA MET C 306 -6.59 11.21 -26.73
C MET C 306 -5.94 11.30 -25.37
N LEU C 307 -6.37 12.28 -24.56
CA LEU C 307 -5.83 12.36 -23.19
C LEU C 307 -6.16 11.10 -22.36
N LEU C 308 -7.33 10.52 -22.63
CA LEU C 308 -7.77 9.33 -21.93
C LEU C 308 -7.25 8.05 -22.60
N LEU C 309 -7.20 8.02 -23.95
CA LEU C 309 -6.82 6.81 -24.71
C LEU C 309 -5.43 6.32 -24.32
N SER C 310 -4.53 7.23 -23.95
CA SER C 310 -3.18 6.79 -23.55
C SER C 310 -3.13 6.02 -22.24
N GLY C 311 -4.16 6.21 -21.41
CA GLY C 311 -4.23 5.51 -20.16
C GLY C 311 -4.71 6.28 -18.96
N ARG C 312 -4.88 7.58 -19.03
CA ARG C 312 -5.36 8.34 -17.91
C ARG C 312 -6.76 7.90 -17.46
N THR C 313 -6.99 8.12 -16.16
CA THR C 313 -8.32 7.93 -15.53
C THR C 313 -8.82 9.28 -15.01
N TRP C 314 -10.05 9.62 -15.32
CA TRP C 314 -10.71 10.81 -14.91
C TRP C 314 -11.94 10.50 -14.11
N LYS C 315 -12.06 11.06 -12.92
CA LYS C 315 -13.23 10.83 -12.13
C LYS C 315 -13.65 12.03 -11.38
N GLY C 316 -14.83 12.01 -10.83
CA GLY C 316 -15.25 13.02 -9.92
C GLY C 316 -15.95 12.41 -8.75
N ALA C 317 -16.30 13.24 -7.78
CA ALA C 317 -17.03 12.79 -6.63
C ALA C 317 -17.70 13.88 -5.88
N ILE C 318 -18.81 13.54 -5.23
CA ILE C 318 -19.43 14.37 -4.24
C ILE C 318 -19.04 13.96 -2.83
N PHE C 319 -18.73 14.88 -1.95
CA PHE C 319 -18.49 14.55 -0.54
C PHE C 319 -17.36 13.54 -0.37
N GLY C 320 -16.32 13.62 -1.20
CA GLY C 320 -15.17 12.77 -0.98
C GLY C 320 -15.39 11.31 -1.20
N GLY C 321 -16.50 10.95 -1.83
CA GLY C 321 -16.89 9.59 -2.00
C GLY C 321 -17.45 8.91 -0.75
N PHE C 322 -17.57 9.62 0.35
CA PHE C 322 -18.01 9.01 1.62
C PHE C 322 -19.53 8.74 1.58
N LYS C 323 -19.92 7.53 1.97
CA LYS C 323 -21.36 7.28 2.34
C LYS C 323 -21.66 8.06 3.61
N SER C 324 -22.55 9.06 3.48
CA SER C 324 -22.51 10.16 4.42
C SER C 324 -22.84 9.80 5.88
N LYS C 325 -23.93 9.06 6.07
CA LYS C 325 -24.40 8.78 7.45
C LYS C 325 -23.47 7.76 8.16
N ASP C 326 -22.91 6.81 7.39
CA ASP C 326 -21.94 5.90 7.94
C ASP C 326 -20.65 6.64 8.28
N SER C 327 -20.22 7.57 7.42
CA SER C 327 -18.86 8.09 7.50
C SER C 327 -18.71 9.27 8.47
N VAL C 328 -19.69 10.16 8.54
CA VAL C 328 -19.56 11.36 9.34
C VAL C 328 -19.23 11.05 10.81
N PRO C 329 -19.95 10.10 11.44
CA PRO C 329 -19.61 9.82 12.87
C PRO C 329 -18.22 9.28 13.03
N LYS C 330 -17.76 8.48 12.08
CA LYS C 330 -16.42 7.92 12.10
C LYS C 330 -15.38 9.01 11.91
N LEU C 331 -15.64 9.97 11.02
CA LEU C 331 -14.70 11.06 10.80
C LEU C 331 -14.64 11.92 12.06
N VAL C 332 -15.76 12.19 12.74
CA VAL C 332 -15.72 12.93 13.99
C VAL C 332 -14.93 12.14 15.05
N ALA C 333 -15.15 10.83 15.14
CA ALA C 333 -14.37 10.01 16.06
C ALA C 333 -12.84 10.11 15.75
N ASP C 334 -12.49 10.05 14.47
CA ASP C 334 -11.09 10.21 14.06
C ASP C 334 -10.50 11.57 14.42
N PHE C 335 -11.32 12.64 14.27
CA PHE C 335 -10.92 13.97 14.73
C PHE C 335 -10.64 13.95 16.24
N MET C 336 -11.55 13.34 17.00
CA MET C 336 -11.39 13.31 18.43
C MET C 336 -10.15 12.49 18.86
N ALA C 337 -9.72 11.55 18.03
CA ALA C 337 -8.52 10.77 18.19
C ALA C 337 -7.29 11.41 17.50
N LYS C 338 -7.36 12.68 17.10
CA LYS C 338 -6.26 13.43 16.59
C LYS C 338 -5.70 12.84 15.31
N LYS C 339 -6.56 12.23 14.47
CA LYS C 339 -6.05 11.68 13.22
C LYS C 339 -5.85 12.74 12.15
N PHE C 340 -6.54 13.90 12.27
CA PHE C 340 -6.38 15.01 11.36
C PHE C 340 -6.65 16.25 12.14
N ALA C 341 -6.35 17.39 11.52
CA ALA C 341 -6.48 18.71 12.13
C ALA C 341 -7.51 19.56 11.40
N LEU C 342 -8.36 20.27 12.15
CA LEU C 342 -9.34 21.20 11.56
C LEU C 342 -8.98 22.66 11.76
N ASP C 343 -8.27 22.97 12.86
CA ASP C 343 -7.90 24.34 13.14
C ASP C 343 -7.23 25.04 12.00
N PRO C 344 -6.34 24.33 11.22
CA PRO C 344 -5.71 25.07 10.11
C PRO C 344 -6.68 25.60 9.07
N LEU C 345 -7.88 25.06 8.97
CA LEU C 345 -8.89 25.49 8.03
C LEU C 345 -9.66 26.71 8.50
N ILE C 346 -9.64 26.98 9.82
CA ILE C 346 -10.49 28.00 10.42
C ILE C 346 -9.69 29.26 10.59
N THR C 347 -9.99 30.27 9.79
CA THR C 347 -9.25 31.51 9.79
C THR C 347 -9.98 32.66 10.42
N HIS C 348 -11.31 32.60 10.52
CA HIS C 348 -12.14 33.64 10.98
C HIS C 348 -13.31 33.05 11.72
N VAL C 349 -13.74 33.74 12.76
CA VAL C 349 -14.96 33.36 13.51
C VAL C 349 -15.82 34.64 13.69
N LEU C 350 -17.13 34.49 13.42
CA LEU C 350 -18.06 35.59 13.52
C LEU C 350 -19.36 35.12 14.09
N PRO C 351 -20.17 36.01 14.67
CA PRO C 351 -21.52 35.63 14.98
C PRO C 351 -22.37 35.48 13.70
N PHE C 352 -23.39 34.65 13.80
CA PHE C 352 -24.29 34.39 12.67
C PHE C 352 -24.83 35.66 12.01
N GLU C 353 -25.10 36.68 12.84
CA GLU C 353 -25.68 37.89 12.31
C GLU C 353 -24.70 38.63 11.35
N LYS C 354 -23.40 38.31 11.41
CA LYS C 354 -22.38 38.86 10.52
C LYS C 354 -22.11 37.95 9.32
N ILE C 355 -23.10 37.15 8.94
CA ILE C 355 -22.98 36.28 7.75
C ILE C 355 -22.50 37.02 6.48
N ASN C 356 -23.02 38.21 6.21
CA ASN C 356 -22.61 38.90 4.99
C ASN C 356 -21.12 39.30 5.04
N GLU C 357 -20.65 39.75 6.20
CA GLU C 357 -19.22 39.98 6.39
C GLU C 357 -18.39 38.71 6.13
N GLY C 358 -18.90 37.56 6.56
CA GLY C 358 -18.25 36.28 6.32
C GLY C 358 -18.14 35.94 4.83
N PHE C 359 -19.20 36.22 4.09
CA PHE C 359 -19.11 36.01 2.64
C PHE C 359 -18.16 37.02 1.98
N ASP C 360 -18.15 38.26 2.48
CA ASP C 360 -17.20 39.24 1.94
C ASP C 360 -15.75 38.78 2.16
N LEU C 361 -15.45 38.17 3.30
CA LEU C 361 -14.12 37.65 3.54
C LEU C 361 -13.73 36.53 2.57
N LEU C 362 -14.68 35.63 2.30
CA LEU C 362 -14.40 34.56 1.33
C LEU C 362 -14.15 35.17 -0.07
N ARG C 363 -15.05 36.08 -0.48
CA ARG C 363 -14.94 36.68 -1.82
C ARG C 363 -13.64 37.51 -2.04
N SER C 364 -13.13 38.09 -0.97
CA SER C 364 -11.92 38.90 -1.05
C SER C 364 -10.65 38.12 -1.20
N GLY C 365 -10.74 36.80 -0.94
CA GLY C 365 -9.57 35.94 -0.90
C GLY C 365 -8.92 35.80 0.46
N GLU C 366 -9.41 36.57 1.47
CA GLU C 366 -8.72 36.60 2.75
C GLU C 366 -8.93 35.37 3.61
N SER C 367 -10.09 34.74 3.55
CA SER C 367 -10.41 33.61 4.45
C SER C 367 -10.20 32.25 3.77
N ILE C 368 -10.09 31.23 4.62
CA ILE C 368 -10.29 29.85 4.27
C ILE C 368 -11.69 29.51 4.71
N ARG C 369 -11.89 29.09 5.98
CA ARG C 369 -13.22 29.01 6.50
C ARG C 369 -13.47 30.02 7.59
N THR C 370 -14.61 30.70 7.44
CA THR C 370 -15.22 31.45 8.52
C THR C 370 -16.30 30.55 9.12
N ILE C 371 -16.25 30.42 10.43
CA ILE C 371 -17.29 29.69 11.18
C ILE C 371 -18.20 30.69 11.89
N LEU C 372 -19.51 30.56 11.64
CA LEU C 372 -20.53 31.42 12.24
C LEU C 372 -21.07 30.76 13.50
N THR C 373 -21.15 31.52 14.59
CA THR C 373 -21.68 31.03 15.86
C THR C 373 -23.08 31.56 16.05
N PHE C 374 -23.95 30.66 16.38
CA PHE C 374 -25.33 31.03 16.70
C PHE C 374 -25.62 31.59 18.07
N SER D 1 20.40 -17.21 -46.48
CA SER D 1 21.21 -16.58 -47.59
C SER D 1 20.99 -15.09 -47.85
N THR D 2 19.85 -14.58 -47.39
CA THR D 2 19.54 -13.15 -47.46
C THR D 2 20.08 -12.30 -46.30
N ALA D 3 20.66 -12.95 -45.28
CA ALA D 3 21.18 -12.19 -44.14
C ALA D 3 22.29 -11.21 -44.56
N GLY D 4 22.17 -9.96 -44.13
CA GLY D 4 23.15 -8.93 -44.47
C GLY D 4 22.83 -8.26 -45.77
N LYS D 5 21.84 -8.75 -46.52
CA LYS D 5 21.52 -8.24 -47.87
C LYS D 5 20.20 -7.49 -47.87
N VAL D 6 20.08 -6.52 -48.76
CA VAL D 6 18.79 -5.90 -49.06
C VAL D 6 17.89 -6.98 -49.65
N ILE D 7 16.62 -7.00 -49.22
CA ILE D 7 15.64 -7.89 -49.79
C ILE D 7 14.71 -7.09 -50.70
N LYS D 8 14.48 -7.61 -51.89
CA LYS D 8 13.46 -7.03 -52.77
C LYS D 8 12.21 -7.86 -52.67
N CYS D 9 11.09 -7.24 -52.32
CA CYS D 9 9.84 -7.99 -52.08
C CYS D 9 8.66 -7.09 -52.39
N LYS D 10 7.45 -7.62 -52.22
CA LYS D 10 6.22 -6.88 -52.44
C LYS D 10 5.76 -6.30 -51.12
N ALA D 11 5.22 -5.10 -51.19
CA ALA D 11 4.56 -4.47 -50.04
C ALA D 11 3.36 -3.66 -50.56
N ALA D 12 2.42 -3.38 -49.66
CA ALA D 12 1.27 -2.51 -49.96
C ALA D 12 1.60 -1.12 -49.48
N VAL D 13 1.90 -0.21 -50.39
CA VAL D 13 2.26 1.16 -50.09
C VAL D 13 1.05 2.07 -50.21
N LEU D 14 0.86 2.93 -49.22
CA LEU D 14 -0.13 3.97 -49.25
C LEU D 14 0.54 5.26 -49.56
N TRP D 15 0.35 5.77 -50.80
CA TRP D 15 1.02 6.98 -51.24
C TRP D 15 0.36 8.27 -50.85
N GLU D 16 -0.96 8.23 -50.66
CA GLU D 16 -1.80 9.38 -50.44
C GLU D 16 -3.03 8.93 -49.66
N GLU D 17 -3.64 9.86 -48.92
CA GLU D 17 -4.93 9.56 -48.29
C GLU D 17 -6.02 9.26 -49.35
N LYS D 18 -6.98 8.45 -48.97
CA LYS D 18 -8.21 8.20 -49.72
C LYS D 18 -7.94 7.55 -51.07
N LYS D 19 -6.89 6.71 -51.11
CA LYS D 19 -6.59 5.89 -52.26
C LYS D 19 -6.46 4.44 -51.85
N PRO D 20 -6.58 3.51 -52.82
CA PRO D 20 -6.24 2.12 -52.55
C PRO D 20 -4.75 1.97 -52.25
N PHE D 21 -4.43 0.90 -51.54
CA PHE D 21 -3.05 0.45 -51.40
C PHE D 21 -2.49 0.05 -52.76
N SER D 22 -1.22 0.35 -52.99
CA SER D 22 -0.57 0.01 -54.24
C SER D 22 0.39 -1.12 -53.91
N ILE D 23 0.22 -2.30 -54.50
CA ILE D 23 1.18 -3.38 -54.38
C ILE D 23 2.40 -3.05 -55.22
N GLU D 24 3.55 -2.87 -54.59
CA GLU D 24 4.76 -2.33 -55.22
C GLU D 24 5.94 -3.20 -54.82
N GLU D 25 6.94 -3.23 -55.67
CA GLU D 25 8.25 -3.73 -55.30
C GLU D 25 8.97 -2.72 -54.43
N VAL D 26 9.38 -3.17 -53.26
CA VAL D 26 10.09 -2.37 -52.32
C VAL D 26 11.43 -3.08 -51.98
N GLU D 27 12.37 -2.29 -51.50
CA GLU D 27 13.62 -2.78 -50.95
C GLU D 27 13.58 -2.62 -49.44
N VAL D 28 13.92 -3.72 -48.76
CA VAL D 28 13.92 -3.79 -47.30
C VAL D 28 15.38 -3.99 -46.86
N ALA D 29 15.89 -2.98 -46.20
CA ALA D 29 17.28 -2.98 -45.76
C ALA D 29 17.49 -4.08 -44.71
N PRO D 30 18.75 -4.52 -44.54
CA PRO D 30 19.03 -5.45 -43.44
C PRO D 30 18.89 -4.73 -42.10
N PRO D 31 18.64 -5.52 -41.04
CA PRO D 31 18.49 -4.91 -39.72
C PRO D 31 19.81 -4.33 -39.20
N LYS D 32 19.73 -3.17 -38.59
CA LYS D 32 20.84 -2.56 -37.90
C LYS D 32 20.86 -3.07 -36.45
N ALA D 33 21.75 -2.51 -35.65
CA ALA D 33 21.88 -2.93 -34.25
C ALA D 33 20.53 -2.91 -33.54
N HIS D 34 20.24 -3.98 -32.85
CA HIS D 34 19.00 -4.06 -32.07
C HIS D 34 17.73 -4.00 -32.88
N GLU D 35 17.83 -4.45 -34.15
CA GLU D 35 16.67 -4.57 -35.04
C GLU D 35 16.52 -6.01 -35.53
N VAL D 36 15.31 -6.32 -35.97
CA VAL D 36 14.87 -7.67 -36.33
C VAL D 36 14.14 -7.62 -37.68
N ARG D 37 14.56 -8.41 -38.65
CA ARG D 37 13.88 -8.52 -39.93
C ARG D 37 13.04 -9.76 -39.91
N ILE D 38 11.76 -9.59 -40.24
CA ILE D 38 10.70 -10.58 -40.13
C ILE D 38 10.09 -10.89 -41.46
N LYS D 39 10.00 -12.17 -41.79
CA LYS D 39 9.22 -12.63 -42.92
C LYS D 39 7.76 -12.78 -42.47
N MET D 40 6.85 -12.02 -43.08
CA MET D 40 5.46 -12.04 -42.64
C MET D 40 4.78 -13.36 -43.03
N VAL D 41 3.93 -13.87 -42.13
CA VAL D 41 3.12 -15.04 -42.45
C VAL D 41 1.63 -14.68 -42.54
N ALA D 42 1.13 -13.85 -41.63
CA ALA D 42 -0.29 -13.50 -41.61
C ALA D 42 -0.44 -12.10 -41.05
N THR D 43 -1.39 -11.34 -41.58
CA THR D 43 -1.69 -10.00 -41.02
C THR D 43 -3.19 -9.75 -41.10
N GLY D 44 -3.75 -9.21 -40.02
CA GLY D 44 -5.11 -8.79 -40.01
C GLY D 44 -5.35 -7.43 -40.52
N ILE D 45 -6.56 -7.15 -40.98
CA ILE D 45 -7.00 -5.78 -41.33
C ILE D 45 -7.79 -5.21 -40.18
N CYS D 46 -7.22 -4.22 -39.51
CA CYS D 46 -7.83 -3.54 -38.36
C CYS D 46 -8.37 -2.20 -38.82
N ARG D 47 -9.43 -1.72 -38.18
CA ARG D 47 -9.99 -0.40 -38.56
C ARG D 47 -8.91 0.68 -38.43
N SER D 48 -7.95 0.53 -37.51
CA SER D 48 -6.92 1.55 -37.42
C SER D 48 -6.10 1.70 -38.69
N ASP D 49 -5.87 0.62 -39.42
CA ASP D 49 -5.17 0.73 -40.68
C ASP D 49 -6.05 1.53 -41.67
N ASP D 50 -7.34 1.32 -41.64
CA ASP D 50 -8.27 2.10 -42.48
C ASP D 50 -8.27 3.59 -42.10
N HIS D 51 -8.13 3.87 -40.83
CA HIS D 51 -8.07 5.27 -40.39
C HIS D 51 -6.91 6.04 -41.01
N VAL D 52 -5.82 5.35 -41.34
CA VAL D 52 -4.74 6.01 -42.04
C VAL D 52 -5.19 6.40 -43.43
N VAL D 53 -5.93 5.52 -44.11
CA VAL D 53 -6.45 5.83 -45.44
C VAL D 53 -7.46 7.00 -45.39
N SER D 54 -8.36 6.96 -44.41
CA SER D 54 -9.44 7.96 -44.36
C SER D 54 -8.96 9.34 -43.91
N GLY D 55 -7.77 9.42 -43.28
CA GLY D 55 -7.30 10.71 -42.75
C GLY D 55 -7.80 10.90 -41.33
N THR D 56 -8.58 9.92 -40.79
CA THR D 56 -8.98 9.90 -39.34
C THR D 56 -7.72 9.89 -38.43
N LEU D 57 -6.74 9.07 -38.81
CA LEU D 57 -5.48 8.93 -38.08
C LEU D 57 -4.38 9.49 -38.95
N VAL D 58 -3.62 10.42 -38.38
CA VAL D 58 -2.51 11.02 -39.09
C VAL D 58 -1.21 10.30 -38.74
N THR D 59 -0.47 9.93 -39.78
CA THR D 59 0.86 9.38 -39.68
C THR D 59 1.56 9.79 -40.99
N PRO D 60 2.88 9.95 -40.95
CA PRO D 60 3.54 10.42 -42.20
C PRO D 60 3.37 9.44 -43.39
N LEU D 61 3.10 10.03 -44.56
CA LEU D 61 2.94 9.29 -45.82
C LEU D 61 4.13 9.66 -46.76
N PRO D 62 4.45 8.81 -47.71
CA PRO D 62 3.93 7.46 -47.97
C PRO D 62 4.32 6.48 -46.85
N VAL D 63 3.50 5.45 -46.71
CA VAL D 63 3.63 4.53 -45.57
C VAL D 63 3.30 3.13 -45.96
N ILE D 64 3.98 2.19 -45.29
CA ILE D 64 3.57 0.80 -45.23
C ILE D 64 2.83 0.57 -43.89
N ALA D 65 1.51 0.46 -44.00
CA ALA D 65 0.67 0.26 -42.81
C ALA D 65 0.67 -1.24 -42.39
N GLY D 66 -0.28 -1.61 -41.54
CA GLY D 66 -0.35 -2.94 -40.97
C GLY D 66 0.38 -3.01 -39.64
N HIS D 67 -0.32 -3.56 -38.66
CA HIS D 67 0.21 -3.64 -37.33
C HIS D 67 -0.24 -4.86 -36.57
N GLU D 68 -1.15 -5.68 -37.10
CA GLU D 68 -1.72 -6.87 -36.42
C GLU D 68 -1.21 -8.07 -37.20
N ALA D 69 -0.16 -8.77 -36.71
CA ALA D 69 0.50 -9.70 -37.60
C ALA D 69 1.31 -10.70 -36.83
N ALA D 70 1.77 -11.74 -37.56
CA ALA D 70 2.70 -12.71 -37.06
C ALA D 70 3.59 -13.17 -38.19
N GLY D 71 4.82 -13.50 -37.84
CA GLY D 71 5.77 -13.96 -38.83
C GLY D 71 6.96 -14.70 -38.21
N ILE D 72 7.98 -14.90 -39.01
CA ILE D 72 9.15 -15.70 -38.64
C ILE D 72 10.39 -14.83 -38.83
N VAL D 73 11.26 -14.81 -37.84
CA VAL D 73 12.46 -14.01 -37.94
C VAL D 73 13.38 -14.52 -39.05
N GLU D 74 13.73 -13.63 -39.96
CA GLU D 74 14.67 -13.94 -41.06
C GLU D 74 16.09 -13.66 -40.60
N SER D 75 16.34 -12.54 -39.89
CA SER D 75 17.67 -12.24 -39.46
C SER D 75 17.59 -11.21 -38.36
N ILE D 76 18.66 -11.12 -37.59
CA ILE D 76 18.78 -10.18 -36.50
C ILE D 76 20.00 -9.30 -36.65
N GLY D 77 19.90 -8.07 -36.20
CA GLY D 77 21.03 -7.21 -36.14
C GLY D 77 21.91 -7.43 -34.93
N GLU D 78 23.01 -6.73 -34.92
CA GLU D 78 23.98 -6.87 -33.85
C GLU D 78 23.34 -6.50 -32.53
N GLY D 79 23.57 -7.33 -31.56
CA GLY D 79 23.15 -7.07 -30.22
C GLY D 79 21.78 -7.62 -29.84
N VAL D 80 21.03 -8.15 -30.80
CA VAL D 80 19.72 -8.67 -30.50
C VAL D 80 19.87 -9.94 -29.67
N THR D 81 19.11 -10.06 -28.58
CA THR D 81 19.20 -11.21 -27.66
C THR D 81 17.92 -11.97 -27.41
N THR D 82 16.78 -11.38 -27.77
CA THR D 82 15.50 -11.89 -27.33
C THR D 82 14.76 -12.69 -28.35
N VAL D 83 15.27 -12.66 -29.59
CA VAL D 83 14.76 -13.49 -30.69
C VAL D 83 15.94 -13.98 -31.54
N ARG D 84 15.72 -15.06 -32.27
CA ARG D 84 16.71 -15.62 -33.21
C ARG D 84 16.07 -15.97 -34.53
N PRO D 85 16.86 -16.06 -35.60
CA PRO D 85 16.32 -16.54 -36.86
C PRO D 85 15.54 -17.85 -36.72
N GLY D 86 14.36 -17.87 -37.34
CA GLY D 86 13.47 -19.02 -37.28
C GLY D 86 12.42 -18.94 -36.17
N ASP D 87 12.58 -18.03 -35.20
CA ASP D 87 11.55 -17.86 -34.19
C ASP D 87 10.25 -17.30 -34.78
N LYS D 88 9.11 -17.82 -34.30
CA LYS D 88 7.83 -17.16 -34.54
C LYS D 88 7.69 -15.94 -33.62
N VAL D 89 7.16 -14.86 -34.23
CA VAL D 89 7.10 -13.59 -33.53
C VAL D 89 5.80 -12.82 -33.90
N ILE D 90 5.39 -11.97 -32.96
CA ILE D 90 4.36 -10.99 -33.14
C ILE D 90 4.99 -9.62 -32.96
N PRO D 91 4.88 -8.74 -33.98
CA PRO D 91 5.31 -7.37 -33.80
C PRO D 91 4.39 -6.63 -32.85
N LEU D 92 4.94 -5.70 -32.08
CA LEU D 92 4.24 -5.00 -30.98
C LEU D 92 4.07 -3.56 -31.39
N PHE D 93 2.86 -3.14 -31.67
CA PHE D 93 2.64 -1.73 -32.07
C PHE D 93 2.83 -0.76 -30.89
N THR D 94 2.68 -1.28 -29.69
CA THR D 94 3.08 -0.55 -28.51
C THR D 94 4.34 -1.25 -27.99
N PRO D 95 5.51 -0.58 -27.94
CA PRO D 95 6.72 -1.27 -27.51
C PRO D 95 6.73 -1.55 -26.01
N GLN D 96 7.76 -2.29 -25.59
CA GLN D 96 8.05 -2.40 -24.17
C GLN D 96 9.56 -2.38 -23.96
N CYS D 97 10.07 -1.18 -23.75
CA CYS D 97 11.51 -1.01 -23.55
C CYS D 97 12.02 -1.59 -22.25
N GLY D 98 11.17 -1.65 -21.24
CA GLY D 98 11.51 -2.20 -19.97
C GLY D 98 12.23 -1.27 -19.01
N LYS D 99 12.60 -0.07 -19.49
CA LYS D 99 13.48 0.86 -18.78
C LYS D 99 12.84 2.17 -18.39
N CYS D 100 11.77 2.58 -19.08
CA CYS D 100 11.14 3.89 -18.86
C CYS D 100 10.23 3.88 -17.65
N ARG D 101 9.81 5.07 -17.20
CA ARG D 101 8.97 5.12 -15.97
C ARG D 101 7.65 4.39 -16.15
N VAL D 102 7.12 4.37 -17.37
CA VAL D 102 5.89 3.70 -17.66
C VAL D 102 6.11 2.20 -17.61
N CYS D 103 7.17 1.71 -18.27
CA CYS D 103 7.42 0.28 -18.28
C CYS D 103 7.68 -0.24 -16.88
N LYS D 104 8.25 0.57 -16.00
CA LYS D 104 8.48 0.14 -14.61
C LYS D 104 7.28 0.29 -13.71
N HIS D 105 6.24 1.01 -14.11
CA HIS D 105 5.06 1.21 -13.28
C HIS D 105 4.20 -0.04 -13.36
N PRO D 106 3.58 -0.48 -12.24
CA PRO D 106 2.72 -1.67 -12.33
C PRO D 106 1.54 -1.65 -13.27
N GLU D 107 0.96 -0.48 -13.51
CA GLU D 107 -0.27 -0.37 -14.29
C GLU D 107 -0.07 0.29 -15.65
N GLY D 108 1.10 0.75 -15.91
CA GLY D 108 1.33 1.44 -17.21
C GLY D 108 1.73 0.52 -18.33
N ASN D 109 1.25 0.81 -19.56
CA ASN D 109 1.74 0.06 -20.71
C ASN D 109 2.11 0.93 -21.91
N PHE D 110 1.87 2.22 -21.86
CA PHE D 110 2.17 3.12 -23.01
C PHE D 110 3.60 3.62 -22.93
N CYS D 111 4.51 2.71 -23.29
CA CYS D 111 5.95 2.91 -23.20
C CYS D 111 6.30 4.17 -23.90
N LEU D 112 7.24 4.93 -23.30
CA LEU D 112 7.68 6.23 -23.84
C LEU D 112 8.36 6.16 -25.19
N LYS D 113 8.80 4.97 -25.61
CA LYS D 113 9.34 4.77 -26.92
C LYS D 113 8.31 4.58 -28.05
N ASN D 114 7.02 4.70 -27.75
CA ASN D 114 5.97 4.50 -28.76
C ASN D 114 6.06 5.54 -29.86
N ASP D 115 5.51 5.14 -31.03
CA ASP D 115 5.37 6.06 -32.17
C ASP D 115 3.93 6.45 -32.41
N LEU D 116 3.10 6.42 -31.35
CA LEU D 116 1.68 6.73 -31.45
C LEU D 116 1.38 8.17 -31.12
N SER D 117 1.96 8.66 -30.04
CA SER D 117 1.73 10.04 -29.51
C SER D 117 2.09 11.10 -30.49
N MET D 118 3.26 10.95 -31.09
CA MET D 118 3.77 12.00 -32.03
C MET D 118 4.41 11.27 -33.17
N PRO D 119 3.59 10.77 -34.12
CA PRO D 119 4.18 9.81 -35.03
C PRO D 119 5.21 10.34 -35.98
N ARG D 120 6.33 9.66 -36.03
CA ARG D 120 7.42 9.96 -36.93
C ARG D 120 7.44 8.99 -38.14
N GLY D 121 6.94 7.75 -37.96
CA GLY D 121 6.95 6.83 -39.06
C GLY D 121 8.32 6.30 -39.40
N THR D 122 9.15 6.10 -38.37
CA THR D 122 10.49 5.64 -38.55
C THR D 122 10.79 4.49 -37.62
N MET D 123 11.97 3.92 -37.76
CA MET D 123 12.62 3.12 -36.73
C MET D 123 12.99 3.97 -35.52
N GLN D 124 13.40 3.36 -34.41
CA GLN D 124 13.79 4.11 -33.25
C GLN D 124 14.91 5.12 -33.58
N ASP D 125 15.82 4.79 -34.49
CA ASP D 125 16.92 5.69 -34.86
C ASP D 125 16.53 6.85 -35.80
N GLY D 126 15.25 6.96 -36.13
CA GLY D 126 14.75 8.09 -36.91
C GLY D 126 14.93 7.94 -38.41
N THR D 127 15.27 6.73 -38.85
CA THR D 127 15.40 6.42 -40.27
C THR D 127 14.45 5.29 -40.68
N SER D 128 14.31 5.10 -41.98
CA SER D 128 13.44 4.05 -42.55
C SER D 128 14.25 2.93 -43.20
N ARG D 129 13.76 1.70 -43.13
CA ARG D 129 14.35 0.55 -43.80
C ARG D 129 13.72 0.20 -45.11
N PHE D 130 12.77 1.02 -45.58
CA PHE D 130 11.99 0.74 -46.81
C PHE D 130 12.25 1.81 -47.89
N THR D 131 12.41 1.34 -49.11
CA THR D 131 12.54 2.20 -50.31
C THR D 131 11.60 1.67 -51.36
N CYS D 132 10.96 2.56 -52.12
CA CYS D 132 10.17 2.12 -53.29
C CYS D 132 10.58 3.08 -54.40
N ARG D 133 11.20 2.55 -55.47
CA ARG D 133 11.79 3.36 -56.56
C ARG D 133 12.59 4.53 -56.06
N GLY D 134 13.49 4.20 -55.16
CA GLY D 134 14.40 5.14 -54.58
C GLY D 134 13.79 6.17 -53.66
N LYS D 135 12.47 6.06 -53.33
CA LYS D 135 11.87 6.99 -52.38
C LYS D 135 11.78 6.28 -50.99
N PRO D 136 12.23 6.93 -49.91
CA PRO D 136 12.01 6.33 -48.57
C PRO D 136 10.52 6.25 -48.27
N ILE D 137 10.12 5.12 -47.64
CA ILE D 137 8.73 4.90 -47.28
C ILE D 137 8.67 4.81 -45.74
N HIS D 138 7.69 5.48 -45.16
CA HIS D 138 7.56 5.45 -43.68
C HIS D 138 7.09 4.10 -43.18
N HIS D 139 7.55 3.85 -41.97
CA HIS D 139 7.01 2.78 -41.11
C HIS D 139 5.71 3.28 -40.43
N PHE D 140 4.97 2.32 -39.86
CA PHE D 140 3.71 2.57 -39.17
C PHE D 140 3.74 1.91 -37.81
N LEU D 141 3.71 2.70 -36.76
CA LEU D 141 3.68 2.17 -35.33
C LEU D 141 4.88 1.27 -35.05
N GLY D 142 5.99 1.45 -35.73
CA GLY D 142 7.15 0.56 -35.62
C GLY D 142 6.91 -0.86 -35.97
N THR D 143 5.88 -1.12 -36.78
CA THR D 143 5.51 -2.47 -37.21
C THR D 143 5.52 -2.65 -38.73
N SER D 144 4.65 -1.99 -39.46
CA SER D 144 4.62 -2.08 -40.95
C SER D 144 4.53 -3.50 -41.43
N THR D 145 3.38 -4.09 -41.26
CA THR D 145 3.21 -5.53 -41.52
C THR D 145 2.57 -5.83 -42.88
N PHE D 146 2.17 -4.78 -43.65
CA PHE D 146 1.65 -5.00 -45.03
C PHE D 146 2.78 -5.12 -46.04
N SER D 147 3.65 -6.06 -45.79
CA SER D 147 4.87 -6.29 -46.58
C SER D 147 5.29 -7.72 -46.39
N GLN D 148 5.87 -8.30 -47.42
CA GLN D 148 6.40 -9.68 -47.23
C GLN D 148 7.50 -9.74 -46.16
N TYR D 149 8.30 -8.70 -46.03
CA TYR D 149 9.33 -8.58 -45.02
C TYR D 149 9.23 -7.22 -44.37
N THR D 150 9.46 -7.16 -43.07
CA THR D 150 9.54 -5.89 -42.35
C THR D 150 10.75 -5.91 -41.41
N VAL D 151 11.10 -4.74 -40.90
CA VAL D 151 12.18 -4.59 -39.92
C VAL D 151 11.60 -3.84 -38.75
N VAL D 152 11.74 -4.39 -37.53
CA VAL D 152 11.24 -3.77 -36.32
C VAL D 152 12.38 -3.62 -35.32
N ASP D 153 12.22 -2.71 -34.40
CA ASP D 153 13.13 -2.64 -33.28
C ASP D 153 12.89 -3.85 -32.33
N GLU D 154 13.95 -4.27 -31.62
CA GLU D 154 13.80 -5.39 -30.69
C GLU D 154 12.74 -5.16 -29.61
N ILE D 155 12.56 -3.92 -29.16
CA ILE D 155 11.54 -3.60 -28.14
C ILE D 155 10.11 -3.70 -28.68
N SER D 156 9.98 -3.87 -30.01
CA SER D 156 8.71 -3.95 -30.67
C SER D 156 8.47 -5.35 -31.24
N VAL D 157 9.08 -6.39 -30.64
CA VAL D 157 8.78 -7.73 -31.09
C VAL D 157 8.81 -8.69 -29.93
N ALA D 158 7.89 -9.65 -29.98
CA ALA D 158 7.83 -10.74 -28.99
C ALA D 158 7.90 -12.11 -29.65
N LYS D 159 8.79 -12.94 -29.10
CA LYS D 159 8.86 -14.37 -29.44
C LYS D 159 7.66 -15.09 -28.87
N ILE D 160 7.05 -15.94 -29.70
CA ILE D 160 5.90 -16.71 -29.25
C ILE D 160 6.12 -18.23 -29.50
N ASP D 161 5.17 -19.05 -29.00
CA ASP D 161 5.26 -20.51 -29.04
C ASP D 161 5.57 -20.98 -30.46
N ALA D 162 6.58 -21.84 -30.60
CA ALA D 162 7.02 -22.36 -31.90
C ALA D 162 5.92 -23.18 -32.61
N ALA D 163 4.95 -23.72 -31.86
CA ALA D 163 3.83 -24.45 -32.49
C ALA D 163 2.58 -23.64 -32.77
N SER D 164 2.64 -22.29 -32.62
CA SER D 164 1.37 -21.57 -32.72
C SER D 164 0.93 -21.35 -34.17
N PRO D 165 -0.42 -21.31 -34.42
CA PRO D 165 -0.95 -21.13 -35.78
C PRO D 165 -1.00 -19.63 -36.12
N LEU D 166 -0.06 -19.22 -36.96
CA LEU D 166 0.12 -17.79 -37.14
C LEU D 166 -1.06 -17.04 -37.77
N GLU D 167 -1.86 -17.78 -38.54
CA GLU D 167 -3.03 -17.27 -39.17
C GLU D 167 -4.20 -16.97 -38.25
N LYS D 168 -4.04 -17.38 -37.02
CA LYS D 168 -5.02 -17.06 -35.93
C LYS D 168 -4.38 -16.10 -34.95
N VAL D 169 -3.18 -16.40 -34.47
CA VAL D 169 -2.62 -15.65 -33.34
C VAL D 169 -2.16 -14.25 -33.71
N CYS D 170 -2.08 -13.92 -35.00
CA CYS D 170 -1.86 -12.54 -35.37
C CYS D 170 -2.85 -11.58 -34.70
N LEU D 171 -4.06 -12.04 -34.38
CA LEU D 171 -5.02 -11.15 -33.73
C LEU D 171 -4.67 -10.77 -32.31
N ILE D 172 -3.78 -11.53 -31.69
CA ILE D 172 -3.27 -11.17 -30.36
C ILE D 172 -2.37 -9.91 -30.48
N GLY D 173 -1.87 -9.62 -31.68
CA GLY D 173 -1.12 -8.41 -31.89
C GLY D 173 -1.93 -7.15 -31.87
N CYS D 174 -3.25 -7.22 -32.00
CA CYS D 174 -4.03 -6.00 -31.81
C CYS D 174 -5.42 -6.31 -31.29
N GLY D 175 -6.31 -6.70 -32.19
CA GLY D 175 -7.73 -6.55 -31.86
C GLY D 175 -8.21 -7.42 -30.71
N PHE D 176 -7.78 -8.68 -30.65
CA PHE D 176 -8.23 -9.50 -29.55
C PHE D 176 -7.72 -8.92 -28.20
N SER D 177 -6.42 -8.69 -28.09
CA SER D 177 -5.84 -8.31 -26.84
C SER D 177 -6.43 -6.94 -26.39
N THR D 178 -6.57 -6.03 -27.35
CA THR D 178 -7.13 -4.75 -27.03
C THR D 178 -8.50 -4.90 -26.40
N GLY D 179 -9.41 -5.61 -27.06
CA GLY D 179 -10.75 -5.68 -26.49
C GLY D 179 -10.82 -6.46 -25.21
N TYR D 180 -10.15 -7.62 -25.20
CA TYR D 180 -10.24 -8.45 -24.04
C TYR D 180 -9.65 -7.76 -22.79
N GLY D 181 -8.47 -7.13 -22.94
CA GLY D 181 -7.84 -6.41 -21.86
C GLY D 181 -8.63 -5.22 -21.41
N SER D 182 -9.26 -4.51 -22.35
CA SER D 182 -10.07 -3.37 -21.97
C SER D 182 -11.14 -3.77 -20.97
N ALA D 183 -11.71 -4.96 -21.15
CA ALA D 183 -12.71 -5.45 -20.20
C ALA D 183 -12.05 -5.94 -18.89
N VAL D 184 -11.08 -6.83 -19.00
CA VAL D 184 -10.61 -7.58 -17.83
C VAL D 184 -9.60 -6.79 -17.00
N LYS D 185 -8.75 -6.01 -17.69
CA LYS D 185 -7.65 -5.30 -17.06
C LYS D 185 -7.95 -3.84 -16.79
N VAL D 186 -8.54 -3.15 -17.77
CA VAL D 186 -8.68 -1.71 -17.71
C VAL D 186 -10.00 -1.41 -16.91
N ALA D 187 -11.12 -1.88 -17.42
CA ALA D 187 -12.41 -1.70 -16.69
C ALA D 187 -12.43 -2.53 -15.39
N LYS D 188 -11.84 -3.72 -15.43
CA LYS D 188 -11.95 -4.66 -14.31
C LYS D 188 -13.41 -5.03 -14.04
N VAL D 189 -14.05 -5.49 -15.11
CA VAL D 189 -15.45 -5.91 -15.03
C VAL D 189 -15.60 -6.96 -13.89
N THR D 190 -16.66 -6.79 -13.13
CA THR D 190 -16.96 -7.67 -11.98
C THR D 190 -18.05 -8.68 -12.29
N GLN D 191 -17.99 -9.78 -11.51
CA GLN D 191 -18.97 -10.84 -11.66
C GLN D 191 -20.39 -10.27 -11.34
N GLY D 192 -21.35 -10.59 -12.19
CA GLY D 192 -22.76 -10.23 -11.98
C GLY D 192 -23.11 -8.85 -12.45
N SER D 193 -22.12 -8.15 -13.07
CA SER D 193 -22.36 -6.76 -13.55
C SER D 193 -23.11 -6.70 -14.84
N THR D 194 -23.57 -5.51 -15.23
CA THR D 194 -24.13 -5.18 -16.52
C THR D 194 -23.14 -4.29 -17.29
N CYS D 195 -22.85 -4.72 -18.50
CA CYS D 195 -21.98 -4.05 -19.43
C CYS D 195 -22.67 -3.59 -20.66
N ALA D 196 -22.26 -2.44 -21.24
CA ALA D 196 -22.71 -2.03 -22.55
C ALA D 196 -21.50 -1.84 -23.47
N VAL D 197 -21.53 -2.38 -24.67
CA VAL D 197 -20.45 -2.34 -25.61
C VAL D 197 -20.87 -1.67 -26.87
N PHE D 198 -20.32 -0.49 -27.15
CA PHE D 198 -20.66 0.28 -28.34
C PHE D 198 -19.68 -0.05 -29.44
N GLY D 199 -20.14 -0.69 -30.53
CA GLY D 199 -19.33 -1.13 -31.63
C GLY D 199 -19.04 -2.61 -31.51
N LEU D 200 -19.51 -3.37 -32.53
CA LEU D 200 -19.46 -4.83 -32.52
C LEU D 200 -18.57 -5.34 -33.65
N GLY D 201 -17.45 -4.63 -33.88
CA GLY D 201 -16.42 -5.18 -34.78
C GLY D 201 -15.47 -6.10 -34.03
N GLY D 202 -14.32 -6.38 -34.62
CA GLY D 202 -13.39 -7.31 -34.02
C GLY D 202 -13.04 -6.91 -32.59
N VAL D 203 -12.79 -5.60 -32.36
CA VAL D 203 -12.37 -5.19 -31.04
C VAL D 203 -13.57 -5.29 -30.05
N GLY D 204 -14.72 -4.82 -30.50
CA GLY D 204 -15.93 -4.90 -29.63
C GLY D 204 -16.30 -6.30 -29.27
N LEU D 205 -16.20 -7.21 -30.24
CA LEU D 205 -16.43 -8.62 -29.89
C LEU D 205 -15.47 -9.15 -28.86
N SER D 206 -14.21 -8.71 -28.92
CA SER D 206 -13.19 -9.10 -27.95
C SER D 206 -13.48 -8.51 -26.57
N VAL D 207 -14.02 -7.30 -26.53
CA VAL D 207 -14.52 -6.73 -25.27
C VAL D 207 -15.64 -7.64 -24.72
N ILE D 208 -16.60 -8.02 -25.59
CA ILE D 208 -17.66 -8.90 -25.11
C ILE D 208 -17.07 -10.22 -24.55
N MET D 209 -16.11 -10.80 -25.24
CA MET D 209 -15.40 -11.98 -24.71
C MET D 209 -14.86 -11.77 -23.33
N GLY D 210 -14.20 -10.63 -23.13
CA GLY D 210 -13.65 -10.34 -21.83
C GLY D 210 -14.71 -10.11 -20.75
N CYS D 211 -15.80 -9.41 -21.10
CA CYS D 211 -16.92 -9.22 -20.15
C CYS D 211 -17.50 -10.55 -19.71
N LYS D 212 -17.68 -11.44 -20.68
CA LYS D 212 -18.21 -12.79 -20.36
C LYS D 212 -17.20 -13.57 -19.49
N ALA D 213 -15.91 -13.52 -19.80
CA ALA D 213 -14.88 -14.14 -19.01
C ALA D 213 -14.84 -13.66 -17.60
N ALA D 214 -15.12 -12.38 -17.40
CA ALA D 214 -15.14 -11.77 -16.10
C ALA D 214 -16.44 -12.06 -15.34
N GLY D 215 -17.42 -12.68 -16.00
CA GLY D 215 -18.64 -13.07 -15.33
C GLY D 215 -19.76 -12.08 -15.30
N ALA D 216 -19.74 -11.14 -16.25
CA ALA D 216 -20.85 -10.22 -16.38
C ALA D 216 -22.17 -10.99 -16.51
N ALA D 217 -23.21 -10.47 -15.85
CA ALA D 217 -24.57 -11.06 -16.00
C ALA D 217 -25.31 -10.60 -17.23
N ARG D 218 -25.11 -9.35 -17.66
CA ARG D 218 -25.74 -8.81 -18.82
C ARG D 218 -24.70 -8.05 -19.64
N ILE D 219 -24.74 -8.23 -20.97
CA ILE D 219 -23.81 -7.60 -21.90
C ILE D 219 -24.66 -7.11 -23.07
N ILE D 220 -24.87 -5.80 -23.17
CA ILE D 220 -25.72 -5.22 -24.17
C ILE D 220 -24.80 -4.69 -25.26
N GLY D 221 -24.92 -5.22 -26.45
CA GLY D 221 -24.19 -4.72 -27.60
C GLY D 221 -24.96 -3.63 -28.28
N VAL D 222 -24.26 -2.64 -28.84
CA VAL D 222 -24.85 -1.52 -29.49
C VAL D 222 -24.15 -1.28 -30.83
N ASP D 223 -24.89 -1.36 -31.91
CA ASP D 223 -24.28 -1.12 -33.25
C ASP D 223 -25.38 -0.68 -34.20
N ILE D 224 -25.04 0.23 -35.11
CA ILE D 224 -25.96 0.68 -36.16
C ILE D 224 -26.11 -0.30 -37.34
N ASN D 225 -25.29 -1.34 -37.35
CA ASN D 225 -25.39 -2.41 -38.36
C ASN D 225 -25.91 -3.67 -37.66
N LYS D 226 -27.20 -3.93 -37.84
CA LYS D 226 -27.83 -5.08 -37.20
C LYS D 226 -27.28 -6.44 -37.64
N ASP D 227 -26.58 -6.43 -38.78
CA ASP D 227 -25.89 -7.66 -39.23
C ASP D 227 -24.79 -8.12 -38.28
N LYS D 228 -24.33 -7.21 -37.39
CA LYS D 228 -23.33 -7.56 -36.35
C LYS D 228 -23.88 -8.29 -35.14
N PHE D 229 -25.21 -8.30 -34.98
CA PHE D 229 -25.79 -8.80 -33.73
C PHE D 229 -25.63 -10.30 -33.48
N ALA D 230 -25.79 -11.11 -34.54
CA ALA D 230 -25.72 -12.54 -34.39
C ALA D 230 -24.41 -13.00 -33.82
N LYS D 231 -23.28 -12.51 -34.38
CA LYS D 231 -21.98 -12.92 -33.83
C LYS D 231 -21.77 -12.41 -32.39
N ALA D 232 -22.22 -11.17 -32.14
CA ALA D 232 -22.09 -10.58 -30.80
C ALA D 232 -22.74 -11.48 -29.73
N LYS D 233 -23.94 -11.98 -30.07
CA LYS D 233 -24.65 -12.89 -29.19
C LYS D 233 -23.88 -14.22 -29.07
N GLU D 234 -23.35 -14.76 -30.17
CA GLU D 234 -22.58 -16.00 -30.10
C GLU D 234 -21.44 -15.92 -29.08
N VAL D 235 -20.80 -14.74 -28.98
CA VAL D 235 -19.63 -14.57 -28.11
C VAL D 235 -19.96 -14.00 -26.74
N GLY D 236 -21.24 -13.70 -26.46
CA GLY D 236 -21.63 -13.38 -25.09
C GLY D 236 -22.66 -12.34 -24.89
N ALA D 237 -23.03 -11.57 -25.91
CA ALA D 237 -23.99 -10.47 -25.70
C ALA D 237 -25.32 -11.10 -25.33
N THR D 238 -25.98 -10.52 -24.36
CA THR D 238 -27.30 -11.03 -23.92
C THR D 238 -28.43 -10.31 -24.67
N GLU D 239 -28.16 -9.07 -25.11
CA GLU D 239 -29.10 -8.26 -25.87
C GLU D 239 -28.30 -7.38 -26.79
N CYS D 240 -28.87 -7.01 -27.95
CA CYS D 240 -28.29 -6.01 -28.84
C CYS D 240 -29.34 -4.97 -29.20
N VAL D 241 -28.86 -3.71 -29.30
CA VAL D 241 -29.70 -2.62 -29.69
C VAL D 241 -29.10 -1.83 -30.82
N ASN D 242 -29.93 -1.36 -31.75
CA ASN D 242 -29.59 -0.46 -32.85
C ASN D 242 -30.12 0.90 -32.58
N PRO D 243 -29.26 1.89 -32.31
CA PRO D 243 -29.72 3.28 -32.07
C PRO D 243 -30.68 3.80 -33.13
N GLN D 244 -30.50 3.35 -34.36
CA GLN D 244 -31.29 3.85 -35.47
C GLN D 244 -32.76 3.38 -35.45
N ASP D 245 -33.03 2.40 -34.58
CA ASP D 245 -34.39 1.89 -34.42
C ASP D 245 -35.26 2.76 -33.54
N TYR D 246 -34.69 3.66 -32.76
CA TYR D 246 -35.37 4.42 -31.72
C TYR D 246 -35.56 5.88 -32.08
N LYS D 247 -36.61 6.44 -31.55
CA LYS D 247 -36.91 7.85 -31.72
C LYS D 247 -36.31 8.73 -30.62
N LYS D 248 -35.70 8.14 -29.61
CA LYS D 248 -34.99 8.85 -28.54
C LYS D 248 -33.50 8.42 -28.48
N PRO D 249 -32.66 9.22 -27.81
CA PRO D 249 -31.26 8.88 -27.66
C PRO D 249 -31.01 7.54 -26.95
N ILE D 250 -30.01 6.85 -27.40
CA ILE D 250 -29.73 5.52 -26.90
C ILE D 250 -29.25 5.54 -25.44
N GLN D 251 -28.61 6.63 -25.00
CA GLN D 251 -28.22 6.68 -23.60
C GLN D 251 -29.46 6.54 -22.71
N GLU D 252 -30.59 7.14 -23.10
CA GLU D 252 -31.85 6.98 -22.38
C GLU D 252 -32.39 5.55 -22.44
N VAL D 253 -32.38 4.92 -23.62
CA VAL D 253 -32.80 3.53 -23.78
C VAL D 253 -31.96 2.63 -22.86
N LEU D 254 -30.63 2.84 -22.87
CA LEU D 254 -29.74 1.98 -22.08
C LEU D 254 -29.95 2.20 -20.58
N THR D 255 -30.09 3.46 -20.17
CA THR D 255 -30.29 3.78 -18.76
C THR D 255 -31.57 3.07 -18.28
N GLU D 256 -32.64 3.15 -19.08
CA GLU D 256 -33.90 2.48 -18.75
C GLU D 256 -33.78 0.96 -18.68
N MET D 257 -33.14 0.38 -19.70
CA MET D 257 -32.91 -1.04 -19.79
C MET D 257 -32.14 -1.62 -18.58
N SER D 258 -31.24 -0.83 -18.00
CA SER D 258 -30.33 -1.24 -16.92
C SER D 258 -30.79 -0.71 -15.58
N ASN D 259 -32.03 -0.20 -15.54
CA ASN D 259 -32.61 0.23 -14.27
C ASN D 259 -31.79 1.32 -13.58
N GLY D 260 -31.34 2.29 -14.40
CA GLY D 260 -30.65 3.46 -13.92
C GLY D 260 -29.18 3.63 -14.33
N GLY D 261 -28.66 2.81 -15.28
CA GLY D 261 -27.31 2.91 -15.83
C GLY D 261 -26.58 1.61 -15.71
N VAL D 262 -25.61 1.38 -16.62
CA VAL D 262 -24.81 0.15 -16.58
C VAL D 262 -23.64 0.27 -15.63
N ASP D 263 -23.07 -0.83 -15.21
CA ASP D 263 -21.89 -0.82 -14.38
C ASP D 263 -20.63 -0.46 -15.19
N PHE D 264 -20.50 -0.96 -16.43
CA PHE D 264 -19.35 -0.74 -17.29
C PHE D 264 -19.80 -0.50 -18.68
N SER D 265 -19.29 0.59 -19.31
CA SER D 265 -19.55 0.82 -20.70
C SER D 265 -18.22 0.98 -21.45
N PHE D 266 -18.28 0.70 -22.75
CA PHE D 266 -17.11 0.69 -23.61
C PHE D 266 -17.41 1.33 -24.93
N GLU D 267 -16.62 2.33 -25.32
CA GLU D 267 -16.72 2.91 -26.64
C GLU D 267 -15.71 2.25 -27.53
N VAL D 268 -16.14 1.51 -28.54
CA VAL D 268 -15.29 0.69 -29.35
C VAL D 268 -15.58 0.97 -30.85
N ILE D 269 -15.73 2.26 -31.15
CA ILE D 269 -16.09 2.74 -32.47
C ILE D 269 -15.07 3.78 -32.95
N GLY D 270 -14.93 4.85 -32.18
CA GLY D 270 -14.11 6.00 -32.61
C GLY D 270 -14.88 7.24 -32.99
N ARG D 271 -15.99 7.52 -32.34
CA ARG D 271 -16.71 8.72 -32.56
C ARG D 271 -16.90 9.51 -31.28
N LEU D 272 -16.74 10.83 -31.41
CA LEU D 272 -16.85 11.68 -30.24
C LEU D 272 -18.23 11.55 -29.58
N ASP D 273 -19.27 11.51 -30.39
CA ASP D 273 -20.64 11.48 -29.85
C ASP D 273 -20.92 10.20 -29.07
N THR D 274 -20.44 9.06 -29.57
CA THR D 274 -20.64 7.82 -28.88
C THR D 274 -19.76 7.73 -27.61
N MET D 275 -18.62 8.43 -27.56
CA MET D 275 -17.86 8.51 -26.34
C MET D 275 -18.67 9.15 -25.23
N VAL D 276 -19.33 10.25 -25.55
CA VAL D 276 -20.12 10.96 -24.52
C VAL D 276 -21.36 10.10 -24.16
N THR D 277 -21.99 9.50 -25.15
CA THR D 277 -23.13 8.59 -24.89
C THR D 277 -22.75 7.44 -23.97
N ALA D 278 -21.64 6.83 -24.27
CA ALA D 278 -21.20 5.69 -23.48
C ALA D 278 -20.91 6.11 -22.06
N LEU D 279 -20.29 7.29 -21.85
CA LEU D 279 -20.12 7.75 -20.50
C LEU D 279 -21.45 7.94 -19.80
N SER D 280 -22.37 8.62 -20.48
CA SER D 280 -23.64 8.98 -19.88
C SER D 280 -24.43 7.73 -19.49
N CYS D 281 -24.33 6.64 -20.26
CA CYS D 281 -25.10 5.44 -19.96
C CYS D 281 -24.65 4.60 -18.79
N CYS D 282 -23.45 4.87 -18.28
CA CYS D 282 -23.00 4.18 -17.06
CA CYS D 282 -22.95 4.32 -17.02
C CYS D 282 -23.64 4.88 -15.86
N GLN D 283 -23.85 4.09 -14.81
CA GLN D 283 -24.53 4.62 -13.59
C GLN D 283 -23.81 5.83 -13.03
N GLU D 284 -24.56 6.89 -12.67
CA GLU D 284 -23.94 8.16 -12.40
C GLU D 284 -23.05 8.19 -11.18
N ALA D 285 -23.30 7.30 -10.22
CA ALA D 285 -22.58 7.27 -8.97
C ALA D 285 -21.40 6.36 -8.93
N TYR D 286 -21.41 5.27 -9.67
CA TYR D 286 -20.37 4.27 -9.59
C TYR D 286 -19.99 3.63 -10.93
N GLY D 287 -20.57 4.12 -12.04
CA GLY D 287 -20.25 3.55 -13.31
C GLY D 287 -18.84 3.85 -13.81
N VAL D 288 -18.38 2.99 -14.70
CA VAL D 288 -17.05 3.11 -15.32
C VAL D 288 -17.24 3.05 -16.82
N SER D 289 -16.64 3.99 -17.55
CA SER D 289 -16.68 3.95 -19.02
C SER D 289 -15.28 3.99 -19.58
N VAL D 290 -14.98 3.11 -20.53
CA VAL D 290 -13.67 2.96 -21.14
C VAL D 290 -13.74 3.32 -22.59
N ILE D 291 -12.88 4.24 -23.00
CA ILE D 291 -12.72 4.62 -24.42
C ILE D 291 -11.66 3.73 -25.01
N VAL D 292 -12.03 3.00 -26.07
CA VAL D 292 -11.16 2.15 -26.85
C VAL D 292 -11.01 2.69 -28.29
N GLY D 293 -12.09 3.15 -28.87
CA GLY D 293 -12.06 3.65 -30.21
C GLY D 293 -11.22 4.88 -30.44
N VAL D 294 -10.72 5.02 -31.66
CA VAL D 294 -9.87 6.15 -32.07
C VAL D 294 -10.66 7.10 -32.99
N PRO D 295 -10.84 8.37 -32.56
CA PRO D 295 -11.65 9.37 -33.25
C PRO D 295 -10.83 10.17 -34.14
N PRO D 296 -11.53 10.96 -34.99
CA PRO D 296 -10.83 11.79 -35.95
C PRO D 296 -9.82 12.77 -35.30
N ASP D 297 -8.70 12.88 -35.96
CA ASP D 297 -7.58 13.65 -35.52
C ASP D 297 -7.94 15.08 -35.19
N SER D 298 -7.39 15.56 -34.04
CA SER D 298 -7.47 16.96 -33.62
C SER D 298 -8.85 17.45 -33.24
N GLN D 299 -9.84 16.56 -33.07
CA GLN D 299 -11.18 17.01 -32.75
C GLN D 299 -11.47 16.80 -31.26
N ASN D 300 -11.96 17.85 -30.63
CA ASN D 300 -12.36 17.77 -29.23
C ASN D 300 -13.82 17.43 -29.09
N LEU D 301 -14.11 16.72 -28.00
CA LEU D 301 -15.52 16.42 -27.62
C LEU D 301 -15.94 17.55 -26.63
N SER D 302 -17.25 17.63 -26.47
CA SER D 302 -17.90 18.52 -25.54
C SER D 302 -18.66 17.71 -24.53
N MET D 303 -18.45 17.95 -23.23
CA MET D 303 -19.23 17.22 -22.24
C MET D 303 -19.38 18.05 -20.97
N ASN D 304 -20.41 17.70 -20.21
CA ASN D 304 -20.69 18.36 -18.93
C ASN D 304 -20.00 17.65 -17.79
N PRO D 305 -19.10 18.31 -17.05
CA PRO D 305 -18.37 17.61 -16.00
C PRO D 305 -19.21 17.13 -14.85
N MET D 306 -20.46 17.58 -14.76
CA MET D 306 -21.36 16.96 -13.81
C MET D 306 -21.50 15.44 -13.99
N LEU D 307 -21.27 14.95 -15.19
CA LEU D 307 -21.31 13.54 -15.42
C LEU D 307 -20.27 12.83 -14.60
N LEU D 308 -19.11 13.47 -14.36
CA LEU D 308 -18.06 12.89 -13.53
C LEU D 308 -18.22 13.21 -12.06
N LEU D 309 -18.67 14.43 -11.72
CA LEU D 309 -18.81 14.86 -10.36
C LEU D 309 -19.69 13.93 -9.52
N SER D 310 -20.73 13.37 -10.14
CA SER D 310 -21.61 12.41 -9.41
C SER D 310 -20.93 11.13 -8.98
N GLY D 311 -19.80 10.80 -9.63
CA GLY D 311 -19.08 9.63 -9.28
C GLY D 311 -18.59 8.74 -10.36
N ARG D 312 -18.92 9.02 -11.61
CA ARG D 312 -18.39 8.19 -12.70
C ARG D 312 -16.91 8.27 -12.86
N THR D 313 -16.37 7.17 -13.41
CA THR D 313 -14.97 7.06 -13.82
C THR D 313 -14.89 6.92 -15.34
N TRP D 314 -14.02 7.69 -15.96
CA TRP D 314 -13.81 7.67 -17.40
C TRP D 314 -12.37 7.39 -17.67
N LYS D 315 -12.06 6.40 -18.47
CA LYS D 315 -10.68 6.09 -18.74
C LYS D 315 -10.53 5.60 -20.18
N GLY D 316 -9.33 5.56 -20.67
CA GLY D 316 -9.04 4.94 -21.95
C GLY D 316 -7.81 4.09 -21.85
N ALA D 317 -7.47 3.38 -22.92
CA ALA D 317 -6.28 2.59 -22.92
C ALA D 317 -5.90 2.21 -24.34
N ILE D 318 -4.61 1.95 -24.49
CA ILE D 318 -4.06 1.36 -25.69
C ILE D 318 -3.79 -0.13 -25.43
N PHE D 319 -4.10 -0.96 -26.42
CA PHE D 319 -3.71 -2.39 -26.37
C PHE D 319 -4.24 -3.04 -25.10
N GLY D 320 -5.44 -2.69 -24.68
CA GLY D 320 -6.10 -3.36 -23.55
C GLY D 320 -5.37 -3.21 -22.24
N GLY D 321 -4.47 -2.23 -22.11
CA GLY D 321 -3.64 -2.06 -20.94
C GLY D 321 -2.50 -3.03 -20.78
N PHE D 322 -2.32 -3.96 -21.73
CA PHE D 322 -1.26 -4.98 -21.61
C PHE D 322 0.11 -4.39 -21.83
N LYS D 323 1.05 -4.70 -20.94
CA LYS D 323 2.48 -4.53 -21.23
C LYS D 323 2.83 -5.50 -22.32
N SER D 324 3.28 -4.99 -23.47
CA SER D 324 3.15 -5.77 -24.70
C SER D 324 4.09 -6.99 -24.78
N LYS D 325 5.35 -6.81 -24.46
CA LYS D 325 6.30 -7.89 -24.61
C LYS D 325 6.10 -8.94 -23.51
N ASP D 326 5.72 -8.49 -22.32
CA ASP D 326 5.42 -9.45 -21.26
C ASP D 326 4.16 -10.25 -21.63
N SER D 327 3.17 -9.58 -22.18
CA SER D 327 1.85 -10.17 -22.29
C SER D 327 1.58 -10.98 -23.53
N VAL D 328 2.09 -10.60 -24.70
CA VAL D 328 1.79 -11.32 -25.91
C VAL D 328 2.19 -12.81 -25.86
N PRO D 329 3.37 -13.17 -25.33
CA PRO D 329 3.68 -14.60 -25.31
C PRO D 329 2.74 -15.35 -24.41
N LYS D 330 2.34 -14.76 -23.29
CA LYS D 330 1.41 -15.36 -22.35
C LYS D 330 0.04 -15.51 -22.98
N LEU D 331 -0.44 -14.48 -23.68
CA LEU D 331 -1.68 -14.58 -24.39
C LEU D 331 -1.68 -15.73 -25.44
N VAL D 332 -0.57 -15.84 -26.20
CA VAL D 332 -0.47 -16.95 -27.13
C VAL D 332 -0.51 -18.31 -26.39
N ALA D 333 0.24 -18.41 -25.30
CA ALA D 333 0.23 -19.66 -24.50
C ALA D 333 -1.17 -19.96 -23.96
N ASP D 334 -1.91 -18.92 -23.55
CA ASP D 334 -3.33 -19.08 -23.14
C ASP D 334 -4.29 -19.57 -24.28
N PHE D 335 -4.11 -19.01 -25.48
CA PHE D 335 -4.77 -19.50 -26.66
C PHE D 335 -4.48 -20.97 -26.96
N MET D 336 -3.22 -21.35 -26.86
CA MET D 336 -2.84 -22.72 -27.09
C MET D 336 -3.44 -23.67 -26.03
N ALA D 337 -3.68 -23.15 -24.83
CA ALA D 337 -4.34 -23.86 -23.72
C ALA D 337 -5.89 -23.73 -23.73
N LYS D 338 -6.43 -23.20 -24.82
CA LYS D 338 -7.85 -23.08 -25.07
C LYS D 338 -8.58 -22.23 -24.02
N LYS D 339 -7.93 -21.17 -23.54
CA LYS D 339 -8.56 -20.26 -22.57
C LYS D 339 -9.51 -19.27 -23.23
N PHE D 340 -9.30 -19.08 -24.53
CA PHE D 340 -10.17 -18.20 -25.32
C PHE D 340 -10.12 -18.66 -26.78
N ALA D 341 -11.07 -18.17 -27.55
CA ALA D 341 -11.21 -18.49 -28.97
C ALA D 341 -10.91 -17.28 -29.83
N LEU D 342 -10.31 -17.53 -30.99
CA LEU D 342 -10.09 -16.50 -32.01
C LEU D 342 -10.88 -16.66 -33.30
N ASP D 343 -11.25 -17.92 -33.60
CA ASP D 343 -12.02 -18.22 -34.80
C ASP D 343 -13.29 -17.34 -34.97
N PRO D 344 -14.00 -17.01 -33.87
CA PRO D 344 -15.18 -16.17 -34.09
C PRO D 344 -14.90 -14.77 -34.64
N LEU D 345 -13.65 -14.30 -34.51
CA LEU D 345 -13.31 -12.96 -35.07
C LEU D 345 -12.96 -13.05 -36.55
N ILE D 346 -12.62 -14.24 -37.04
CA ILE D 346 -12.10 -14.39 -38.42
C ILE D 346 -13.25 -14.75 -39.35
N THR D 347 -13.61 -13.82 -40.19
CA THR D 347 -14.72 -14.02 -41.12
C THR D 347 -14.31 -14.22 -42.56
N HIS D 348 -13.10 -13.78 -42.93
CA HIS D 348 -12.63 -13.82 -44.32
C HIS D 348 -11.11 -14.07 -44.31
N VAL D 349 -10.65 -14.76 -45.36
CA VAL D 349 -9.24 -15.04 -45.56
C VAL D 349 -8.96 -14.67 -46.98
N LEU D 350 -7.85 -13.97 -47.22
CA LEU D 350 -7.42 -13.59 -48.59
C LEU D 350 -5.93 -13.63 -48.71
N PRO D 351 -5.41 -13.84 -49.94
CA PRO D 351 -4.00 -13.65 -50.15
C PRO D 351 -3.65 -12.18 -50.02
N PHE D 352 -2.43 -11.92 -49.60
CA PHE D 352 -1.96 -10.55 -49.42
C PHE D 352 -2.17 -9.61 -50.58
N GLU D 353 -2.01 -10.12 -51.82
CA GLU D 353 -2.17 -9.33 -53.01
C GLU D 353 -3.61 -8.80 -53.18
N LYS D 354 -4.60 -9.37 -52.48
CA LYS D 354 -5.99 -8.90 -52.48
C LYS D 354 -6.34 -8.03 -51.27
N ILE D 355 -5.31 -7.39 -50.72
CA ILE D 355 -5.49 -6.45 -49.61
C ILE D 355 -6.63 -5.48 -49.85
N ASN D 356 -6.75 -4.85 -51.03
CA ASN D 356 -7.80 -3.88 -51.23
C ASN D 356 -9.20 -4.46 -51.14
N GLU D 357 -9.39 -5.70 -51.59
CA GLU D 357 -10.65 -6.38 -51.40
C GLU D 357 -10.96 -6.54 -49.88
N GLY D 358 -9.93 -6.88 -49.10
CA GLY D 358 -10.10 -6.94 -47.65
C GLY D 358 -10.52 -5.65 -47.01
N PHE D 359 -9.97 -4.53 -47.45
CA PHE D 359 -10.44 -3.21 -46.96
C PHE D 359 -11.86 -2.89 -47.47
N ASP D 360 -12.21 -3.29 -48.71
CA ASP D 360 -13.55 -3.11 -49.19
C ASP D 360 -14.57 -3.88 -48.29
N LEU D 361 -14.24 -5.10 -47.91
CA LEU D 361 -15.06 -5.90 -47.01
C LEU D 361 -15.27 -5.25 -45.65
N LEU D 362 -14.21 -4.68 -45.09
CA LEU D 362 -14.33 -3.94 -43.84
C LEU D 362 -15.27 -2.75 -43.98
N ARG D 363 -15.04 -1.95 -44.99
CA ARG D 363 -15.79 -0.72 -45.20
C ARG D 363 -17.26 -0.95 -45.49
N SER D 364 -17.57 -2.07 -46.11
CA SER D 364 -18.94 -2.34 -46.48
C SER D 364 -19.74 -2.87 -45.31
N GLY D 365 -19.07 -3.21 -44.21
CA GLY D 365 -19.72 -3.80 -43.05
C GLY D 365 -19.82 -5.32 -42.98
N GLU D 366 -19.30 -5.98 -44.03
CA GLU D 366 -19.42 -7.40 -44.20
C GLU D 366 -18.47 -8.21 -43.36
N SER D 367 -17.32 -7.67 -43.02
CA SER D 367 -16.33 -8.49 -42.32
C SER D 367 -16.14 -8.05 -40.88
N ILE D 368 -15.60 -8.98 -40.09
CA ILE D 368 -15.00 -8.67 -38.81
C ILE D 368 -13.51 -8.54 -39.03
N ARG D 369 -12.76 -9.63 -38.97
CA ARG D 369 -11.35 -9.64 -39.37
C ARG D 369 -11.19 -10.49 -40.63
N THR D 370 -10.60 -9.85 -41.63
CA THR D 370 -9.95 -10.53 -42.74
C THR D 370 -8.48 -10.73 -42.41
N ILE D 371 -8.01 -11.96 -42.56
CA ILE D 371 -6.62 -12.32 -42.36
C ILE D 371 -6.00 -12.49 -43.74
N LEU D 372 -4.93 -11.74 -43.99
CA LEU D 372 -4.22 -11.88 -45.24
C LEU D 372 -3.06 -12.83 -45.05
N THR D 373 -2.84 -13.72 -46.04
CA THR D 373 -1.77 -14.68 -46.01
C THR D 373 -0.74 -14.31 -47.09
N PHE D 374 0.52 -14.53 -46.78
CA PHE D 374 1.64 -14.22 -47.68
C PHE D 374 2.13 -15.41 -48.51
#